data_6XGC
#
_entry.id   6XGC
#
_cell.length_a   1.00
_cell.length_b   1.00
_cell.length_c   1.00
_cell.angle_alpha   90.00
_cell.angle_beta   90.00
_cell.angle_gamma   90.00
#
_symmetry.space_group_name_H-M   'P 1'
#
loop_
_entity.id
_entity.type
_entity.pdbx_description
1 polymer 'Hemagglutinin HA1 chain'
2 polymer 'Hemagglutinin HA2 chain'
3 polymer '1C4 Fab heavy chain'
4 polymer '1C4 Fab light chain'
5 branched 2-acetamido-2-deoxy-beta-D-glucopyranose-(1-4)-2-acetamido-2-deoxy-beta-D-glucopyranose
6 non-polymer 2-acetamido-2-deoxy-beta-D-glucopyranose
#
loop_
_entity_poly.entity_id
_entity_poly.type
_entity_poly.pdbx_seq_one_letter_code
_entity_poly.pdbx_strand_id
1 'polypeptide(L)'
;DTLCIGYHANNSTDTVDTVLEKNVTVTHSVNLLEDKHNGKLCKLRGVAPLHLGKCNIAGWILGNPECESLSTASSWSYIV
ETSNSDNGTCYPGDFINYEELREQLSSVSSFERFEIFPKTSSWPNHDSNKGVTAACPHAGAKSFYKNLIWLVKKGNSYPK
LNQSYINDKGKEVLVLWGIHHPSTTADQQSLYQNADAYVFVGTSRYSKKFKPEIATRPKVRDQEGRMNYYWTLVEPGDKI
TFEATGNLVVPRYAFTMERNAGSGIIISDTPVHDCNTTCQTPEGAINTSLPFQNIHPITIGKCPKYVKSTKLRLATGLRN
VPSIQSR
;
A,C,E
2 'polypeptide(L)'
;GLFGAIAGFIEGGWTGMVDGWYGYHHQNEQGSGYAADLKSTQNAIDKITNKVNSVIEKMNTQFTAVGKEFNHLEKRIENL
NKKVDDGFLDIWTYNAELLVLLENERTLDYHDSNVKNLYEKVRNQLKNNAKEIGNGCFEFYHKCDNTCMESVKNGTYDYP
KYSEEAKLNREKIDSGRLVPRGSPGSGYIPEAPRDGQAYVRKDGEWVLLSTFLGHHHHHH
;
B,D,F
3 'polypeptide(L)'
;EVQLVESGGGLAKPGGSLRLSCAASGFTFSTYAMHWVRQAPGKGLEWISGINSGGGSTWYTASVKGRFTISRDNSKSTLS
LQMNSLRTEDTAVYYCAKDGGNAIFGLVITNYGLDSWGQGAVVTVSSASTKGPSVFPLAPSSRSTSESTAALGCLVKDYF
PEPVTVSWNSGSLTSGVHTFPAVLQSSGLYSLSSVVTVPSSSLGTQTYVCNVNHKPSNTKVDKRVEIKTCGGGSKPPTHH
HHHH
;
M,H,I
4 'polypeptide(L)'
;QSVLTQPPSASGAPGQSVTISCSGSSSNFGSNHVYWYQQLSGKAPKLLIYNNNRRPSGVPDRFSGSKSGTSASLAISGLQ
SEDEADYYCSVWDSSLNNVLFGGGTRLTVLGQPKAAPSVTLFPPSSEELQANKATLVCLISDFYPGVVKVAWKADGNSVN
TGVETTTPSKQSNNKYAASSYLSLTSDQWKSHKSYSCQVTHEGSTVEKTVAPAECS
;
N,L,J
#
# COMPACT_ATOMS: atom_id res chain seq x y z
N ASP A 1 38.07 13.45 35.32
CA ASP A 1 37.43 12.21 34.88
C ASP A 1 35.97 12.47 34.50
N THR A 2 35.77 12.99 33.29
CA THR A 2 34.45 13.31 32.78
C THR A 2 34.13 12.43 31.59
N LEU A 3 32.96 11.79 31.63
CA LEU A 3 32.49 10.92 30.54
C LEU A 3 31.13 11.42 30.09
N CYS A 4 30.98 11.59 28.78
CA CYS A 4 29.74 12.07 28.19
C CYS A 4 29.32 11.15 27.04
N ILE A 5 28.02 11.09 26.79
CA ILE A 5 27.46 10.30 25.70
C ILE A 5 26.78 11.25 24.73
N GLY A 6 27.20 11.20 23.47
CA GLY A 6 26.64 12.08 22.46
C GLY A 6 26.27 11.35 21.19
N TYR A 7 26.23 12.08 20.07
CA TYR A 7 25.88 11.50 18.78
C TYR A 7 26.58 12.27 17.68
N HIS A 8 26.71 11.63 16.52
CA HIS A 8 27.45 12.19 15.41
C HIS A 8 26.74 13.41 14.83
N ALA A 9 27.53 14.38 14.38
CA ALA A 9 27.00 15.57 13.73
C ALA A 9 28.04 16.08 12.73
N ASN A 10 27.57 16.79 11.71
CA ASN A 10 28.44 17.30 10.66
C ASN A 10 27.79 18.53 10.04
N ASN A 11 28.32 18.97 8.90
CA ASN A 11 27.85 20.15 8.21
C ASN A 11 26.82 19.84 7.13
N SER A 12 26.39 18.58 7.01
CA SER A 12 25.44 18.19 5.98
C SER A 12 24.12 18.95 6.15
N THR A 13 23.56 19.40 5.03
CA THR A 13 22.31 20.14 5.02
C THR A 13 21.19 19.39 4.30
N ASP A 14 21.31 18.08 4.19
CA ASP A 14 20.26 17.29 3.54
C ASP A 14 18.97 17.33 4.35
N THR A 15 17.85 17.44 3.66
CA THR A 15 16.55 17.56 4.28
C THR A 15 15.69 16.34 3.96
N VAL A 16 15.00 15.83 4.98
CA VAL A 16 14.09 14.70 4.83
C VAL A 16 12.73 15.09 5.40
N ASP A 17 11.71 14.35 4.98
CA ASP A 17 10.33 14.61 5.38
C ASP A 17 9.83 13.46 6.24
N THR A 18 9.20 13.80 7.36
CA THR A 18 8.61 12.83 8.27
C THR A 18 7.12 13.10 8.41
N VAL A 19 6.39 12.11 8.93
CA VAL A 19 4.95 12.25 9.12
C VAL A 19 4.60 13.20 10.26
N LEU A 20 5.56 13.53 11.13
CA LEU A 20 5.33 14.43 12.24
C LEU A 20 5.94 15.81 12.05
N GLU A 21 7.01 15.92 11.26
CA GLU A 21 7.63 17.21 10.98
C GLU A 21 8.27 17.16 9.60
N LYS A 22 8.48 18.34 9.03
CA LYS A 22 9.02 18.48 7.69
C LYS A 22 10.28 19.33 7.71
N ASN A 23 11.13 19.12 6.71
CA ASN A 23 12.39 19.86 6.55
C ASN A 23 13.28 19.72 7.79
N VAL A 24 13.41 18.50 8.28
CA VAL A 24 14.28 18.21 9.41
C VAL A 24 15.66 17.82 8.89
N THR A 25 16.69 18.47 9.42
CA THR A 25 18.06 18.24 8.96
C THR A 25 18.60 16.95 9.57
N VAL A 26 19.22 16.12 8.72
CA VAL A 26 19.81 14.86 9.14
C VAL A 26 21.25 14.81 8.64
N THR A 27 22.04 13.94 9.28
CA THR A 27 23.44 13.80 8.91
C THR A 27 23.60 13.24 7.50
N HIS A 28 22.74 12.29 7.12
CA HIS A 28 22.82 11.69 5.80
C HIS A 28 21.46 11.17 5.40
N SER A 29 21.21 11.13 4.09
CA SER A 29 19.96 10.63 3.54
C SER A 29 20.26 9.84 2.28
N VAL A 30 19.36 8.90 1.96
CA VAL A 30 19.49 8.05 0.79
C VAL A 30 18.36 8.39 -0.17
N ASN A 31 18.71 8.71 -1.41
CA ASN A 31 17.72 9.07 -2.42
C ASN A 31 17.17 7.80 -3.07
N LEU A 32 15.84 7.72 -3.17
CA LEU A 32 15.17 6.64 -3.86
C LEU A 32 14.58 7.07 -5.19
N LEU A 33 14.70 8.34 -5.56
CA LEU A 33 14.11 8.87 -6.79
C LEU A 33 15.21 9.24 -7.76
N GLU A 34 15.09 8.79 -9.00
CA GLU A 34 16.07 9.06 -10.04
C GLU A 34 15.56 10.18 -10.94
N ASP A 35 16.27 11.31 -10.95
CA ASP A 35 15.93 12.44 -11.80
C ASP A 35 17.05 12.77 -12.78
N LYS A 36 18.04 11.90 -12.92
CA LYS A 36 19.16 12.10 -13.83
C LYS A 36 19.16 11.00 -14.88
N HIS A 37 19.27 11.39 -16.14
CA HIS A 37 19.31 10.45 -17.25
C HIS A 37 20.50 10.77 -18.15
N ASN A 38 21.04 9.73 -18.78
CA ASN A 38 22.19 9.91 -19.66
C ASN A 38 21.86 10.75 -20.88
N GLY A 39 20.60 10.82 -21.29
CA GLY A 39 20.23 11.60 -22.45
C GLY A 39 20.57 10.98 -23.77
N LYS A 40 20.88 9.67 -23.79
CA LYS A 40 21.22 8.98 -25.02
C LYS A 40 20.52 7.63 -25.05
N LEU A 41 20.12 7.21 -26.26
CA LEU A 41 19.43 5.94 -26.43
C LEU A 41 20.46 4.82 -26.50
N CYS A 42 20.48 3.97 -25.47
CA CYS A 42 21.43 2.88 -25.40
C CYS A 42 20.81 1.62 -26.02
N LYS A 43 21.51 0.49 -25.90
CA LYS A 43 21.04 -0.79 -26.40
C LYS A 43 20.41 -1.59 -25.27
N LEU A 44 19.29 -2.24 -25.57
CA LEU A 44 18.58 -3.07 -24.60
C LEU A 44 18.87 -4.54 -24.90
N ARG A 45 19.17 -5.30 -23.84
CA ARG A 45 19.51 -6.72 -23.95
C ARG A 45 20.74 -6.93 -24.83
N GLY A 46 21.62 -5.93 -24.89
CA GLY A 46 22.80 -6.02 -25.73
C GLY A 46 22.52 -6.04 -27.21
N VAL A 47 21.33 -5.60 -27.63
CA VAL A 47 20.93 -5.60 -29.03
C VAL A 47 20.70 -4.15 -29.45
N ALA A 48 21.25 -3.78 -30.60
CA ALA A 48 21.15 -2.40 -31.07
C ALA A 48 19.73 -2.07 -31.49
N PRO A 49 19.10 -1.06 -30.91
CA PRO A 49 17.77 -0.65 -31.37
C PRO A 49 17.84 0.01 -32.75
N LEU A 50 16.72 -0.06 -33.45
CA LEU A 50 16.62 0.51 -34.79
C LEU A 50 16.17 1.96 -34.71
N HIS A 51 16.85 2.83 -35.45
CA HIS A 51 16.51 4.25 -35.52
C HIS A 51 15.87 4.55 -36.86
N LEU A 52 14.69 5.14 -36.83
CA LEU A 52 13.90 5.45 -38.02
C LEU A 52 13.41 6.89 -37.98
N GLY A 53 14.33 7.81 -37.70
CA GLY A 53 13.95 9.22 -37.57
C GLY A 53 13.39 9.81 -38.85
N LYS A 54 14.01 9.47 -39.98
CA LYS A 54 13.60 10.03 -41.26
C LYS A 54 12.51 9.23 -41.97
N CYS A 55 11.99 8.19 -41.32
CA CYS A 55 11.00 7.32 -41.96
C CYS A 55 9.99 6.87 -40.91
N ASN A 56 9.15 5.92 -41.30
CA ASN A 56 8.10 5.40 -40.43
C ASN A 56 8.06 3.88 -40.57
N ILE A 57 7.47 3.22 -39.56
CA ILE A 57 7.35 1.77 -39.59
C ILE A 57 6.59 1.33 -40.83
N ALA A 58 5.49 2.03 -41.15
CA ALA A 58 4.78 1.75 -42.39
C ALA A 58 5.67 2.01 -43.59
N GLY A 59 6.43 3.11 -43.57
CA GLY A 59 7.34 3.38 -44.67
C GLY A 59 8.54 2.47 -44.69
N TRP A 60 8.95 1.94 -43.54
CA TRP A 60 10.10 1.05 -43.50
C TRP A 60 9.75 -0.34 -44.03
N ILE A 61 8.69 -0.94 -43.48
CA ILE A 61 8.35 -2.31 -43.86
C ILE A 61 7.88 -2.37 -45.31
N LEU A 62 7.18 -1.33 -45.77
CA LEU A 62 6.69 -1.30 -47.14
C LEU A 62 7.76 -0.88 -48.14
N GLY A 63 8.98 -0.62 -47.70
CA GLY A 63 10.05 -0.26 -48.61
C GLY A 63 9.83 1.06 -49.33
N ASN A 64 9.55 2.12 -48.57
CA ASN A 64 9.39 3.43 -49.15
C ASN A 64 10.69 3.86 -49.84
N PRO A 65 10.61 4.50 -51.01
CA PRO A 65 11.84 4.88 -51.72
C PRO A 65 12.73 5.82 -50.92
N GLU A 66 12.16 6.68 -50.08
CA GLU A 66 12.97 7.57 -49.25
C GLU A 66 13.67 6.83 -48.12
N CYS A 67 13.33 5.56 -47.89
CA CYS A 67 13.91 4.77 -46.81
C CYS A 67 14.87 3.70 -47.32
N GLU A 68 15.31 3.82 -48.58
CA GLU A 68 16.24 2.85 -49.15
C GLU A 68 17.58 2.89 -48.43
N SER A 69 18.06 4.09 -48.08
CA SER A 69 19.36 4.22 -47.43
C SER A 69 19.40 3.60 -46.05
N LEU A 70 18.25 3.34 -45.44
CA LEU A 70 18.22 2.72 -44.12
C LEU A 70 18.71 1.28 -44.20
N SER A 71 19.55 0.91 -43.22
CA SER A 71 20.11 -0.43 -43.19
C SER A 71 19.15 -1.40 -42.51
N THR A 72 19.30 -2.68 -42.84
CA THR A 72 18.48 -3.74 -42.29
C THR A 72 19.26 -4.46 -41.19
N ALA A 73 18.67 -4.54 -40.00
CA ALA A 73 19.29 -5.18 -38.85
C ALA A 73 18.70 -6.57 -38.65
N SER A 74 19.55 -7.52 -38.26
CA SER A 74 19.08 -8.88 -38.03
C SER A 74 18.16 -8.96 -36.83
N SER A 75 18.39 -8.16 -35.80
CA SER A 75 17.58 -8.20 -34.61
C SER A 75 17.63 -6.84 -33.92
N TRP A 76 16.54 -6.49 -33.23
CA TRP A 76 16.46 -5.26 -32.47
C TRP A 76 15.55 -5.46 -31.28
N SER A 77 15.72 -4.59 -30.27
CA SER A 77 14.92 -4.68 -29.06
C SER A 77 13.69 -3.78 -29.07
N TYR A 78 13.80 -2.59 -29.66
CA TYR A 78 12.67 -1.66 -29.71
C TYR A 78 12.86 -0.73 -30.90
N ILE A 79 11.76 -0.08 -31.29
CA ILE A 79 11.73 0.80 -32.45
C ILE A 79 11.65 2.24 -31.96
N VAL A 80 12.49 3.10 -32.53
CA VAL A 80 12.56 4.50 -32.18
C VAL A 80 12.26 5.35 -33.41
N GLU A 81 11.30 6.25 -33.29
CA GLU A 81 10.98 7.25 -34.29
C GLU A 81 11.07 8.64 -33.66
N THR A 82 10.82 9.66 -34.47
CA THR A 82 10.87 11.04 -34.00
C THR A 82 9.63 11.77 -34.47
N SER A 83 9.52 13.04 -34.06
CA SER A 83 8.35 13.85 -34.42
C SER A 83 8.26 14.05 -35.93
N ASN A 84 9.40 14.26 -36.60
CA ASN A 84 9.42 14.51 -38.04
C ASN A 84 9.36 13.19 -38.83
N SER A 85 8.38 12.37 -38.46
CA SER A 85 8.13 11.10 -39.15
C SER A 85 7.06 11.28 -40.22
N ASP A 86 7.33 12.18 -41.16
CA ASP A 86 6.38 12.50 -42.22
C ASP A 86 6.43 11.49 -43.36
N ASN A 87 7.44 10.63 -43.42
CA ASN A 87 7.61 9.69 -44.52
C ASN A 87 7.08 8.32 -44.09
N GLY A 88 5.77 8.16 -44.24
CA GLY A 88 5.13 6.87 -44.00
C GLY A 88 4.71 6.20 -45.28
N THR A 89 3.41 6.15 -45.53
CA THR A 89 2.87 5.61 -46.78
C THR A 89 2.76 6.75 -47.77
N CYS A 90 3.64 6.77 -48.77
CA CYS A 90 3.64 7.86 -49.74
C CYS A 90 2.36 7.88 -50.55
N TYR A 91 1.90 6.71 -50.98
CA TYR A 91 0.62 6.64 -51.69
C TYR A 91 -0.52 6.71 -50.67
N PRO A 92 -1.50 7.59 -50.86
CA PRO A 92 -2.57 7.73 -49.87
C PRO A 92 -3.40 6.45 -49.76
N GLY A 93 -3.86 6.16 -48.54
CA GLY A 93 -4.66 4.99 -48.32
C GLY A 93 -4.83 4.75 -46.82
N ASP A 94 -5.51 3.63 -46.52
CA ASP A 94 -5.77 3.22 -45.16
C ASP A 94 -5.06 1.91 -44.89
N PHE A 95 -4.27 1.87 -43.82
CA PHE A 95 -3.54 0.67 -43.42
C PHE A 95 -4.39 -0.07 -42.41
N ILE A 96 -5.10 -1.10 -42.86
CA ILE A 96 -5.98 -1.86 -41.98
C ILE A 96 -5.15 -2.68 -41.01
N ASN A 97 -5.51 -2.63 -39.73
CA ASN A 97 -4.78 -3.32 -38.66
C ASN A 97 -3.33 -2.85 -38.60
N TYR A 98 -3.13 -1.55 -38.84
CA TYR A 98 -1.78 -0.99 -38.78
C TYR A 98 -1.23 -1.03 -37.36
N GLU A 99 -2.08 -0.77 -36.36
CA GLU A 99 -1.61 -0.73 -34.98
C GLU A 99 -1.10 -2.10 -34.52
N GLU A 100 -1.80 -3.17 -34.90
CA GLU A 100 -1.37 -4.50 -34.50
C GLU A 100 -0.03 -4.86 -35.13
N LEU A 101 0.15 -4.55 -36.42
CA LEU A 101 1.43 -4.80 -37.07
C LEU A 101 2.54 -3.97 -36.43
N ARG A 102 2.23 -2.72 -36.06
CA ARG A 102 3.20 -1.88 -35.39
C ARG A 102 3.61 -2.48 -34.05
N GLU A 103 2.65 -3.05 -33.32
CA GLU A 103 2.95 -3.65 -32.03
C GLU A 103 3.78 -4.92 -32.19
N GLN A 104 3.46 -5.75 -33.18
CA GLN A 104 4.16 -7.02 -33.34
C GLN A 104 5.61 -6.86 -33.78
N LEU A 105 5.97 -5.72 -34.36
CA LEU A 105 7.32 -5.51 -34.89
C LEU A 105 8.25 -4.85 -33.89
N SER A 106 7.82 -4.66 -32.64
CA SER A 106 8.64 -3.94 -31.68
C SER A 106 9.93 -4.68 -31.37
N SER A 107 9.85 -6.01 -31.21
CA SER A 107 11.03 -6.81 -30.87
C SER A 107 10.97 -8.11 -31.65
N VAL A 108 11.99 -8.35 -32.47
CA VAL A 108 12.12 -9.57 -33.26
C VAL A 108 13.44 -10.23 -32.92
N SER A 109 13.39 -11.52 -32.56
CA SER A 109 14.60 -12.24 -32.22
C SER A 109 15.51 -12.41 -33.44
N SER A 110 14.92 -12.76 -34.59
CA SER A 110 15.69 -12.95 -35.83
C SER A 110 14.84 -12.46 -36.99
N PHE A 111 15.28 -11.37 -37.63
CA PHE A 111 14.54 -10.73 -38.70
C PHE A 111 15.37 -10.78 -39.97
N GLU A 112 14.81 -11.35 -41.03
CA GLU A 112 15.52 -11.46 -42.30
C GLU A 112 14.59 -11.16 -43.45
N ARG A 113 15.01 -10.25 -44.33
CA ARG A 113 14.24 -9.95 -45.53
C ARG A 113 14.46 -11.05 -46.58
N PHE A 114 13.36 -11.64 -47.06
CA PHE A 114 13.42 -12.78 -47.95
C PHE A 114 12.67 -12.47 -49.23
N GLU A 115 13.20 -12.94 -50.36
CA GLU A 115 12.58 -12.74 -51.66
C GLU A 115 11.59 -13.88 -51.88
N ILE A 116 10.34 -13.65 -51.46
CA ILE A 116 9.31 -14.67 -51.60
C ILE A 116 8.98 -14.92 -53.07
N PHE A 117 8.81 -13.84 -53.83
CA PHE A 117 8.46 -13.94 -55.25
C PHE A 117 9.53 -13.30 -56.10
N PRO A 118 10.24 -14.06 -56.94
CA PRO A 118 11.18 -13.44 -57.87
C PRO A 118 10.46 -12.48 -58.82
N LYS A 119 11.12 -11.36 -59.10
CA LYS A 119 10.49 -10.31 -59.90
C LYS A 119 10.46 -10.66 -61.38
N THR A 120 11.51 -11.32 -61.88
CA THR A 120 11.67 -11.54 -63.31
C THR A 120 11.15 -12.90 -63.78
N SER A 121 10.58 -13.70 -62.89
CA SER A 121 10.11 -15.03 -63.27
C SER A 121 8.71 -15.38 -62.79
N SER A 122 8.21 -14.74 -61.73
CA SER A 122 6.91 -15.13 -61.18
C SER A 122 5.74 -14.63 -62.02
N TRP A 123 5.90 -13.52 -62.72
CA TRP A 123 4.80 -12.89 -63.46
C TRP A 123 5.20 -12.70 -64.91
N PRO A 124 5.06 -13.74 -65.74
CA PRO A 124 5.42 -13.61 -67.15
C PRO A 124 4.36 -12.85 -67.94
N ASN A 125 3.09 -13.00 -67.58
CA ASN A 125 1.99 -12.35 -68.28
C ASN A 125 1.58 -11.03 -67.64
N HIS A 126 2.25 -10.61 -66.57
CA HIS A 126 1.93 -9.36 -65.89
C HIS A 126 3.14 -8.43 -65.98
N ASP A 127 2.91 -7.21 -66.45
CA ASP A 127 3.98 -6.24 -66.60
C ASP A 127 4.36 -5.67 -65.24
N SER A 128 5.67 -5.64 -64.97
CA SER A 128 6.19 -5.09 -63.73
C SER A 128 7.06 -3.85 -63.93
N ASN A 129 7.47 -3.55 -65.16
CA ASN A 129 8.30 -2.37 -65.40
C ASN A 129 7.54 -1.09 -65.09
N LYS A 130 6.27 -1.02 -65.49
CA LYS A 130 5.45 0.17 -65.23
C LYS A 130 4.91 0.10 -63.81
N GLY A 131 3.94 0.98 -63.50
CA GLY A 131 3.35 1.04 -62.19
C GLY A 131 3.85 2.15 -61.30
N VAL A 132 4.89 2.87 -61.73
CA VAL A 132 5.37 3.99 -60.93
C VAL A 132 4.37 5.14 -60.97
N THR A 133 4.37 5.93 -59.90
CA THR A 133 3.45 7.05 -59.77
C THR A 133 4.21 8.27 -59.25
N ALA A 134 3.68 9.45 -59.55
CA ALA A 134 4.26 10.69 -59.07
C ALA A 134 4.02 10.91 -57.58
N ALA A 135 3.09 10.16 -56.98
CA ALA A 135 2.84 10.30 -55.55
C ALA A 135 4.00 9.79 -54.71
N CYS A 136 4.89 8.99 -55.28
CA CYS A 136 6.06 8.45 -54.58
C CYS A 136 7.30 8.71 -55.42
N PRO A 137 7.71 9.97 -55.52
CA PRO A 137 8.87 10.30 -56.36
C PRO A 137 10.18 9.93 -55.70
N HIS A 138 11.16 9.61 -56.54
CA HIS A 138 12.52 9.34 -56.09
C HIS A 138 13.49 10.02 -57.05
N ALA A 139 14.26 10.97 -56.53
CA ALA A 139 15.20 11.76 -57.35
C ALA A 139 14.48 12.45 -58.51
N GLY A 140 13.28 12.94 -58.24
CA GLY A 140 12.46 13.64 -59.23
C GLY A 140 11.60 12.74 -60.09
N ALA A 141 12.15 11.64 -60.59
CA ALA A 141 11.40 10.74 -61.45
C ALA A 141 10.36 9.97 -60.64
N LYS A 142 9.29 9.57 -61.32
CA LYS A 142 8.24 8.78 -60.68
C LYS A 142 8.78 7.41 -60.28
N SER A 143 8.37 6.95 -59.09
CA SER A 143 8.84 5.67 -58.57
C SER A 143 7.71 5.01 -57.80
N PHE A 144 8.04 3.91 -57.13
CA PHE A 144 7.07 3.15 -56.36
C PHE A 144 7.81 2.41 -55.25
N TYR A 145 7.07 1.62 -54.49
CA TYR A 145 7.66 0.84 -53.41
C TYR A 145 8.57 -0.26 -53.98
N LYS A 146 9.49 -0.73 -53.14
CA LYS A 146 10.39 -1.80 -53.51
C LYS A 146 9.95 -3.17 -52.98
N ASN A 147 9.22 -3.19 -51.86
CA ASN A 147 8.72 -4.44 -51.30
C ASN A 147 7.46 -4.93 -51.97
N LEU A 148 6.80 -4.09 -52.78
CA LEU A 148 5.56 -4.44 -53.44
C LEU A 148 5.65 -4.05 -54.91
N ILE A 149 4.88 -4.74 -55.74
CA ILE A 149 4.83 -4.48 -57.18
C ILE A 149 3.38 -4.22 -57.57
N TRP A 150 3.13 -3.07 -58.19
CA TRP A 150 1.80 -2.71 -58.66
C TRP A 150 1.62 -3.27 -60.07
N LEU A 151 0.97 -4.42 -60.16
CA LEU A 151 0.79 -5.08 -61.44
C LEU A 151 -0.20 -4.31 -62.31
N VAL A 152 0.09 -4.26 -63.62
CA VAL A 152 -0.76 -3.62 -64.60
C VAL A 152 -0.96 -4.57 -65.76
N LYS A 153 -1.97 -4.28 -66.58
CA LYS A 153 -2.27 -5.13 -67.72
C LYS A 153 -1.13 -5.11 -68.72
N LYS A 154 -0.92 -6.25 -69.36
CA LYS A 154 0.15 -6.42 -70.35
C LYS A 154 -0.50 -6.49 -71.73
N GLY A 155 -0.63 -5.34 -72.38
CA GLY A 155 -1.23 -5.29 -73.70
C GLY A 155 -2.72 -5.58 -73.68
N ASN A 156 -3.49 -4.69 -73.04
CA ASN A 156 -4.94 -4.78 -72.89
C ASN A 156 -5.41 -6.20 -72.59
N SER A 157 -4.67 -6.91 -71.72
CA SER A 157 -5.04 -8.26 -71.33
C SER A 157 -4.48 -8.53 -69.93
N TYR A 158 -5.35 -8.96 -69.03
CA TYR A 158 -4.99 -9.25 -67.65
C TYR A 158 -5.43 -10.66 -67.31
N PRO A 159 -4.56 -11.65 -67.48
CA PRO A 159 -4.93 -13.03 -67.12
C PRO A 159 -5.17 -13.18 -65.64
N LYS A 160 -5.97 -14.20 -65.29
CA LYS A 160 -6.33 -14.47 -63.91
C LYS A 160 -5.07 -14.88 -63.14
N LEU A 161 -4.55 -13.97 -62.32
CA LEU A 161 -3.36 -14.26 -61.55
C LEU A 161 -3.68 -15.18 -60.39
N ASN A 162 -2.88 -16.23 -60.22
CA ASN A 162 -3.05 -17.19 -59.13
C ASN A 162 -1.68 -17.68 -58.72
N GLN A 163 -1.29 -17.38 -57.48
CA GLN A 163 0.04 -17.73 -56.98
C GLN A 163 -0.10 -18.35 -55.59
N SER A 164 0.87 -19.21 -55.27
CA SER A 164 0.89 -19.87 -53.97
C SER A 164 2.32 -19.91 -53.45
N TYR A 165 2.45 -19.99 -52.13
CA TYR A 165 3.75 -20.04 -51.48
C TYR A 165 3.68 -20.96 -50.27
N ILE A 166 4.77 -21.70 -50.03
CA ILE A 166 4.88 -22.64 -48.93
C ILE A 166 5.92 -22.12 -47.96
N ASN A 167 5.57 -22.09 -46.68
CA ASN A 167 6.50 -21.63 -45.63
C ASN A 167 7.29 -22.83 -45.15
N ASP A 168 8.39 -23.12 -45.85
CA ASP A 168 9.27 -24.21 -45.46
C ASP A 168 10.25 -23.84 -44.37
N LYS A 169 10.39 -22.55 -44.05
CA LYS A 169 11.32 -22.12 -43.02
C LYS A 169 10.78 -22.45 -41.64
N GLY A 170 11.67 -22.41 -40.65
CA GLY A 170 11.33 -22.75 -39.29
C GLY A 170 10.81 -21.60 -38.43
N LYS A 171 10.63 -20.42 -39.02
CA LYS A 171 10.15 -19.26 -38.28
C LYS A 171 8.92 -18.69 -38.96
N GLU A 172 8.29 -17.71 -38.31
CA GLU A 172 7.09 -17.11 -38.87
C GLU A 172 7.44 -16.24 -40.06
N VAL A 173 6.48 -16.09 -40.99
CA VAL A 173 6.70 -15.28 -42.19
C VAL A 173 5.63 -14.19 -42.21
N LEU A 174 6.07 -12.94 -42.28
CA LEU A 174 5.18 -11.79 -42.42
C LEU A 174 5.12 -11.41 -43.89
N VAL A 175 3.90 -11.31 -44.42
CA VAL A 175 3.66 -10.98 -45.83
C VAL A 175 2.66 -9.85 -45.89
N LEU A 176 2.97 -8.84 -46.70
CA LEU A 176 2.09 -7.69 -46.85
C LEU A 176 1.71 -7.48 -48.30
N TRP A 177 0.42 -7.27 -48.55
CA TRP A 177 -0.08 -7.01 -49.90
C TRP A 177 -0.96 -5.78 -49.86
N GLY A 178 -1.45 -5.38 -51.03
CA GLY A 178 -2.26 -4.18 -51.14
C GLY A 178 -3.33 -4.33 -52.20
N ILE A 179 -4.42 -3.60 -52.00
CA ILE A 179 -5.53 -3.55 -52.94
C ILE A 179 -5.73 -2.09 -53.37
N HIS A 180 -5.77 -1.86 -54.67
CA HIS A 180 -5.85 -0.51 -55.22
C HIS A 180 -7.29 -0.19 -55.59
N HIS A 181 -7.81 0.91 -55.04
CA HIS A 181 -9.13 1.40 -55.39
C HIS A 181 -8.99 2.58 -56.32
N PRO A 182 -9.28 2.45 -57.61
CA PRO A 182 -9.14 3.57 -58.53
C PRO A 182 -10.16 4.66 -58.26
N SER A 183 -9.81 5.88 -58.69
CA SER A 183 -10.69 7.03 -58.48
C SER A 183 -11.92 6.96 -59.39
N THR A 184 -11.79 6.39 -60.59
CA THR A 184 -12.88 6.37 -61.55
C THR A 184 -12.87 5.05 -62.30
N THR A 185 -14.00 4.74 -62.92
CA THR A 185 -14.13 3.49 -63.68
C THR A 185 -13.20 3.49 -64.89
N ALA A 186 -12.99 4.65 -65.50
CA ALA A 186 -12.08 4.73 -66.64
C ALA A 186 -10.66 4.34 -66.24
N ASP A 187 -10.21 4.80 -65.07
CA ASP A 187 -8.89 4.41 -64.58
C ASP A 187 -8.81 2.91 -64.33
N GLN A 188 -9.87 2.33 -63.76
CA GLN A 188 -9.90 0.89 -63.53
C GLN A 188 -9.79 0.13 -64.84
N GLN A 189 -10.53 0.55 -65.87
CA GLN A 189 -10.47 -0.12 -67.16
C GLN A 189 -9.10 0.05 -67.81
N SER A 190 -8.51 1.24 -67.69
CA SER A 190 -7.21 1.48 -68.31
C SER A 190 -6.06 0.80 -67.56
N LEU A 191 -6.26 0.45 -66.30
CA LEU A 191 -5.21 -0.21 -65.53
C LEU A 191 -5.35 -1.72 -65.45
N TYR A 192 -6.56 -2.26 -65.55
CA TYR A 192 -6.77 -3.69 -65.39
C TYR A 192 -7.65 -4.34 -66.45
N GLN A 193 -8.30 -3.56 -67.33
CA GLN A 193 -9.07 -4.08 -68.44
C GLN A 193 -10.21 -5.00 -67.98
N ASN A 194 -10.75 -4.73 -66.80
CA ASN A 194 -11.84 -5.54 -66.25
C ASN A 194 -12.71 -4.63 -65.40
N ALA A 195 -13.98 -4.46 -65.82
CA ALA A 195 -14.89 -3.60 -65.10
C ALA A 195 -15.16 -4.14 -63.70
N ASP A 196 -15.36 -5.45 -63.57
CA ASP A 196 -15.64 -6.10 -62.29
C ASP A 196 -14.46 -6.99 -61.95
N ALA A 197 -13.89 -6.78 -60.77
CA ALA A 197 -12.73 -7.54 -60.31
C ALA A 197 -12.96 -8.01 -58.88
N TYR A 198 -12.14 -8.96 -58.46
CA TYR A 198 -12.18 -9.47 -57.09
C TYR A 198 -10.80 -10.01 -56.73
N VAL A 199 -10.48 -9.97 -55.45
CA VAL A 199 -9.22 -10.47 -54.93
C VAL A 199 -9.52 -11.45 -53.80
N PHE A 200 -8.74 -12.52 -53.72
CA PHE A 200 -8.88 -13.50 -52.64
C PHE A 200 -7.51 -13.80 -52.05
N VAL A 201 -7.44 -13.82 -50.72
CA VAL A 201 -6.23 -14.17 -49.99
C VAL A 201 -6.58 -15.30 -49.03
N GLY A 202 -5.78 -16.37 -49.05
CA GLY A 202 -6.07 -17.52 -48.22
C GLY A 202 -4.88 -18.22 -47.61
N THR A 203 -4.90 -18.35 -46.28
CA THR A 203 -3.96 -19.17 -45.53
C THR A 203 -4.76 -20.08 -44.61
N SER A 204 -4.05 -21.00 -43.94
CA SER A 204 -4.71 -22.01 -43.13
C SER A 204 -5.56 -21.40 -42.02
N ARG A 205 -5.28 -20.15 -41.62
CA ARG A 205 -6.04 -19.47 -40.58
C ARG A 205 -6.67 -18.18 -41.08
N TYR A 206 -6.76 -17.99 -42.39
CA TYR A 206 -7.25 -16.72 -42.91
C TYR A 206 -7.89 -16.93 -44.27
N SER A 207 -9.00 -16.23 -44.52
CA SER A 207 -9.67 -16.33 -45.81
C SER A 207 -10.45 -15.04 -46.02
N LYS A 208 -9.99 -14.19 -46.94
CA LYS A 208 -10.63 -12.91 -47.16
C LYS A 208 -10.80 -12.64 -48.65
N LYS A 209 -11.91 -11.98 -48.99
CA LYS A 209 -12.20 -11.55 -50.34
C LYS A 209 -12.37 -10.04 -50.35
N PHE A 210 -11.64 -9.37 -51.24
CA PHE A 210 -11.68 -7.92 -51.39
C PHE A 210 -12.33 -7.55 -52.71
N LYS A 211 -13.13 -6.48 -52.68
CA LYS A 211 -13.78 -5.93 -53.85
C LYS A 211 -13.36 -4.48 -54.05
N PRO A 212 -13.16 -4.05 -55.30
CA PRO A 212 -12.78 -2.67 -55.54
C PRO A 212 -13.89 -1.70 -55.19
N GLU A 213 -13.49 -0.50 -54.77
CA GLU A 213 -14.42 0.58 -54.41
C GLU A 213 -14.11 1.76 -55.31
N ILE A 214 -14.78 1.82 -56.46
CA ILE A 214 -14.56 2.88 -57.44
C ILE A 214 -15.31 4.12 -56.99
N ALA A 215 -14.58 5.13 -56.52
CA ALA A 215 -15.20 6.37 -56.06
C ALA A 215 -14.16 7.48 -56.12
N THR A 216 -14.65 8.72 -56.15
CA THR A 216 -13.79 9.90 -56.26
C THR A 216 -13.53 10.44 -54.85
N ARG A 217 -12.41 10.02 -54.27
CA ARG A 217 -12.01 10.52 -52.97
C ARG A 217 -11.52 11.96 -53.09
N PRO A 218 -11.55 12.72 -52.00
CA PRO A 218 -10.96 14.07 -52.03
C PRO A 218 -9.48 14.02 -52.36
N LYS A 219 -9.02 15.01 -53.12
CA LYS A 219 -7.66 15.03 -53.64
C LYS A 219 -6.68 15.21 -52.48
N VAL A 220 -5.92 14.17 -52.18
CA VAL A 220 -4.90 14.19 -51.13
C VAL A 220 -3.57 13.81 -51.75
N ARG A 221 -2.56 14.66 -51.57
CA ARG A 221 -1.22 14.45 -52.14
C ARG A 221 -1.30 14.22 -53.65
N ASP A 222 -2.12 15.05 -54.31
CA ASP A 222 -2.28 15.01 -55.77
C ASP A 222 -2.75 13.64 -56.26
N GLN A 223 -3.58 12.96 -55.46
CA GLN A 223 -4.11 11.66 -55.82
C GLN A 223 -5.56 11.56 -55.39
N GLU A 224 -6.38 10.94 -56.23
CA GLU A 224 -7.79 10.74 -55.93
C GLU A 224 -8.15 9.28 -55.64
N GLY A 225 -7.26 8.34 -55.95
CA GLY A 225 -7.49 6.95 -55.64
C GLY A 225 -7.07 6.61 -54.22
N ARG A 226 -7.15 5.32 -53.90
CA ARG A 226 -6.77 4.84 -52.58
C ARG A 226 -6.06 3.50 -52.72
N MET A 227 -5.38 3.09 -51.65
CA MET A 227 -4.71 1.80 -51.62
C MET A 227 -4.72 1.27 -50.20
N ASN A 228 -5.38 0.14 -49.99
CA ASN A 228 -5.49 -0.47 -48.67
C ASN A 228 -4.40 -1.53 -48.51
N TYR A 229 -3.66 -1.44 -47.42
CA TYR A 229 -2.55 -2.35 -47.15
C TYR A 229 -2.97 -3.37 -46.11
N TYR A 230 -2.68 -4.64 -46.37
CA TYR A 230 -3.01 -5.73 -45.46
C TYR A 230 -1.76 -6.55 -45.17
N TRP A 231 -1.71 -7.12 -43.98
CA TRP A 231 -0.58 -7.92 -43.54
C TRP A 231 -1.08 -9.23 -42.95
N THR A 232 -0.27 -10.28 -43.08
CA THR A 232 -0.61 -11.58 -42.54
C THR A 232 0.64 -12.29 -42.07
N LEU A 233 0.43 -13.23 -41.14
CA LEU A 233 1.48 -14.08 -40.59
C LEU A 233 1.22 -15.52 -40.99
N VAL A 234 2.26 -16.20 -41.46
CA VAL A 234 2.20 -17.59 -41.87
C VAL A 234 3.13 -18.39 -40.98
N GLU A 235 2.59 -19.40 -40.31
CA GLU A 235 3.37 -20.31 -39.49
C GLU A 235 4.00 -21.38 -40.35
N PRO A 236 5.10 -22.00 -39.88
CA PRO A 236 5.76 -23.03 -40.69
C PRO A 236 4.82 -24.20 -40.99
N GLY A 237 4.96 -24.73 -42.20
CA GLY A 237 4.11 -25.83 -42.65
C GLY A 237 2.80 -25.41 -43.29
N ASP A 238 2.52 -24.12 -43.38
CA ASP A 238 1.27 -23.63 -43.95
C ASP A 238 1.47 -23.24 -45.41
N LYS A 239 0.40 -22.73 -46.01
CA LYS A 239 0.41 -22.30 -47.40
C LYS A 239 -0.35 -20.99 -47.52
N ILE A 240 0.18 -20.06 -48.31
CA ILE A 240 -0.45 -18.76 -48.53
C ILE A 240 -0.72 -18.61 -50.02
N THR A 241 -1.97 -18.32 -50.37
CA THR A 241 -2.39 -18.26 -51.77
C THR A 241 -3.04 -16.92 -52.06
N PHE A 242 -2.69 -16.36 -53.21
CA PHE A 242 -3.31 -15.13 -53.73
C PHE A 242 -3.98 -15.45 -55.05
N GLU A 243 -5.19 -14.92 -55.24
CA GLU A 243 -5.89 -15.00 -56.51
C GLU A 243 -6.48 -13.63 -56.83
N ALA A 244 -6.39 -13.22 -58.08
CA ALA A 244 -6.89 -11.89 -58.44
C ALA A 244 -7.14 -11.81 -59.93
N THR A 245 -8.10 -10.97 -60.30
CA THR A 245 -8.31 -10.56 -61.68
C THR A 245 -7.92 -9.10 -61.90
N GLY A 246 -7.30 -8.48 -60.91
CA GLY A 246 -6.90 -7.09 -61.02
C GLY A 246 -6.97 -6.41 -59.67
N ASN A 247 -6.53 -5.16 -59.65
CA ASN A 247 -6.54 -4.33 -58.44
C ASN A 247 -5.77 -4.98 -57.31
N LEU A 248 -4.64 -5.61 -57.63
CA LEU A 248 -3.81 -6.28 -56.64
C LEU A 248 -2.41 -5.70 -56.66
N VAL A 249 -1.91 -5.34 -55.49
CA VAL A 249 -0.52 -4.92 -55.31
C VAL A 249 0.22 -6.14 -54.76
N VAL A 250 0.94 -6.84 -55.62
CA VAL A 250 1.50 -8.14 -55.28
C VAL A 250 2.71 -7.96 -54.37
N PRO A 251 2.87 -8.82 -53.36
CA PRO A 251 4.09 -8.77 -52.56
C PRO A 251 5.31 -9.16 -53.37
N ARG A 252 6.45 -8.62 -52.99
CA ARG A 252 7.73 -8.95 -53.60
C ARG A 252 8.74 -9.51 -52.61
N TYR A 253 8.73 -9.02 -51.37
CA TYR A 253 9.62 -9.51 -50.33
C TYR A 253 8.82 -9.72 -49.05
N ALA A 254 8.99 -10.90 -48.45
CA ALA A 254 8.42 -11.20 -47.15
C ALA A 254 9.50 -11.06 -46.08
N PHE A 255 9.11 -11.29 -44.82
CA PHE A 255 10.04 -11.12 -43.71
C PHE A 255 9.97 -12.31 -42.78
N THR A 256 11.09 -13.02 -42.63
CA THR A 256 11.19 -14.13 -41.69
C THR A 256 11.48 -13.56 -40.31
N MET A 257 10.62 -13.90 -39.33
CA MET A 257 10.72 -13.34 -38.00
C MET A 257 10.45 -14.42 -36.96
N GLU A 258 10.94 -14.17 -35.75
CA GLU A 258 10.66 -14.97 -34.57
C GLU A 258 10.32 -13.99 -33.46
N ARG A 259 9.02 -13.88 -33.14
CA ARG A 259 8.56 -12.85 -32.23
C ARG A 259 9.12 -13.06 -30.82
N ASN A 260 9.52 -11.95 -30.20
CA ASN A 260 10.06 -11.97 -28.85
C ASN A 260 8.93 -11.75 -27.85
N ALA A 261 9.28 -11.48 -26.59
CA ALA A 261 8.26 -11.28 -25.55
C ALA A 261 7.42 -10.04 -25.84
N GLY A 262 7.97 -9.05 -26.52
CA GLY A 262 7.22 -7.86 -26.86
C GLY A 262 7.77 -6.64 -26.15
N SER A 263 7.75 -5.50 -26.85
CA SER A 263 8.23 -4.25 -26.30
C SER A 263 7.37 -3.12 -26.84
N GLY A 264 7.83 -1.89 -26.66
CA GLY A 264 7.09 -0.73 -27.13
C GLY A 264 7.81 0.06 -28.20
N ILE A 265 7.26 1.22 -28.56
CA ILE A 265 7.84 2.11 -29.56
C ILE A 265 8.07 3.47 -28.90
N ILE A 266 9.28 3.99 -29.06
CA ILE A 266 9.67 5.26 -28.46
C ILE A 266 9.74 6.32 -29.54
N ILE A 267 9.01 7.42 -29.35
CA ILE A 267 8.98 8.53 -30.30
C ILE A 267 9.73 9.69 -29.66
N SER A 268 10.95 9.93 -30.12
CA SER A 268 11.77 11.02 -29.58
C SER A 268 12.87 11.35 -30.57
N ASP A 269 13.46 12.53 -30.39
CA ASP A 269 14.54 13.01 -31.24
C ASP A 269 15.92 12.79 -30.61
N THR A 270 16.00 12.00 -29.56
CA THR A 270 17.26 11.76 -28.88
C THR A 270 18.21 10.99 -29.79
N PRO A 271 19.46 11.44 -29.94
CA PRO A 271 20.41 10.69 -30.78
C PRO A 271 20.77 9.34 -30.16
N VAL A 272 21.16 8.42 -31.04
CA VAL A 272 21.49 7.05 -30.63
C VAL A 272 22.98 6.95 -30.37
N HIS A 273 23.34 6.40 -29.22
CA HIS A 273 24.73 6.19 -28.83
C HIS A 273 25.00 4.69 -28.72
N ASP A 274 26.20 4.35 -28.25
CA ASP A 274 26.62 2.96 -28.09
C ASP A 274 26.80 2.70 -26.60
N CYS A 275 25.78 2.11 -25.98
CA CYS A 275 25.82 1.76 -24.57
C CYS A 275 24.77 0.70 -24.30
N ASN A 276 24.91 0.02 -23.16
CA ASN A 276 24.01 -1.04 -22.75
C ASN A 276 23.40 -0.68 -21.40
N THR A 277 22.06 -0.73 -21.33
CA THR A 277 21.33 -0.41 -20.11
C THR A 277 20.07 -1.26 -20.03
N THR A 278 19.48 -1.31 -18.84
CA THR A 278 18.29 -2.10 -18.59
C THR A 278 17.00 -1.34 -18.83
N CYS A 279 16.99 -0.02 -18.64
CA CYS A 279 15.80 0.80 -18.82
C CYS A 279 16.09 1.89 -19.85
N GLN A 280 15.14 2.13 -20.75
CA GLN A 280 15.30 3.10 -21.84
C GLN A 280 14.10 4.03 -21.84
N THR A 281 14.19 5.11 -21.06
CA THR A 281 13.21 6.19 -21.11
C THR A 281 13.43 7.04 -22.36
N PRO A 282 12.36 7.49 -23.02
CA PRO A 282 12.55 8.29 -24.24
C PRO A 282 13.42 9.52 -24.06
N GLU A 283 13.33 10.20 -22.91
CA GLU A 283 14.21 11.34 -22.66
C GLU A 283 15.67 10.91 -22.59
N GLY A 284 15.95 9.78 -21.96
CA GLY A 284 17.31 9.28 -21.88
C GLY A 284 17.33 7.97 -21.13
N ALA A 285 18.43 7.24 -21.31
CA ALA A 285 18.59 5.94 -20.67
C ALA A 285 18.74 6.11 -19.17
N ILE A 286 18.20 5.15 -18.41
CA ILE A 286 18.26 5.16 -16.96
C ILE A 286 18.95 3.87 -16.53
N ASN A 287 20.15 3.99 -15.98
CA ASN A 287 20.89 2.84 -15.45
C ASN A 287 21.01 3.03 -13.94
N THR A 288 20.19 2.30 -13.19
CA THR A 288 20.17 2.40 -11.73
C THR A 288 19.47 1.18 -11.17
N SER A 289 19.28 1.17 -9.84
CA SER A 289 18.56 0.09 -9.17
C SER A 289 17.50 0.62 -8.22
N LEU A 290 17.28 1.94 -8.19
CA LEU A 290 16.26 2.50 -7.32
C LEU A 290 14.87 2.12 -7.79
N PRO A 291 13.93 1.93 -6.87
CA PRO A 291 12.59 1.46 -7.26
C PRO A 291 11.66 2.52 -7.84
N PHE A 292 12.01 3.80 -7.72
CA PHE A 292 11.12 4.88 -8.16
C PHE A 292 11.85 5.81 -9.11
N GLN A 293 11.12 6.30 -10.11
CA GLN A 293 11.64 7.28 -11.06
C GLN A 293 10.52 8.22 -11.45
N ASN A 294 10.86 9.49 -11.67
CA ASN A 294 9.89 10.52 -12.01
C ASN A 294 10.26 11.25 -13.30
N ILE A 295 10.96 10.57 -14.21
CA ILE A 295 11.39 11.21 -15.44
C ILE A 295 10.28 11.20 -16.48
N HIS A 296 9.70 10.03 -16.76
CA HIS A 296 8.65 9.94 -17.75
C HIS A 296 7.82 8.69 -17.49
N PRO A 297 6.49 8.77 -17.53
CA PRO A 297 5.68 7.57 -17.28
C PRO A 297 5.88 6.47 -18.32
N ILE A 298 6.16 6.82 -19.57
CA ILE A 298 6.33 5.82 -20.62
C ILE A 298 7.75 5.25 -20.53
N THR A 299 7.85 3.95 -20.25
CA THR A 299 9.13 3.30 -20.07
C THR A 299 9.12 1.95 -20.77
N ILE A 300 10.30 1.49 -21.15
CA ILE A 300 10.49 0.19 -21.80
C ILE A 300 11.58 -0.56 -21.08
N GLY A 301 11.30 -1.80 -20.70
CA GLY A 301 12.24 -2.65 -20.00
C GLY A 301 11.90 -2.74 -18.51
N LYS A 302 12.83 -3.36 -17.78
CA LYS A 302 12.66 -3.52 -16.34
C LYS A 302 12.94 -2.20 -15.64
N CYS A 303 12.09 -1.20 -15.88
CA CYS A 303 12.21 0.17 -15.37
C CYS A 303 11.56 0.30 -14.00
N PRO A 304 12.01 1.27 -13.20
CA PRO A 304 11.34 1.53 -11.92
C PRO A 304 9.96 2.12 -12.13
N LYS A 305 9.12 1.97 -11.11
CA LYS A 305 7.76 2.49 -11.17
C LYS A 305 7.77 4.02 -11.21
N TYR A 306 6.81 4.57 -11.96
CA TYR A 306 6.73 6.01 -12.14
C TYR A 306 5.96 6.65 -10.99
N VAL A 307 6.53 7.72 -10.43
CA VAL A 307 5.95 8.41 -9.28
C VAL A 307 5.82 9.88 -9.61
N LYS A 308 4.69 10.47 -9.26
CA LYS A 308 4.43 11.88 -9.52
C LYS A 308 5.16 12.80 -8.53
N SER A 309 5.69 12.25 -7.44
CA SER A 309 6.38 13.07 -6.45
C SER A 309 7.74 13.52 -7.00
N THR A 310 8.33 14.50 -6.30
CA THR A 310 9.60 15.07 -6.72
C THR A 310 10.69 14.96 -5.67
N LYS A 311 10.40 14.41 -4.49
CA LYS A 311 11.40 14.30 -3.43
C LYS A 311 11.05 13.10 -2.57
N LEU A 312 11.85 12.03 -2.69
CA LEU A 312 11.69 10.83 -1.89
C LEU A 312 13.06 10.48 -1.30
N ARG A 313 13.26 10.82 -0.02
CA ARG A 313 14.52 10.61 0.65
C ARG A 313 14.28 9.82 1.93
N LEU A 314 15.07 8.76 2.13
CA LEU A 314 15.03 7.99 3.36
C LEU A 314 16.08 8.52 4.32
N ALA A 315 15.66 8.85 5.54
CA ALA A 315 16.58 9.33 6.57
C ALA A 315 17.25 8.14 7.24
N THR A 316 18.54 7.97 6.97
CA THR A 316 19.30 6.89 7.58
C THR A 316 20.20 7.34 8.72
N GLY A 317 20.69 8.58 8.67
CA GLY A 317 21.55 9.10 9.71
C GLY A 317 20.77 9.69 10.88
N LEU A 318 21.51 10.25 11.82
CA LEU A 318 20.93 10.87 13.00
C LEU A 318 20.31 12.22 12.63
N ARG A 319 19.51 12.74 13.56
CA ARG A 319 18.91 14.07 13.40
C ARG A 319 19.99 15.12 13.63
N ASN A 320 20.44 15.75 12.55
CA ASN A 320 21.54 16.70 12.65
C ASN A 320 21.07 18.01 13.27
N VAL A 321 21.74 18.42 14.34
CA VAL A 321 21.42 19.68 15.02
C VAL A 321 22.72 20.43 15.30
N PRO A 322 22.75 21.75 15.18
CA PRO A 322 23.96 22.50 15.52
C PRO A 322 24.19 22.52 17.02
N SER A 323 25.45 22.69 17.39
CA SER A 323 25.84 22.75 18.80
C SER A 323 26.97 23.74 19.02
N ILE B 10 22.71 15.06 26.45
CA ILE B 10 22.44 14.65 25.07
C ILE B 10 21.56 15.70 24.39
N GLU B 11 21.94 16.97 24.56
CA GLU B 11 21.17 18.08 23.99
C GLU B 11 21.73 18.49 22.62
N GLY B 12 22.99 18.87 22.57
CA GLY B 12 23.64 19.26 21.33
C GLY B 12 24.44 18.13 20.72
N GLY B 13 24.63 18.20 19.40
CA GLY B 13 25.40 17.21 18.71
C GLY B 13 26.90 17.40 18.86
N TRP B 14 27.65 16.43 18.37
CA TRP B 14 29.11 16.44 18.42
C TRP B 14 29.68 16.43 17.02
N THR B 15 30.54 17.39 16.71
CA THR B 15 31.22 17.44 15.43
C THR B 15 32.60 16.80 15.47
N GLY B 16 33.10 16.42 16.65
CA GLY B 16 34.39 15.81 16.80
C GLY B 16 34.43 14.31 16.65
N MET B 17 33.30 13.68 16.38
CA MET B 17 33.21 12.22 16.21
C MET B 17 32.72 11.94 14.80
N VAL B 18 33.60 11.41 13.96
CA VAL B 18 33.28 11.08 12.58
C VAL B 18 33.54 9.60 12.27
N ASP B 19 33.66 8.78 13.31
CA ASP B 19 33.90 7.35 13.14
C ASP B 19 32.76 6.50 13.67
N GLY B 20 31.60 7.09 13.95
CA GLY B 20 30.48 6.34 14.46
C GLY B 20 29.30 7.22 14.84
N TRP B 21 28.08 6.73 14.59
CA TRP B 21 26.89 7.49 14.94
C TRP B 21 26.79 7.68 16.44
N TYR B 22 27.09 6.64 17.22
CA TYR B 22 27.02 6.69 18.67
C TYR B 22 28.41 6.45 19.25
N GLY B 23 28.71 7.17 20.33
CA GLY B 23 30.03 7.04 20.95
C GLY B 23 30.08 7.88 22.21
N TYR B 24 31.27 7.88 22.82
CA TYR B 24 31.52 8.55 24.07
C TYR B 24 32.64 9.56 23.91
N HIS B 25 32.75 10.47 24.89
CA HIS B 25 33.85 11.42 24.96
C HIS B 25 34.51 11.27 26.32
N HIS B 26 35.81 11.03 26.32
CA HIS B 26 36.56 10.85 27.56
C HIS B 26 37.57 11.98 27.72
N GLN B 27 37.88 12.28 28.97
CA GLN B 27 38.85 13.32 29.29
C GLN B 27 39.37 13.07 30.70
N ASN B 28 40.66 12.78 30.82
CA ASN B 28 41.29 12.54 32.11
C ASN B 28 42.72 13.05 32.05
N GLU B 29 43.49 12.76 33.10
CA GLU B 29 44.87 13.25 33.18
C GLU B 29 45.73 12.72 32.05
N GLN B 30 45.31 11.64 31.38
CA GLN B 30 46.07 11.06 30.29
C GLN B 30 45.67 11.61 28.92
N GLY B 31 44.74 12.57 28.86
CA GLY B 31 44.39 13.18 27.61
C GLY B 31 42.90 13.36 27.48
N SER B 32 42.43 13.42 26.24
CA SER B 32 41.02 13.58 25.96
C SER B 32 40.75 13.18 24.52
N GLY B 33 39.48 12.91 24.22
CA GLY B 33 39.09 12.60 22.87
C GLY B 33 37.70 12.00 22.81
N TYR B 34 37.33 11.61 21.59
CA TYR B 34 36.07 10.95 21.30
C TYR B 34 36.34 9.55 20.78
N ALA B 35 35.47 8.61 21.14
CA ALA B 35 35.63 7.22 20.72
C ALA B 35 34.26 6.62 20.45
N ALA B 36 34.05 6.16 19.22
CA ALA B 36 32.79 5.53 18.87
C ALA B 36 32.72 4.12 19.44
N ASP B 37 31.52 3.72 19.88
CA ASP B 37 31.30 2.38 20.39
C ASP B 37 31.18 1.42 19.21
N LEU B 38 32.06 0.41 19.17
CA LEU B 38 32.14 -0.46 18.01
C LEU B 38 30.88 -1.31 17.85
N LYS B 39 30.43 -1.96 18.91
CA LYS B 39 29.33 -2.93 18.80
C LYS B 39 28.03 -2.25 18.42
N SER B 40 27.65 -1.19 19.14
CA SER B 40 26.38 -0.52 18.86
C SER B 40 26.37 0.11 17.48
N THR B 41 27.47 0.79 17.12
CA THR B 41 27.54 1.40 15.80
C THR B 41 27.48 0.36 14.69
N GLN B 42 28.19 -0.76 14.87
CA GLN B 42 28.17 -1.82 13.86
C GLN B 42 26.77 -2.40 13.72
N ASN B 43 26.08 -2.65 14.84
CA ASN B 43 24.72 -3.19 14.77
C ASN B 43 23.78 -2.22 14.08
N ALA B 44 23.88 -0.93 14.43
CA ALA B 44 23.03 0.08 13.79
C ALA B 44 23.29 0.16 12.29
N ILE B 45 24.57 0.14 11.90
CA ILE B 45 24.92 0.20 10.48
C ILE B 45 24.37 -1.02 9.75
N ASP B 46 24.53 -2.21 10.33
CA ASP B 46 24.01 -3.42 9.69
C ASP B 46 22.50 -3.37 9.54
N LYS B 47 21.79 -2.91 10.59
CA LYS B 47 20.34 -2.87 10.51
C LYS B 47 19.87 -1.84 9.49
N ILE B 48 20.50 -0.67 9.44
CA ILE B 48 20.12 0.34 8.46
C ILE B 48 20.40 -0.15 7.04
N THR B 49 21.56 -0.79 6.84
CA THR B 49 21.87 -1.33 5.52
C THR B 49 20.87 -2.39 5.10
N ASN B 50 20.49 -3.26 6.04
CA ASN B 50 19.49 -4.28 5.73
C ASN B 50 18.14 -3.66 5.40
N LYS B 51 17.76 -2.60 6.13
CA LYS B 51 16.51 -1.91 5.82
C LYS B 51 16.54 -1.33 4.41
N VAL B 52 17.64 -0.67 4.05
CA VAL B 52 17.74 -0.07 2.73
C VAL B 52 17.70 -1.15 1.65
N ASN B 53 18.43 -2.24 1.87
CA ASN B 53 18.46 -3.32 0.89
C ASN B 53 17.09 -3.97 0.74
N SER B 54 16.36 -4.12 1.85
CA SER B 54 15.02 -4.70 1.78
C SER B 54 14.07 -3.77 1.04
N VAL B 55 14.17 -2.46 1.28
CA VAL B 55 13.29 -1.53 0.59
C VAL B 55 13.57 -1.53 -0.91
N ILE B 56 14.86 -1.52 -1.29
CA ILE B 56 15.21 -1.46 -2.71
C ILE B 56 14.89 -2.78 -3.41
N GLU B 57 15.20 -3.90 -2.77
CA GLU B 57 15.17 -5.18 -3.45
C GLU B 57 13.74 -5.69 -3.68
N LYS B 58 12.84 -5.41 -2.75
CA LYS B 58 11.49 -5.98 -2.82
C LYS B 58 10.69 -5.47 -4.01
N MET B 59 11.16 -4.44 -4.71
CA MET B 59 10.47 -3.97 -5.89
C MET B 59 10.72 -4.93 -7.05
N ASN B 60 9.84 -5.91 -7.22
CA ASN B 60 9.98 -6.88 -8.29
C ASN B 60 9.71 -6.20 -9.63
N THR B 61 10.60 -6.41 -10.59
CA THR B 61 10.51 -5.79 -11.90
C THR B 61 10.44 -6.85 -12.98
N GLN B 62 9.63 -6.58 -14.01
CA GLN B 62 9.47 -7.49 -15.14
C GLN B 62 9.62 -6.70 -16.42
N PHE B 63 10.03 -7.39 -17.48
CA PHE B 63 10.21 -6.76 -18.80
C PHE B 63 8.84 -6.39 -19.34
N THR B 64 8.48 -5.11 -19.26
CA THR B 64 7.19 -4.62 -19.70
C THR B 64 7.38 -3.47 -20.67
N ALA B 65 6.28 -3.08 -21.31
CA ALA B 65 6.26 -1.98 -22.27
C ALA B 65 5.07 -1.09 -21.93
N VAL B 66 5.30 -0.10 -21.07
CA VAL B 66 4.24 0.81 -20.66
C VAL B 66 3.97 1.80 -21.78
N GLY B 67 2.70 1.93 -22.16
CA GLY B 67 2.33 2.82 -23.23
C GLY B 67 1.95 2.10 -24.50
N LYS B 68 0.67 2.13 -24.85
CA LYS B 68 0.15 1.46 -26.03
C LYS B 68 -0.52 2.49 -26.93
N GLU B 69 -0.18 2.46 -28.22
CA GLU B 69 -0.81 3.34 -29.19
C GLU B 69 -2.14 2.76 -29.65
N PHE B 70 -3.09 3.64 -29.92
CA PHE B 70 -4.42 3.22 -30.35
C PHE B 70 -4.92 4.15 -31.46
N ASN B 71 -5.85 3.63 -32.25
CA ASN B 71 -6.45 4.40 -33.34
C ASN B 71 -7.47 5.39 -32.78
N HIS B 72 -7.91 6.30 -33.65
CA HIS B 72 -8.90 7.29 -33.23
C HIS B 72 -10.23 6.65 -32.86
N LEU B 73 -10.63 5.61 -33.61
CA LEU B 73 -11.89 4.94 -33.32
C LEU B 73 -11.84 4.25 -31.95
N GLU B 74 -10.70 3.65 -31.61
CA GLU B 74 -10.58 2.93 -30.36
C GLU B 74 -10.25 3.87 -29.21
N LYS B 75 -11.08 4.90 -29.02
CA LYS B 75 -10.82 5.86 -27.95
C LYS B 75 -11.20 5.29 -26.60
N ARG B 76 -12.16 4.37 -26.55
CA ARG B 76 -12.55 3.76 -25.28
C ARG B 76 -11.39 2.99 -24.65
N ILE B 77 -10.66 2.22 -25.47
CA ILE B 77 -9.53 1.47 -24.95
C ILE B 77 -8.42 2.42 -24.50
N GLU B 78 -8.23 3.52 -25.24
CA GLU B 78 -7.24 4.51 -24.82
C GLU B 78 -7.61 5.14 -23.48
N ASN B 79 -8.89 5.44 -23.29
CA ASN B 79 -9.34 5.98 -22.01
C ASN B 79 -9.16 4.96 -20.89
N LEU B 80 -9.43 3.69 -21.17
CA LEU B 80 -9.21 2.65 -20.17
C LEU B 80 -7.74 2.55 -19.80
N ASN B 81 -6.85 2.61 -20.79
CA ASN B 81 -5.42 2.57 -20.52
C ASN B 81 -4.98 3.78 -19.70
N LYS B 82 -5.50 4.95 -20.03
CA LYS B 82 -5.17 6.15 -19.26
C LYS B 82 -5.66 6.02 -17.82
N LYS B 83 -6.86 5.48 -17.62
CA LYS B 83 -7.38 5.30 -16.27
C LYS B 83 -6.51 4.32 -15.49
N VAL B 84 -6.11 3.22 -16.13
CA VAL B 84 -5.24 2.25 -15.45
C VAL B 84 -3.91 2.88 -15.08
N ASP B 85 -3.32 3.65 -16.00
CA ASP B 85 -2.04 4.29 -15.71
C ASP B 85 -2.18 5.30 -14.58
N ASP B 86 -3.25 6.09 -14.58
CA ASP B 86 -3.46 7.08 -13.52
C ASP B 86 -3.67 6.39 -12.17
N GLY B 87 -4.43 5.30 -12.16
CA GLY B 87 -4.63 4.56 -10.92
C GLY B 87 -3.32 4.00 -10.38
N PHE B 88 -2.51 3.39 -11.26
CA PHE B 88 -1.22 2.88 -10.83
C PHE B 88 -0.33 4.00 -10.30
N LEU B 89 -0.32 5.15 -10.99
CA LEU B 89 0.49 6.27 -10.57
C LEU B 89 0.07 6.76 -9.19
N ASP B 90 -1.24 6.92 -8.97
CA ASP B 90 -1.73 7.39 -7.69
C ASP B 90 -1.41 6.40 -6.58
N ILE B 91 -1.62 5.11 -6.83
CA ILE B 91 -1.33 4.10 -5.81
C ILE B 91 0.15 4.12 -5.45
N TRP B 92 1.02 4.14 -6.48
CA TRP B 92 2.45 4.15 -6.23
C TRP B 92 2.89 5.40 -5.47
N THR B 93 2.38 6.56 -5.87
CA THR B 93 2.77 7.80 -5.19
C THR B 93 2.35 7.79 -3.73
N TYR B 94 1.09 7.41 -3.47
CA TYR B 94 0.59 7.40 -2.10
C TYR B 94 1.37 6.40 -1.25
N ASN B 95 1.58 5.18 -1.77
CA ASN B 95 2.29 4.16 -1.02
C ASN B 95 3.73 4.57 -0.76
N ALA B 96 4.41 5.14 -1.76
CA ALA B 96 5.79 5.55 -1.57
C ALA B 96 5.91 6.67 -0.56
N GLU B 97 5.01 7.67 -0.62
CA GLU B 97 5.06 8.76 0.35
C GLU B 97 4.84 8.23 1.77
N LEU B 98 3.82 7.39 1.95
CA LEU B 98 3.55 6.86 3.28
C LEU B 98 4.72 6.02 3.78
N LEU B 99 5.30 5.19 2.91
CA LEU B 99 6.42 4.36 3.30
C LEU B 99 7.61 5.20 3.70
N VAL B 100 7.91 6.25 2.93
CA VAL B 100 9.06 7.10 3.25
C VAL B 100 8.85 7.80 4.60
N LEU B 101 7.65 8.33 4.82
CA LEU B 101 7.38 9.02 6.09
C LEU B 101 7.50 8.05 7.26
N LEU B 102 6.89 6.88 7.14
CA LEU B 102 6.93 5.91 8.24
C LEU B 102 8.35 5.45 8.51
N GLU B 103 9.13 5.17 7.45
CA GLU B 103 10.50 4.71 7.64
C GLU B 103 11.36 5.78 8.28
N ASN B 104 11.20 7.04 7.86
CA ASN B 104 11.98 8.10 8.48
C ASN B 104 11.63 8.25 9.96
N GLU B 105 10.33 8.22 10.29
CA GLU B 105 9.93 8.33 11.69
C GLU B 105 10.49 7.18 12.51
N ARG B 106 10.39 5.95 11.99
CA ARG B 106 10.89 4.79 12.70
C ARG B 106 12.40 4.84 12.87
N THR B 107 13.12 5.32 11.86
CA THR B 107 14.58 5.42 11.97
C THR B 107 14.98 6.44 13.03
N LEU B 108 14.31 7.60 13.06
CA LEU B 108 14.61 8.59 14.08
C LEU B 108 14.31 8.05 15.48
N ASP B 109 13.17 7.38 15.62
CA ASP B 109 12.81 6.80 16.92
C ASP B 109 13.83 5.73 17.33
N TYR B 110 14.28 4.93 16.36
CA TYR B 110 15.27 3.88 16.65
C TYR B 110 16.60 4.47 17.08
N HIS B 111 17.03 5.56 16.44
CA HIS B 111 18.26 6.22 16.87
C HIS B 111 18.13 6.78 18.28
N ASP B 112 17.00 7.43 18.58
CA ASP B 112 16.79 7.94 19.93
C ASP B 112 16.77 6.79 20.95
N SER B 113 16.13 5.68 20.59
CA SER B 113 16.09 4.53 21.48
C SER B 113 17.49 3.94 21.70
N ASN B 114 18.32 3.93 20.66
CA ASN B 114 19.68 3.44 20.82
C ASN B 114 20.47 4.33 21.77
N VAL B 115 20.34 5.65 21.63
CA VAL B 115 21.03 6.56 22.53
C VAL B 115 20.56 6.35 23.97
N LYS B 116 19.25 6.23 24.16
CA LYS B 116 18.70 6.02 25.49
C LYS B 116 19.18 4.69 26.07
N ASN B 117 19.24 3.64 25.25
CA ASN B 117 19.69 2.34 25.70
C ASN B 117 21.15 2.38 26.11
N LEU B 118 22.00 3.09 25.35
CA LEU B 118 23.40 3.22 25.75
C LEU B 118 23.53 3.96 27.08
N TYR B 119 22.76 5.04 27.24
CA TYR B 119 22.80 5.78 28.50
C TYR B 119 22.36 4.91 29.67
N GLU B 120 21.26 4.16 29.47
CA GLU B 120 20.77 3.27 30.52
C GLU B 120 21.77 2.17 30.83
N LYS B 121 22.43 1.64 29.81
CA LYS B 121 23.44 0.62 30.04
C LYS B 121 24.59 1.15 30.88
N VAL B 122 25.07 2.36 30.57
CA VAL B 122 26.14 2.95 31.37
C VAL B 122 25.69 3.16 32.81
N ARG B 123 24.50 3.73 32.98
CA ARG B 123 24.01 4.00 34.33
C ARG B 123 23.82 2.72 35.13
N ASN B 124 23.31 1.67 34.47
CA ASN B 124 23.16 0.37 35.13
C ASN B 124 24.51 -0.23 35.48
N GLN B 125 25.51 -0.04 34.62
CA GLN B 125 26.83 -0.56 34.92
C GLN B 125 27.46 0.13 36.13
N LEU B 126 27.26 1.44 36.29
CA LEU B 126 27.88 2.15 37.41
C LEU B 126 26.94 2.22 38.61
N LYS B 127 25.83 2.93 38.46
CA LYS B 127 24.72 3.01 39.42
C LYS B 127 25.05 3.77 40.70
N ASN B 128 26.34 3.97 41.00
CA ASN B 128 26.70 4.81 42.13
C ASN B 128 27.97 5.61 41.86
N ASN B 129 28.74 5.18 40.86
CA ASN B 129 30.10 5.66 40.70
C ASN B 129 30.19 7.01 40.00
N ALA B 130 29.16 7.41 39.27
CA ALA B 130 29.18 8.63 38.47
C ALA B 130 28.02 9.51 38.86
N LYS B 131 28.32 10.74 39.29
CA LYS B 131 27.29 11.75 39.46
C LYS B 131 26.75 12.18 38.10
N GLU B 132 25.44 12.32 38.02
CA GLU B 132 24.77 12.70 36.79
C GLU B 132 24.56 14.21 36.76
N ILE B 133 24.97 14.83 35.66
CA ILE B 133 24.79 16.27 35.51
C ILE B 133 23.44 16.63 34.92
N GLY B 134 22.79 15.71 34.21
CA GLY B 134 21.52 15.97 33.58
C GLY B 134 21.59 16.21 32.09
N ASN B 135 22.79 16.46 31.55
CA ASN B 135 22.98 16.66 30.12
C ASN B 135 23.57 15.43 29.43
N GLY B 136 23.47 14.26 30.08
CA GLY B 136 24.02 13.04 29.53
C GLY B 136 25.44 12.73 29.94
N CYS B 137 26.10 13.64 30.64
CA CYS B 137 27.48 13.44 31.07
C CYS B 137 27.52 12.75 32.43
N PHE B 138 28.69 12.19 32.74
CA PHE B 138 28.94 11.51 34.00
C PHE B 138 30.21 12.07 34.62
N GLU B 139 30.19 12.26 35.95
CA GLU B 139 31.36 12.71 36.69
C GLU B 139 31.78 11.61 37.65
N PHE B 140 32.93 11.01 37.38
CA PHE B 140 33.40 9.89 38.20
C PHE B 140 33.91 10.39 39.55
N TYR B 141 33.36 9.83 40.64
CA TYR B 141 33.85 10.18 41.97
C TYR B 141 35.28 9.68 42.17
N HIS B 142 35.56 8.45 41.75
CA HIS B 142 36.88 7.86 41.90
C HIS B 142 37.76 8.19 40.72
N LYS B 143 39.07 8.12 40.93
CA LYS B 143 40.02 8.39 39.86
C LYS B 143 39.93 7.32 38.78
N CYS B 144 39.86 7.75 37.52
CA CYS B 144 39.69 6.84 36.39
C CYS B 144 40.79 7.12 35.38
N ASP B 145 41.47 6.06 34.94
CA ASP B 145 42.54 6.15 33.96
C ASP B 145 42.03 5.70 32.59
N ASN B 146 42.95 5.57 31.63
CA ASN B 146 42.57 5.09 30.31
C ASN B 146 42.03 3.67 30.38
N THR B 147 42.61 2.81 31.22
CA THR B 147 42.12 1.45 31.35
C THR B 147 40.69 1.42 31.89
N CYS B 148 40.39 2.28 32.86
CA CYS B 148 39.03 2.36 33.39
C CYS B 148 38.04 2.81 32.32
N MET B 149 38.42 3.82 31.53
CA MET B 149 37.54 4.28 30.46
C MET B 149 37.31 3.18 29.42
N GLU B 150 38.37 2.46 29.05
CA GLU B 150 38.22 1.37 28.09
C GLU B 150 37.32 0.27 28.65
N SER B 151 37.47 -0.05 29.93
CA SER B 151 36.62 -1.07 30.55
C SER B 151 35.16 -0.61 30.57
N VAL B 152 34.91 0.66 30.88
CA VAL B 152 33.55 1.18 30.89
C VAL B 152 32.93 1.12 29.49
N LYS B 153 33.69 1.55 28.48
CA LYS B 153 33.17 1.55 27.13
C LYS B 153 32.92 0.13 26.62
N ASN B 154 33.83 -0.80 26.94
CA ASN B 154 33.68 -2.17 26.49
C ASN B 154 32.54 -2.90 27.20
N GLY B 155 32.16 -2.44 28.39
CA GLY B 155 31.10 -3.07 29.16
C GLY B 155 31.56 -4.07 30.19
N THR B 156 32.87 -4.20 30.42
CA THR B 156 33.41 -5.14 31.40
C THR B 156 33.84 -4.44 32.69
N TYR B 157 33.22 -3.32 33.01
CA TYR B 157 33.56 -2.59 34.23
C TYR B 157 33.20 -3.42 35.46
N ASP B 158 34.10 -3.44 36.44
CA ASP B 158 33.92 -4.19 37.67
C ASP B 158 33.45 -3.25 38.77
N TYR B 159 32.23 -3.48 39.27
CA TYR B 159 31.67 -2.62 40.30
C TYR B 159 32.45 -2.66 41.61
N PRO B 160 32.74 -3.82 42.21
CA PRO B 160 33.38 -3.79 43.55
C PRO B 160 34.83 -3.34 43.52
N LYS B 161 35.49 -3.34 42.36
CA LYS B 161 36.88 -2.92 42.30
C LYS B 161 37.03 -1.45 42.68
N TYR B 162 36.11 -0.60 42.20
CA TYR B 162 36.17 0.83 42.48
C TYR B 162 35.00 1.32 43.31
N SER B 163 34.13 0.42 43.79
CA SER B 163 33.00 0.85 44.61
C SER B 163 33.46 1.51 45.90
N GLU B 164 34.47 0.94 46.56
CA GLU B 164 34.96 1.52 47.81
C GLU B 164 35.54 2.91 47.57
N GLU B 165 36.33 3.09 46.52
CA GLU B 165 36.90 4.40 46.22
C GLU B 165 35.81 5.41 45.88
N ALA B 166 34.81 4.99 45.10
CA ALA B 166 33.72 5.88 44.76
C ALA B 166 32.93 6.30 45.99
N LYS B 167 32.66 5.36 46.89
CA LYS B 167 31.96 5.68 48.12
C LYS B 167 32.79 6.65 48.99
N LEU B 168 34.09 6.40 49.09
CA LEU B 168 34.94 7.28 49.89
C LEU B 168 34.97 8.70 49.32
N ASN B 169 35.05 8.82 47.99
CA ASN B 169 35.05 10.14 47.38
C ASN B 169 33.70 10.82 47.51
N ARG B 170 32.60 10.06 47.41
CA ARG B 170 31.28 10.65 47.50
C ARG B 170 30.97 11.12 48.92
N GLU B 171 31.41 10.36 49.93
CA GLU B 171 31.17 10.75 51.31
C GLU B 171 31.99 11.96 51.74
N LYS B 172 32.96 12.40 50.93
CA LYS B 172 33.76 13.57 51.29
C LYS B 172 32.90 14.82 51.38
N ILE B 173 31.97 15.00 50.44
CA ILE B 173 31.09 16.17 50.44
C ILE B 173 29.85 15.88 51.28
N GLU C 1 47.25 12.71 -4.32
CA GLU C 1 48.30 11.96 -3.63
C GLU C 1 48.60 12.57 -2.26
N VAL C 2 48.42 11.77 -1.21
CA VAL C 2 48.70 12.23 0.14
C VAL C 2 50.21 12.33 0.36
N GLN C 3 50.60 13.21 1.28
CA GLN C 3 52.00 13.43 1.60
C GLN C 3 52.21 13.26 3.09
N LEU C 4 53.23 12.49 3.46
CA LEU C 4 53.56 12.23 4.85
C LEU C 4 55.02 12.60 5.09
N VAL C 5 55.26 13.35 6.17
CA VAL C 5 56.61 13.77 6.55
C VAL C 5 56.89 13.23 7.94
N GLU C 6 58.01 12.53 8.09
CA GLU C 6 58.40 11.91 9.35
C GLU C 6 59.72 12.51 9.83
N SER C 7 59.81 12.77 11.12
CA SER C 7 61.02 13.38 11.68
C SER C 7 61.19 12.93 13.12
N GLY C 8 62.38 13.19 13.65
CA GLY C 8 62.68 12.85 15.03
C GLY C 8 63.65 11.70 15.22
N GLY C 9 64.21 11.16 14.15
CA GLY C 9 65.15 10.07 14.29
C GLY C 9 66.52 10.53 14.75
N GLY C 10 67.36 9.56 15.07
CA GLY C 10 68.70 9.84 15.53
C GLY C 10 69.20 8.72 16.43
N LEU C 11 70.26 9.02 17.17
CA LEU C 11 70.90 8.08 18.08
C LEU C 11 70.59 8.47 19.52
N ALA C 12 70.11 7.50 20.29
CA ALA C 12 69.77 7.71 21.70
C ALA C 12 70.37 6.58 22.53
N LYS C 13 70.90 6.95 23.69
CA LYS C 13 71.50 5.96 24.58
C LYS C 13 70.40 5.09 25.20
N PRO C 14 70.76 3.86 25.61
CA PRO C 14 69.76 2.99 26.25
C PRO C 14 69.23 3.61 27.53
N GLY C 15 67.94 3.38 27.78
CA GLY C 15 67.30 3.93 28.95
C GLY C 15 66.87 5.37 28.84
N GLY C 16 67.00 5.98 27.67
CA GLY C 16 66.63 7.36 27.46
C GLY C 16 65.22 7.52 26.92
N SER C 17 64.98 8.66 26.27
CA SER C 17 63.67 8.97 25.72
C SER C 17 63.84 9.56 24.33
N LEU C 18 62.78 9.44 23.53
CA LEU C 18 62.82 9.90 22.15
C LEU C 18 61.42 10.33 21.73
N ARG C 19 61.37 11.20 20.71
CA ARG C 19 60.12 11.72 20.19
C ARG C 19 60.13 11.62 18.67
N LEU C 20 59.03 11.16 18.10
CA LEU C 20 58.85 11.09 16.66
C LEU C 20 57.63 11.91 16.25
N SER C 21 57.78 12.66 15.16
CA SER C 21 56.74 13.56 14.67
C SER C 21 56.33 13.16 13.25
N CYS C 22 55.02 13.13 13.02
CA CYS C 22 54.45 12.77 11.74
C CYS C 22 53.48 13.87 11.31
N ALA C 23 53.69 14.41 10.12
CA ALA C 23 52.83 15.44 9.55
C ALA C 23 52.20 14.90 8.27
N ALA C 24 50.92 15.23 8.08
CA ALA C 24 50.16 14.74 6.95
C ALA C 24 49.56 15.89 6.17
N SER C 25 49.46 15.72 4.85
CA SER C 25 48.85 16.71 3.98
C SER C 25 48.20 16.01 2.81
N GLY C 26 47.24 16.72 2.18
CA GLY C 26 46.50 16.18 1.07
C GLY C 26 45.21 15.47 1.45
N PHE C 27 44.94 15.30 2.73
CA PHE C 27 43.70 14.66 3.18
C PHE C 27 43.35 15.18 4.56
N THR C 28 42.07 15.02 4.92
CA THR C 28 41.60 15.46 6.24
C THR C 28 42.19 14.56 7.30
N PHE C 29 43.07 15.12 8.15
CA PHE C 29 43.76 14.33 9.15
C PHE C 29 42.85 13.90 10.29
N SER C 30 41.71 14.57 10.48
CA SER C 30 40.82 14.28 11.59
C SER C 30 39.80 13.19 11.28
N THR C 31 39.73 12.73 10.03
CA THR C 31 38.75 11.71 9.63
C THR C 31 39.38 10.36 9.35
N TYR C 32 40.69 10.20 9.54
CA TYR C 32 41.37 8.94 9.29
C TYR C 32 42.29 8.61 10.45
N ALA C 33 42.25 7.35 10.88
CA ALA C 33 43.09 6.90 11.98
C ALA C 33 44.54 6.76 11.51
N MET C 34 45.45 6.64 12.47
CA MET C 34 46.88 6.59 12.20
C MET C 34 47.51 5.39 12.88
N HIS C 35 48.62 4.92 12.31
CA HIS C 35 49.37 3.79 12.85
C HIS C 35 50.86 4.04 12.76
N TRP C 36 51.58 3.60 13.78
CA TRP C 36 53.04 3.54 13.78
C TRP C 36 53.45 2.07 13.73
N VAL C 37 54.23 1.71 12.72
CA VAL C 37 54.66 0.34 12.49
C VAL C 37 56.17 0.32 12.32
N ARG C 38 56.85 -0.56 13.06
CA ARG C 38 58.29 -0.66 12.98
C ARG C 38 58.72 -1.86 12.15
N GLN C 39 59.94 -1.77 11.61
CA GLN C 39 60.55 -2.85 10.85
C GLN C 39 62.00 -2.98 11.28
N ALA C 40 62.38 -4.16 11.74
CA ALA C 40 63.77 -4.40 12.12
C ALA C 40 64.66 -4.44 10.89
N PRO C 41 65.93 -4.06 11.03
CA PRO C 41 66.84 -4.10 9.87
C PRO C 41 67.10 -5.55 9.44
N GLY C 42 66.69 -5.87 8.22
CA GLY C 42 66.85 -7.21 7.69
C GLY C 42 65.78 -8.20 8.09
N LYS C 43 64.77 -7.77 8.83
CA LYS C 43 63.69 -8.64 9.28
C LYS C 43 62.36 -8.14 8.70
N GLY C 44 61.27 -8.77 9.14
CA GLY C 44 59.95 -8.43 8.65
C GLY C 44 59.34 -7.25 9.39
N LEU C 45 58.12 -6.92 8.97
CA LEU C 45 57.39 -5.81 9.58
C LEU C 45 56.86 -6.21 10.96
N GLU C 46 56.53 -5.19 11.75
CA GLU C 46 56.00 -5.41 13.10
C GLU C 46 55.15 -4.21 13.48
N TRP C 47 53.83 -4.40 13.52
CA TRP C 47 52.93 -3.33 13.95
C TRP C 47 53.21 -2.97 15.40
N ILE C 48 53.27 -1.67 15.69
CA ILE C 48 53.61 -1.16 17.01
C ILE C 48 52.39 -0.59 17.72
N SER C 49 51.78 0.45 17.14
CA SER C 49 50.70 1.13 17.85
C SER C 49 49.82 1.88 16.87
N GLY C 50 48.70 2.37 17.37
CA GLY C 50 47.79 3.14 16.53
C GLY C 50 46.85 4.00 17.36
N ILE C 51 46.23 4.96 16.68
CA ILE C 51 45.28 5.86 17.31
C ILE C 51 44.12 6.11 16.34
N ASN C 52 42.93 6.28 16.92
CA ASN C 52 41.72 6.44 16.13
C ASN C 52 41.70 7.79 15.42
N SER C 53 40.79 7.91 14.44
CA SER C 53 40.65 9.14 13.69
C SER C 53 40.25 10.30 14.60
N GLY C 54 39.31 10.07 15.50
CA GLY C 54 38.88 11.10 16.42
C GLY C 54 39.61 11.03 17.75
N GLY C 55 40.73 10.31 17.77
CA GLY C 55 41.45 10.12 19.01
C GLY C 55 40.67 9.25 19.97
N GLY C 56 40.93 9.46 21.26
CA GLY C 56 40.17 8.80 22.32
C GLY C 56 40.22 7.29 22.33
N SER C 57 41.00 6.70 21.43
CA SER C 57 41.11 5.24 21.34
C SER C 57 42.53 4.92 20.87
N THR C 58 43.40 4.60 21.82
CA THR C 58 44.79 4.28 21.54
C THR C 58 44.99 2.77 21.69
N TRP C 59 45.57 2.15 20.67
CA TRP C 59 45.80 0.72 20.63
C TRP C 59 47.30 0.44 20.66
N TYR C 60 47.72 -0.38 21.62
CA TYR C 60 49.12 -0.74 21.80
C TYR C 60 49.24 -2.25 21.88
N THR C 61 50.42 -2.75 21.52
CA THR C 61 50.72 -4.17 21.65
C THR C 61 51.30 -4.45 23.03
N ALA C 62 51.42 -5.74 23.34
CA ALA C 62 51.87 -6.15 24.67
C ALA C 62 53.30 -5.73 24.96
N SER C 63 54.12 -5.55 23.92
CA SER C 63 55.52 -5.20 24.11
C SER C 63 55.77 -3.71 24.28
N VAL C 64 54.75 -2.86 24.10
CA VAL C 64 54.91 -1.42 24.19
C VAL C 64 54.01 -0.78 25.24
N LYS C 65 53.15 -1.55 25.88
CA LYS C 65 52.25 -0.99 26.89
C LYS C 65 53.05 -0.41 28.05
N GLY C 66 52.71 0.81 28.45
CA GLY C 66 53.43 1.50 29.51
C GLY C 66 54.73 2.13 29.09
N ARG C 67 55.08 2.07 27.81
CA ARG C 67 56.35 2.58 27.31
C ARG C 67 56.19 3.65 26.24
N PHE C 68 55.22 3.50 25.34
CA PHE C 68 55.01 4.43 24.25
C PHE C 68 53.71 5.20 24.45
N THR C 69 53.73 6.47 24.06
CA THR C 69 52.58 7.35 24.19
C THR C 69 52.29 8.01 22.85
N ILE C 70 51.01 8.11 22.50
CA ILE C 70 50.57 8.68 21.24
C ILE C 70 49.72 9.90 21.52
N SER C 71 50.01 11.01 20.84
CA SER C 71 49.24 12.24 21.00
C SER C 71 49.08 12.90 19.64
N ARG C 72 47.83 13.10 19.21
CA ARG C 72 47.55 13.69 17.92
C ARG C 72 46.85 15.04 18.08
N ASP C 73 47.16 15.97 17.19
CA ASP C 73 46.52 17.29 17.15
C ASP C 73 45.92 17.47 15.76
N ASN C 74 44.59 17.56 15.71
CA ASN C 74 43.91 17.73 14.43
C ASN C 74 44.04 19.15 13.90
N SER C 75 44.14 20.14 14.80
CA SER C 75 44.29 21.52 14.37
C SER C 75 45.59 21.72 13.60
N LYS C 76 46.68 21.14 14.10
CA LYS C 76 47.96 21.19 13.41
C LYS C 76 48.18 19.99 12.48
N SER C 77 47.27 19.02 12.50
CA SER C 77 47.40 17.80 11.70
C SER C 77 48.73 17.10 11.97
N THR C 78 49.09 17.00 13.25
CA THR C 78 50.37 16.44 13.66
C THR C 78 50.14 15.24 14.57
N LEU C 79 51.12 14.34 14.58
CA LEU C 79 51.10 13.16 15.43
C LEU C 79 52.46 13.03 16.12
N SER C 80 52.42 12.80 17.43
CA SER C 80 53.64 12.68 18.23
C SER C 80 53.65 11.33 18.92
N LEU C 81 54.75 10.60 18.77
CA LEU C 81 54.96 9.32 19.43
C LEU C 81 56.16 9.46 20.36
N GLN C 82 55.91 9.33 21.66
CA GLN C 82 56.95 9.46 22.67
C GLN C 82 57.34 8.08 23.18
N MET C 83 58.63 7.78 23.11
CA MET C 83 59.18 6.50 23.54
C MET C 83 60.04 6.72 24.78
N ASN C 84 59.81 5.91 25.81
CA ASN C 84 60.54 5.98 27.06
C ASN C 84 61.12 4.62 27.39
N SER C 85 62.22 4.63 28.17
CA SER C 85 62.93 3.41 28.54
C SER C 85 63.36 2.63 27.31
N LEU C 86 64.18 3.29 26.49
CA LEU C 86 64.62 2.69 25.23
C LEU C 86 65.54 1.50 25.48
N ARG C 87 65.48 0.53 24.57
CA ARG C 87 66.29 -0.68 24.63
C ARG C 87 66.97 -0.90 23.29
N THR C 88 67.93 -1.83 23.28
CA THR C 88 68.65 -2.15 22.05
C THR C 88 67.72 -2.75 21.01
N GLU C 89 66.63 -3.39 21.44
CA GLU C 89 65.68 -3.96 20.51
C GLU C 89 64.89 -2.89 19.76
N ASP C 90 64.87 -1.65 20.26
CA ASP C 90 64.10 -0.59 19.64
C ASP C 90 64.73 -0.09 18.33
N THR C 91 65.98 -0.44 18.06
CA THR C 91 66.64 -0.01 16.83
C THR C 91 65.92 -0.60 15.62
N ALA C 92 65.25 0.24 14.85
CA ALA C 92 64.45 -0.20 13.72
C ALA C 92 64.03 1.03 12.91
N VAL C 93 63.35 0.80 11.80
CA VAL C 93 62.81 1.87 10.97
C VAL C 93 61.32 1.95 11.22
N TYR C 94 60.85 3.11 11.67
CA TYR C 94 59.46 3.34 11.98
C TYR C 94 58.76 4.05 10.83
N TYR C 95 57.49 3.69 10.63
CA TYR C 95 56.67 4.24 9.56
C TYR C 95 55.35 4.72 10.12
N CYS C 96 54.95 5.92 9.70
CA CYS C 96 53.66 6.52 10.06
C CYS C 96 52.72 6.38 8.87
N ALA C 97 51.58 5.73 9.09
CA ALA C 97 50.67 5.44 8.00
C ALA C 97 49.24 5.75 8.40
N LYS C 98 48.40 5.97 7.39
CA LYS C 98 46.98 6.20 7.58
C LYS C 98 46.22 4.88 7.44
N ASP C 99 44.97 4.89 7.90
CA ASP C 99 44.12 3.72 7.87
C ASP C 99 43.12 3.79 6.72
N GLY C 100 42.39 2.69 6.54
CA GLY C 100 41.36 2.61 5.52
C GLY C 100 40.01 3.02 6.09
N GLY C 101 39.24 3.72 5.28
CA GLY C 101 37.93 4.20 5.67
C GLY C 101 36.84 3.67 4.76
N ASN C 102 35.87 2.97 5.33
CA ASN C 102 34.71 2.52 4.60
C ASN C 102 33.64 3.60 4.65
N ALA C 103 33.13 3.97 3.47
CA ALA C 103 32.12 5.02 3.36
C ALA C 103 30.74 4.38 3.48
N ILE C 104 30.12 4.53 4.64
CA ILE C 104 28.81 3.95 4.91
C ILE C 104 27.89 5.11 5.30
N PHE C 105 27.03 5.52 4.36
CA PHE C 105 26.07 6.60 4.58
C PHE C 105 26.77 7.87 5.06
N GLY C 106 27.87 8.22 4.41
CA GLY C 106 28.63 9.39 4.78
C GLY C 106 29.49 9.24 6.02
N LEU C 107 29.53 8.06 6.61
CA LEU C 107 30.32 7.80 7.81
C LEU C 107 31.58 7.03 7.43
N VAL C 108 32.70 7.41 8.04
CA VAL C 108 33.99 6.79 7.77
C VAL C 108 34.23 5.74 8.86
N ILE C 109 34.01 4.48 8.51
CA ILE C 109 34.26 3.37 9.43
C ILE C 109 35.71 2.95 9.31
N THR C 110 36.42 2.93 10.44
CA THR C 110 37.83 2.57 10.44
C THR C 110 37.99 1.08 10.17
N ASN C 111 38.86 0.75 9.21
CA ASN C 111 39.19 -0.63 8.90
C ASN C 111 40.67 -0.85 9.22
N TYR C 112 40.95 -1.92 9.97
CA TYR C 112 42.31 -2.19 10.42
C TYR C 112 43.22 -2.52 9.23
N GLY C 113 44.09 -1.58 8.89
CA GLY C 113 44.97 -1.74 7.75
C GLY C 113 45.59 -0.42 7.38
N LEU C 114 46.56 -0.49 6.46
CA LEU C 114 47.31 0.67 6.03
C LEU C 114 47.18 0.84 4.52
N ASP C 115 46.78 2.03 4.08
CA ASP C 115 46.62 2.33 2.66
C ASP C 115 47.88 2.98 2.09
N SER C 116 48.30 4.11 2.65
CA SER C 116 49.47 4.84 2.19
C SER C 116 50.47 4.94 3.33
N TRP C 117 51.72 4.57 3.05
CA TRP C 117 52.77 4.61 4.04
C TRP C 117 53.53 5.94 3.96
N GLY C 118 54.40 6.15 4.95
CA GLY C 118 55.22 7.35 4.99
C GLY C 118 56.53 7.18 4.25
N GLN C 119 57.64 7.48 4.91
CA GLN C 119 58.96 7.34 4.33
C GLN C 119 59.88 6.45 5.17
N GLY C 120 59.82 6.56 6.49
CA GLY C 120 60.66 5.74 7.35
C GLY C 120 61.71 6.52 8.09
N ALA C 121 61.71 6.42 9.42
CA ALA C 121 62.69 7.08 10.27
C ALA C 121 63.47 6.02 11.04
N VAL C 122 64.80 6.09 10.94
CA VAL C 122 65.66 5.09 11.57
C VAL C 122 65.99 5.52 12.99
N VAL C 123 65.77 4.61 13.94
CA VAL C 123 66.08 4.84 15.34
C VAL C 123 67.08 3.78 15.78
N THR C 124 68.22 4.22 16.29
CA THR C 124 69.29 3.32 16.72
C THR C 124 69.61 3.56 18.19
N VAL C 125 69.86 2.47 18.91
CA VAL C 125 70.17 2.56 20.34
C VAL C 125 71.53 1.91 20.61
N SER D 2 47.75 -15.32 19.13
CA SER D 2 47.78 -15.87 17.78
C SER D 2 49.05 -15.47 17.05
N VAL D 3 49.45 -16.29 16.08
CA VAL D 3 50.66 -16.04 15.29
C VAL D 3 50.32 -16.28 13.82
N LEU D 4 51.14 -15.68 12.96
CA LEU D 4 50.99 -15.81 11.51
C LEU D 4 52.22 -16.51 10.95
N THR D 5 51.99 -17.50 10.08
CA THR D 5 53.05 -18.28 9.47
C THR D 5 53.01 -18.13 7.96
N GLN D 6 54.18 -17.95 7.36
CA GLN D 6 54.33 -17.82 5.91
C GLN D 6 55.49 -18.68 5.45
N PRO D 7 55.49 -19.12 4.20
CA PRO D 7 56.65 -19.83 3.65
C PRO D 7 57.88 -18.93 3.66
N PRO D 8 59.06 -19.50 3.93
CA PRO D 8 60.27 -18.65 4.00
C PRO D 8 60.58 -17.93 2.69
N SER D 9 60.31 -18.57 1.55
CA SER D 9 60.61 -17.97 0.26
C SER D 9 59.78 -18.66 -0.81
N ALA D 10 59.72 -18.01 -1.98
CA ALA D 10 59.01 -18.54 -3.13
C ALA D 10 59.87 -18.36 -4.37
N SER D 11 59.66 -19.24 -5.35
CA SER D 11 60.42 -19.22 -6.59
C SER D 11 59.48 -19.38 -7.78
N GLY D 12 59.92 -18.86 -8.92
CA GLY D 12 59.12 -18.94 -10.14
C GLY D 12 59.82 -18.37 -11.35
N ALA D 13 59.71 -19.07 -12.48
CA ALA D 13 60.32 -18.59 -13.71
C ALA D 13 59.58 -17.36 -14.22
N PRO D 14 60.28 -16.46 -14.93
CA PRO D 14 59.61 -15.28 -15.48
C PRO D 14 58.49 -15.66 -16.45
N GLY D 15 57.42 -14.89 -16.40
CA GLY D 15 56.26 -15.14 -17.24
C GLY D 15 55.28 -16.15 -16.70
N GLN D 16 55.58 -16.80 -15.58
CA GLN D 16 54.70 -17.78 -14.97
C GLN D 16 53.90 -17.12 -13.85
N SER D 17 53.18 -17.94 -13.08
CA SER D 17 52.39 -17.49 -11.96
C SER D 17 52.88 -18.15 -10.68
N VAL D 18 52.83 -17.39 -9.57
CA VAL D 18 53.26 -17.87 -8.27
C VAL D 18 52.14 -17.65 -7.27
N THR D 19 52.15 -18.45 -6.21
CA THR D 19 51.13 -18.42 -5.18
C THR D 19 51.78 -18.30 -3.80
N ILE D 20 51.23 -17.43 -2.96
CA ILE D 20 51.70 -17.23 -1.60
C ILE D 20 50.54 -17.49 -0.65
N SER D 21 50.80 -18.26 0.40
CA SER D 21 49.78 -18.69 1.34
C SER D 21 49.98 -18.01 2.70
N CYS D 22 48.86 -17.64 3.32
CA CYS D 22 48.86 -17.01 4.64
C CYS D 22 47.86 -17.75 5.51
N SER D 23 48.28 -18.09 6.74
CA SER D 23 47.46 -18.86 7.66
C SER D 23 47.50 -18.22 9.04
N GLY D 24 46.46 -18.49 9.82
CA GLY D 24 46.39 -17.96 11.16
C GLY D 24 45.32 -18.66 11.97
N SER D 25 45.05 -18.12 13.16
CA SER D 25 44.04 -18.69 14.04
C SER D 25 42.65 -18.55 13.43
N SER D 26 41.84 -19.59 13.59
CA SER D 26 40.50 -19.59 12.99
C SER D 26 39.57 -18.61 13.69
N SER D 27 39.83 -18.30 14.96
CA SER D 27 38.91 -17.43 15.71
C SER D 27 38.85 -16.03 15.13
N ASN D 28 40.00 -15.47 14.75
CA ASN D 28 40.06 -14.08 14.31
C ASN D 28 40.20 -13.92 12.81
N PHE D 29 40.86 -14.86 12.13
CA PHE D 29 41.09 -14.71 10.69
C PHE D 29 39.77 -14.75 9.92
N GLY D 30 38.87 -15.66 10.28
CA GLY D 30 37.60 -15.77 9.57
C GLY D 30 36.72 -14.55 9.74
N SER D 31 36.63 -14.04 10.96
CA SER D 31 35.73 -12.91 11.23
C SER D 31 36.25 -11.63 10.59
N ASN D 32 37.53 -11.35 10.74
CA ASN D 32 38.12 -10.12 10.22
C ASN D 32 38.58 -10.31 8.79
N HIS D 33 39.23 -9.29 8.23
CA HIS D 33 39.73 -9.31 6.88
C HIS D 33 41.26 -9.43 6.88
N VAL D 34 41.82 -9.56 5.67
CA VAL D 34 43.25 -9.76 5.50
C VAL D 34 43.76 -8.75 4.47
N TYR D 35 45.05 -8.46 4.56
CA TYR D 35 45.69 -7.53 3.63
C TYR D 35 47.04 -8.08 3.19
N TRP D 36 47.37 -7.90 1.92
CA TRP D 36 48.66 -8.26 1.38
C TRP D 36 49.41 -7.02 0.97
N TYR D 37 50.63 -6.86 1.47
CA TYR D 37 51.47 -5.71 1.20
C TYR D 37 52.72 -6.13 0.46
N GLN D 38 53.23 -5.24 -0.39
CA GLN D 38 54.46 -5.46 -1.12
C GLN D 38 55.49 -4.40 -0.73
N GLN D 39 56.70 -4.86 -0.42
CA GLN D 39 57.80 -3.97 -0.06
C GLN D 39 58.99 -4.28 -0.95
N LEU D 40 59.57 -3.22 -1.53
CA LEU D 40 60.75 -3.36 -2.38
C LEU D 40 62.00 -3.41 -1.50
N SER D 41 63.17 -3.37 -2.13
CA SER D 41 64.44 -3.38 -1.41
C SER D 41 64.77 -1.96 -0.98
N GLY D 42 64.67 -1.69 0.32
CA GLY D 42 64.96 -0.36 0.82
C GLY D 42 63.94 0.69 0.47
N LYS D 43 62.72 0.29 0.16
CA LYS D 43 61.66 1.21 -0.23
C LYS D 43 60.46 1.05 0.71
N ALA D 44 59.61 2.06 0.72
CA ALA D 44 58.42 2.05 1.57
C ALA D 44 57.42 1.03 1.05
N PRO D 45 56.88 0.16 1.91
CA PRO D 45 55.89 -0.83 1.45
C PRO D 45 54.64 -0.15 0.92
N LYS D 46 54.00 -0.82 -0.04
CA LYS D 46 52.77 -0.33 -0.64
C LYS D 46 51.70 -1.41 -0.56
N LEU D 47 50.48 -0.99 -0.27
CA LEU D 47 49.36 -1.93 -0.15
C LEU D 47 49.02 -2.54 -1.51
N LEU D 48 48.74 -3.85 -1.52
CA LEU D 48 48.36 -4.55 -2.72
C LEU D 48 46.93 -5.09 -2.67
N ILE D 49 46.58 -5.82 -1.61
CA ILE D 49 45.28 -6.45 -1.51
C ILE D 49 44.45 -5.70 -0.47
N TYR D 50 43.25 -5.27 -0.89
CA TYR D 50 42.34 -4.50 -0.04
C TYR D 50 41.00 -5.22 0.05
N ASN D 51 40.51 -5.41 1.28
CA ASN D 51 39.20 -6.03 1.54
C ASN D 51 39.10 -7.43 0.97
N ASN D 52 40.25 -8.10 0.81
CA ASN D 52 40.36 -9.49 0.42
C ASN D 52 39.97 -9.73 -1.04
N ASN D 53 39.44 -8.71 -1.71
CA ASN D 53 38.97 -8.90 -3.08
C ASN D 53 39.45 -7.78 -4.01
N ARG D 54 39.70 -6.60 -3.46
CA ARG D 54 40.01 -5.42 -4.25
C ARG D 54 41.47 -5.01 -4.05
N ARG D 55 41.90 -4.06 -4.88
CA ARG D 55 43.25 -3.54 -4.87
C ARG D 55 43.20 -2.02 -5.03
N PRO D 56 44.16 -1.31 -4.47
CA PRO D 56 44.18 0.15 -4.62
C PRO D 56 44.55 0.55 -6.04
N SER D 57 44.40 1.84 -6.31
CA SER D 57 44.73 2.38 -7.63
C SER D 57 46.23 2.27 -7.87
N GLY D 58 46.60 2.01 -9.14
CA GLY D 58 47.97 1.82 -9.52
C GLY D 58 48.49 0.40 -9.41
N VAL D 59 47.68 -0.52 -8.89
CA VAL D 59 48.06 -1.92 -8.77
C VAL D 59 47.62 -2.63 -10.05
N PRO D 60 48.52 -3.31 -10.77
CA PRO D 60 48.12 -4.00 -11.99
C PRO D 60 47.13 -5.13 -11.70
N ASP D 61 46.26 -5.40 -12.69
CA ASP D 61 45.22 -6.40 -12.54
C ASP D 61 45.75 -7.82 -12.48
N ARG D 62 47.04 -8.03 -12.78
CA ARG D 62 47.60 -9.38 -12.76
C ARG D 62 47.57 -9.98 -11.36
N PHE D 63 47.71 -9.16 -10.33
CA PHE D 63 47.62 -9.66 -8.96
C PHE D 63 46.19 -10.07 -8.65
N SER D 64 46.05 -11.13 -7.84
CA SER D 64 44.73 -11.57 -7.42
C SER D 64 44.84 -12.10 -5.99
N GLY D 65 43.71 -12.04 -5.28
CA GLY D 65 43.67 -12.50 -3.91
C GLY D 65 42.39 -13.24 -3.62
N SER D 66 42.47 -14.19 -2.69
CA SER D 66 41.30 -14.96 -2.28
C SER D 66 41.48 -15.39 -0.84
N LYS D 67 40.36 -15.72 -0.21
CA LYS D 67 40.35 -16.16 1.19
C LYS D 67 39.36 -17.30 1.32
N SER D 68 39.86 -18.51 1.57
CA SER D 68 39.02 -19.69 1.75
C SER D 68 39.29 -20.28 3.13
N GLY D 69 38.22 -20.48 3.90
CA GLY D 69 38.39 -20.99 5.24
C GLY D 69 39.26 -20.06 6.06
N THR D 70 40.34 -20.58 6.61
CA THR D 70 41.30 -19.80 7.37
C THR D 70 42.58 -19.51 6.59
N SER D 71 42.57 -19.76 5.28
CA SER D 71 43.78 -19.62 4.46
C SER D 71 43.55 -18.56 3.40
N ALA D 72 44.49 -17.63 3.29
CA ALA D 72 44.46 -16.59 2.26
C ALA D 72 45.51 -16.90 1.21
N SER D 73 45.16 -16.69 -0.06
CA SER D 73 46.04 -17.00 -1.18
C SER D 73 46.22 -15.75 -2.04
N LEU D 74 47.47 -15.45 -2.35
CA LEU D 74 47.83 -14.35 -3.25
C LEU D 74 48.45 -14.95 -4.51
N ALA D 75 47.89 -14.61 -5.66
CA ALA D 75 48.34 -15.15 -6.94
C ALA D 75 48.93 -14.02 -7.78
N ILE D 76 50.11 -14.26 -8.34
CA ILE D 76 50.80 -13.29 -9.17
C ILE D 76 51.01 -13.92 -10.55
N SER D 77 50.55 -13.23 -11.59
CA SER D 77 50.70 -13.68 -12.96
C SER D 77 51.50 -12.65 -13.75
N GLY D 78 52.12 -13.11 -14.82
CA GLY D 78 52.98 -12.25 -15.62
C GLY D 78 54.17 -11.75 -14.85
N LEU D 79 54.86 -12.66 -14.16
CA LEU D 79 55.99 -12.30 -13.32
C LEU D 79 57.07 -11.59 -14.14
N GLN D 80 57.58 -10.49 -13.60
CA GLN D 80 58.60 -9.68 -14.25
C GLN D 80 59.77 -9.48 -13.29
N SER D 81 60.83 -8.86 -13.81
CA SER D 81 61.99 -8.57 -12.96
C SER D 81 61.64 -7.58 -11.86
N GLU D 82 60.85 -6.56 -12.18
CA GLU D 82 60.45 -5.58 -11.17
C GLU D 82 59.55 -6.17 -10.10
N ASP D 83 58.86 -7.27 -10.40
CA ASP D 83 57.96 -7.89 -9.43
C ASP D 83 58.69 -8.56 -8.28
N GLU D 84 60.00 -8.76 -8.39
CA GLU D 84 60.77 -9.40 -7.33
C GLU D 84 60.83 -8.48 -6.12
N ALA D 85 60.07 -8.83 -5.08
CA ALA D 85 60.00 -8.02 -3.87
C ALA D 85 59.45 -8.89 -2.74
N ASP D 86 59.47 -8.33 -1.53
CA ASP D 86 58.95 -9.02 -0.37
C ASP D 86 57.45 -8.79 -0.22
N TYR D 87 56.76 -9.80 0.30
CA TYR D 87 55.32 -9.75 0.47
C TYR D 87 54.97 -10.09 1.92
N TYR D 88 54.00 -9.36 2.47
CA TYR D 88 53.61 -9.49 3.87
C TYR D 88 52.11 -9.66 3.98
N CYS D 89 51.70 -10.43 4.99
CA CYS D 89 50.30 -10.70 5.28
C CYS D 89 49.94 -10.03 6.60
N SER D 90 48.84 -9.28 6.61
CA SER D 90 48.42 -8.51 7.77
C SER D 90 46.98 -8.85 8.12
N VAL D 91 46.73 -9.15 9.40
CA VAL D 91 45.40 -9.42 9.92
C VAL D 91 45.20 -8.59 11.18
N TRP D 92 43.97 -8.58 11.68
CA TRP D 92 43.63 -7.91 12.92
C TRP D 92 43.04 -8.91 13.91
N ASP D 93 43.43 -8.79 15.17
CA ASP D 93 42.95 -9.66 16.23
C ASP D 93 42.27 -8.83 17.30
N SER D 94 41.02 -9.19 17.62
CA SER D 94 40.26 -8.49 18.64
C SER D 94 40.48 -9.04 20.03
N SER D 95 40.87 -10.32 20.15
CA SER D 95 41.16 -10.88 21.46
C SER D 95 42.36 -10.17 22.10
N LEU D 96 43.40 -9.90 21.32
CA LEU D 96 44.52 -9.11 21.78
C LEU D 96 44.47 -7.66 21.31
N ASN D 97 43.55 -7.34 20.40
CA ASN D 97 43.39 -5.98 19.86
C ASN D 97 44.71 -5.48 19.26
N ASN D 98 45.22 -6.23 18.29
CA ASN D 98 46.51 -5.91 17.69
C ASN D 98 46.50 -6.26 16.21
N VAL D 99 47.36 -5.59 15.46
CA VAL D 99 47.55 -5.88 14.05
C VAL D 99 48.73 -6.83 13.92
N LEU D 100 48.49 -8.00 13.35
CA LEU D 100 49.49 -9.05 13.24
C LEU D 100 50.04 -9.10 11.81
N PHE D 101 51.36 -9.10 11.70
CA PHE D 101 52.05 -9.21 10.41
C PHE D 101 52.84 -10.50 10.37
N GLY D 102 52.97 -11.05 9.16
CA GLY D 102 53.73 -12.26 8.96
C GLY D 102 55.23 -12.01 8.91
N GLY D 103 55.97 -13.12 8.81
CA GLY D 103 57.41 -13.04 8.73
C GLY D 103 57.96 -12.59 7.38
N GLY D 104 57.11 -12.52 6.37
CA GLY D 104 57.55 -12.08 5.05
C GLY D 104 57.92 -13.24 4.14
N THR D 105 57.70 -13.03 2.85
CA THR D 105 58.01 -14.02 1.83
C THR D 105 58.90 -13.40 0.77
N ARG D 106 59.91 -14.16 0.34
CA ARG D 106 60.84 -13.71 -0.69
C ARG D 106 60.49 -14.40 -2.00
N LEU D 107 60.29 -13.60 -3.05
CA LEU D 107 59.93 -14.10 -4.37
C LEU D 107 61.14 -14.01 -5.30
N THR D 108 61.42 -15.11 -5.99
CA THR D 108 62.54 -15.15 -6.92
C THR D 108 62.33 -16.22 -7.98
N ASP E 1 14.58 -16.91 48.77
CA ASP E 1 13.52 -16.07 48.23
C ASP E 1 14.02 -15.32 46.99
N THR E 2 14.04 -16.00 45.86
CA THR E 2 14.51 -15.43 44.60
C THR E 2 13.36 -15.37 43.62
N LEU E 3 13.16 -14.20 43.02
CA LEU E 3 12.12 -13.98 42.02
C LEU E 3 12.76 -13.43 40.75
N CYS E 4 12.44 -14.05 39.62
CA CYS E 4 12.98 -13.65 38.33
C CYS E 4 11.84 -13.48 37.33
N ILE E 5 12.08 -12.62 36.34
CA ILE E 5 11.12 -12.37 35.27
C ILE E 5 11.75 -12.80 33.95
N GLY E 6 11.09 -13.70 33.24
CA GLY E 6 11.60 -14.21 31.99
C GLY E 6 10.57 -14.21 30.88
N TYR E 7 10.77 -15.08 29.89
CA TYR E 7 9.84 -15.18 28.76
C TYR E 7 9.86 -16.60 28.23
N HIS E 8 8.80 -16.95 27.51
CA HIS E 8 8.63 -18.31 27.02
C HIS E 8 9.66 -18.65 25.95
N ALA E 9 10.08 -19.90 25.94
CA ALA E 9 11.00 -20.42 24.94
C ALA E 9 10.73 -21.90 24.72
N ASN E 10 11.08 -22.39 23.55
CA ASN E 10 10.84 -23.79 23.20
C ASN E 10 11.86 -24.20 22.13
N ASN E 11 11.61 -25.36 21.52
CA ASN E 11 12.50 -25.91 20.51
C ASN E 11 12.10 -25.54 19.09
N SER E 12 11.09 -24.68 18.92
CA SER E 12 10.62 -24.31 17.59
C SER E 12 11.73 -23.63 16.80
N THR E 13 11.84 -23.98 15.52
CA THR E 13 12.85 -23.44 14.63
C THR E 13 12.25 -22.61 13.49
N ASP E 14 11.02 -22.12 13.68
CA ASP E 14 10.38 -21.30 12.65
C ASP E 14 11.14 -19.98 12.48
N THR E 15 11.28 -19.55 11.24
CA THR E 15 12.03 -18.35 10.90
C THR E 15 11.09 -17.30 10.30
N VAL E 16 11.26 -16.05 10.74
CA VAL E 16 10.50 -14.92 10.23
C VAL E 16 11.46 -13.84 9.78
N ASP E 17 10.95 -12.95 8.93
CA ASP E 17 11.75 -11.87 8.36
C ASP E 17 11.25 -10.53 8.88
N THR E 18 12.18 -9.69 9.30
CA THR E 18 11.88 -8.34 9.79
C THR E 18 12.63 -7.32 8.94
N VAL E 19 12.19 -6.07 9.05
CA VAL E 19 12.82 -4.99 8.28
C VAL E 19 14.20 -4.63 8.81
N LEU E 20 14.53 -5.06 10.02
CA LEU E 20 15.84 -4.77 10.60
C LEU E 20 16.77 -5.99 10.63
N GLU E 21 16.24 -7.20 10.66
CA GLU E 21 17.05 -8.40 10.64
C GLU E 21 16.28 -9.52 9.97
N LYS E 22 17.00 -10.52 9.49
CA LYS E 22 16.42 -11.64 8.76
C LYS E 22 16.80 -12.95 9.43
N ASN E 23 15.96 -13.96 9.20
CA ASN E 23 16.16 -15.31 9.75
C ASN E 23 16.28 -15.29 11.27
N VAL E 24 15.38 -14.56 11.91
CA VAL E 24 15.33 -14.50 13.37
C VAL E 24 14.37 -15.58 13.87
N THR E 25 14.84 -16.38 14.83
CA THR E 25 14.05 -17.49 15.34
C THR E 25 13.02 -16.98 16.34
N VAL E 26 11.77 -17.44 16.18
CA VAL E 26 10.68 -17.08 17.07
C VAL E 26 10.00 -18.34 17.58
N THR E 27 9.27 -18.19 18.68
CA THR E 27 8.58 -19.33 19.28
C THR E 27 7.48 -19.86 18.37
N HIS E 28 6.78 -18.97 17.69
CA HIS E 28 5.70 -19.39 16.81
C HIS E 28 5.48 -18.34 15.73
N SER E 29 5.00 -18.78 14.58
CA SER E 29 4.71 -17.89 13.46
C SER E 29 3.42 -18.35 12.78
N VAL E 30 2.76 -17.41 12.12
CA VAL E 30 1.51 -17.68 11.42
C VAL E 30 1.75 -17.48 9.93
N ASN E 31 1.43 -18.50 9.14
CA ASN E 31 1.62 -18.44 7.70
C ASN E 31 0.43 -17.75 7.04
N LEU E 32 0.72 -16.79 6.16
CA LEU E 32 -0.30 -16.12 5.37
C LEU E 32 -0.29 -16.54 3.91
N LEU E 33 0.62 -17.43 3.51
CA LEU E 33 0.76 -17.85 2.12
C LEU E 33 0.37 -19.31 2.00
N GLU E 34 -0.49 -19.60 1.02
CA GLU E 34 -0.95 -20.96 0.78
C GLU E 34 -0.19 -21.56 -0.39
N ASP E 35 0.56 -22.62 -0.13
CA ASP E 35 1.30 -23.33 -1.16
C ASP E 35 0.87 -24.79 -1.29
N LYS E 36 -0.24 -25.16 -0.65
CA LYS E 36 -0.76 -26.52 -0.70
C LYS E 36 -2.14 -26.51 -1.34
N HIS E 37 -2.35 -27.39 -2.31
CA HIS E 37 -3.62 -27.52 -3.00
C HIS E 37 -4.05 -28.97 -3.01
N ASN E 38 -5.37 -29.19 -3.01
CA ASN E 38 -5.91 -30.54 -3.02
C ASN E 38 -5.58 -31.31 -4.29
N GLY E 39 -5.31 -30.61 -5.39
CA GLY E 39 -4.98 -31.28 -6.63
C GLY E 39 -6.17 -31.88 -7.35
N LYS E 40 -7.39 -31.49 -6.99
CA LYS E 40 -8.59 -32.01 -7.62
C LYS E 40 -9.56 -30.88 -7.87
N LEU E 41 -10.29 -30.96 -8.99
CA LEU E 41 -11.25 -29.94 -9.36
C LEU E 41 -12.56 -30.20 -8.61
N CYS E 42 -12.88 -29.30 -7.68
CA CYS E 42 -14.09 -29.43 -6.87
C CYS E 42 -15.24 -28.69 -7.55
N LYS E 43 -16.37 -28.60 -6.86
CA LYS E 43 -17.55 -27.90 -7.35
C LYS E 43 -17.60 -26.50 -6.74
N LEU E 44 -17.95 -25.52 -7.57
CA LEU E 44 -18.07 -24.13 -7.13
C LEU E 44 -19.55 -23.79 -6.96
N ARG E 45 -19.87 -23.11 -5.85
CA ARG E 45 -21.25 -22.76 -5.51
C ARG E 45 -22.15 -23.98 -5.40
N GLY E 46 -21.57 -25.13 -5.05
CA GLY E 46 -22.33 -26.35 -4.97
C GLY E 46 -22.87 -26.86 -6.28
N VAL E 47 -22.30 -26.41 -7.40
CA VAL E 47 -22.74 -26.81 -8.74
C VAL E 47 -21.58 -27.53 -9.42
N ALA E 48 -21.89 -28.67 -10.02
CA ALA E 48 -20.86 -29.49 -10.65
C ALA E 48 -20.32 -28.82 -11.90
N PRO E 49 -19.02 -28.56 -11.99
CA PRO E 49 -18.46 -28.01 -13.23
C PRO E 49 -18.46 -29.04 -14.35
N LEU E 50 -18.48 -28.54 -15.57
CA LEU E 50 -18.49 -29.39 -16.75
C LEU E 50 -17.07 -29.72 -17.18
N HIS E 51 -16.82 -30.99 -17.47
CA HIS E 51 -15.52 -31.46 -17.94
C HIS E 51 -15.61 -31.79 -19.42
N LEU E 52 -14.73 -31.18 -20.21
CA LEU E 52 -14.71 -31.34 -21.66
C LEU E 52 -13.30 -31.66 -22.14
N GLY E 53 -12.66 -32.63 -21.49
CA GLY E 53 -11.28 -32.96 -21.84
C GLY E 53 -11.12 -33.46 -23.26
N LYS E 54 -12.04 -34.30 -23.71
CA LYS E 54 -11.95 -34.90 -25.03
C LYS E 54 -12.61 -34.07 -26.13
N CYS E 55 -13.10 -32.87 -25.80
CA CYS E 55 -13.81 -32.05 -26.78
C CYS E 55 -13.49 -30.59 -26.51
N ASN E 56 -14.21 -29.70 -27.19
CA ASN E 56 -14.01 -28.27 -27.08
C ASN E 56 -15.36 -27.59 -26.99
N ILE E 57 -15.35 -26.35 -26.48
CA ILE E 57 -16.58 -25.58 -26.36
C ILE E 57 -17.24 -25.42 -27.72
N ALA E 58 -16.44 -25.10 -28.75
CA ALA E 58 -16.97 -25.06 -30.11
C ALA E 58 -17.49 -26.42 -30.53
N GLY E 59 -16.76 -27.49 -30.20
CA GLY E 59 -17.23 -28.83 -30.54
C GLY E 59 -18.38 -29.29 -29.68
N TRP E 60 -18.50 -28.77 -28.46
CA TRP E 60 -19.59 -29.16 -27.59
C TRP E 60 -20.90 -28.50 -28.01
N ILE E 61 -20.90 -27.17 -28.14
CA ILE E 61 -22.13 -26.46 -28.44
C ILE E 61 -22.63 -26.79 -29.85
N LEU E 62 -21.71 -27.00 -30.78
CA LEU E 62 -22.08 -27.34 -32.15
C LEU E 62 -22.44 -28.80 -32.33
N GLY E 63 -22.40 -29.60 -31.28
CA GLY E 63 -22.77 -31.00 -31.37
C GLY E 63 -21.86 -31.82 -32.26
N ASN E 64 -20.56 -31.75 -32.00
CA ASN E 64 -19.60 -32.54 -32.75
C ASN E 64 -19.89 -34.03 -32.55
N PRO E 65 -19.78 -34.85 -33.60
CA PRO E 65 -20.10 -36.28 -33.44
C PRO E 65 -19.23 -36.99 -32.41
N GLU E 66 -17.98 -36.57 -32.24
CA GLU E 66 -17.12 -37.17 -31.24
C GLU E 66 -17.51 -36.78 -29.82
N CYS E 67 -18.42 -35.81 -29.66
CA CYS E 67 -18.83 -35.33 -28.36
C CYS E 67 -20.25 -35.77 -28.00
N GLU E 68 -20.78 -36.77 -28.72
CA GLU E 68 -22.13 -37.25 -28.44
C GLU E 68 -22.20 -37.91 -27.06
N SER E 69 -21.17 -38.65 -26.67
CA SER E 69 -21.18 -39.36 -25.39
C SER E 69 -21.18 -38.41 -24.21
N LEU E 70 -20.81 -37.14 -24.40
CA LEU E 70 -20.80 -36.18 -23.32
C LEU E 70 -22.23 -35.90 -22.85
N SER E 71 -22.41 -35.85 -21.53
CA SER E 71 -23.72 -35.61 -20.96
C SER E 71 -24.00 -34.11 -20.89
N THR E 72 -25.29 -33.78 -20.85
CA THR E 72 -25.74 -32.39 -20.78
C THR E 72 -26.15 -32.08 -19.34
N ALA E 73 -25.57 -31.03 -18.77
CA ALA E 73 -25.84 -30.62 -17.40
C ALA E 73 -26.79 -29.41 -17.40
N SER E 74 -27.71 -29.40 -16.44
CA SER E 74 -28.66 -28.30 -16.35
C SER E 74 -27.97 -26.99 -15.97
N SER E 75 -26.93 -27.05 -15.16
CA SER E 75 -26.24 -25.84 -14.72
C SER E 75 -24.81 -26.19 -14.36
N TRP E 76 -23.91 -25.23 -14.55
CA TRP E 76 -22.50 -25.40 -14.19
C TRP E 76 -21.93 -24.05 -13.80
N SER E 77 -20.83 -24.09 -13.06
CA SER E 77 -20.17 -22.87 -12.59
C SER E 77 -19.04 -22.41 -13.50
N TYR E 78 -18.27 -23.34 -14.06
CA TYR E 78 -17.16 -22.99 -14.93
C TYR E 78 -16.88 -24.15 -15.87
N ILE E 79 -16.15 -23.85 -16.95
CA ILE E 79 -15.85 -24.81 -18.00
C ILE E 79 -14.38 -25.21 -17.88
N VAL E 80 -14.11 -26.52 -17.93
CA VAL E 80 -12.77 -27.06 -17.83
C VAL E 80 -12.46 -27.85 -19.09
N GLU E 81 -11.35 -27.51 -19.72
CA GLU E 81 -10.78 -28.24 -20.85
C GLU E 81 -9.36 -28.67 -20.50
N THR E 82 -8.72 -29.38 -21.43
CA THR E 82 -7.35 -29.84 -21.24
C THR E 82 -6.53 -29.50 -22.49
N SER E 83 -5.24 -29.85 -22.42
CA SER E 83 -4.35 -29.55 -23.54
C SER E 83 -4.74 -30.32 -24.79
N ASN E 84 -5.17 -31.56 -24.64
CA ASN E 84 -5.54 -32.41 -25.78
C ASN E 84 -6.98 -32.12 -26.23
N SER E 85 -7.25 -30.84 -26.43
CA SER E 85 -8.55 -30.38 -26.93
C SER E 85 -8.52 -30.21 -28.44
N ASP E 86 -8.19 -31.30 -29.14
CA ASP E 86 -8.06 -31.29 -30.59
C ASP E 86 -9.41 -31.39 -31.29
N ASN E 87 -10.47 -31.75 -30.58
CA ASN E 87 -11.78 -31.96 -31.19
C ASN E 87 -12.64 -30.71 -30.99
N GLY E 88 -12.46 -29.75 -31.88
CA GLY E 88 -13.28 -28.55 -31.90
C GLY E 88 -14.26 -28.55 -33.05
N THR E 89 -14.01 -27.70 -34.04
CA THR E 89 -14.82 -27.66 -35.25
C THR E 89 -14.19 -28.61 -36.27
N CYS E 90 -14.84 -29.75 -36.49
CA CYS E 90 -14.28 -30.75 -37.41
C CYS E 90 -14.23 -30.21 -38.82
N TYR E 91 -15.27 -29.53 -39.27
CA TYR E 91 -15.24 -28.90 -40.59
C TYR E 91 -14.44 -27.61 -40.51
N PRO E 92 -13.46 -27.41 -41.40
CA PRO E 92 -12.63 -26.21 -41.32
C PRO E 92 -13.43 -24.94 -41.55
N GLY E 93 -13.06 -23.88 -40.85
CA GLY E 93 -13.75 -22.61 -40.99
C GLY E 93 -13.31 -21.65 -39.90
N ASP E 94 -13.94 -20.48 -39.93
CA ASP E 94 -13.68 -19.41 -38.97
C ASP E 94 -14.92 -19.17 -38.13
N PHE E 95 -14.76 -19.22 -36.81
CA PHE E 95 -15.85 -18.98 -35.87
C PHE E 95 -15.83 -17.51 -35.50
N ILE E 96 -16.70 -16.72 -36.14
CA ILE E 96 -16.73 -15.29 -35.88
C ILE E 96 -17.31 -15.02 -34.49
N ASN E 97 -16.64 -14.15 -33.74
CA ASN E 97 -17.03 -13.84 -32.35
C ASN E 97 -17.02 -15.09 -31.49
N TYR E 98 -16.06 -15.98 -31.74
CA TYR E 98 -15.94 -17.20 -30.95
C TYR E 98 -15.57 -16.89 -29.50
N GLU E 99 -14.69 -15.90 -29.29
CA GLU E 99 -14.24 -15.59 -27.94
C GLU E 99 -15.39 -15.09 -27.07
N GLU E 100 -16.25 -14.25 -27.64
CA GLU E 100 -17.38 -13.74 -26.86
C GLU E 100 -18.35 -14.85 -26.47
N LEU E 101 -18.65 -15.75 -27.40
CA LEU E 101 -19.50 -16.89 -27.08
C LEU E 101 -18.86 -17.79 -26.03
N ARG E 102 -17.54 -17.97 -26.12
CA ARG E 102 -16.83 -18.76 -25.12
C ARG E 102 -16.92 -18.11 -23.75
N GLU E 103 -16.83 -16.78 -23.69
CA GLU E 103 -16.93 -16.09 -22.41
C GLU E 103 -18.34 -16.16 -21.84
N GLN E 104 -19.36 -16.02 -22.69
CA GLN E 104 -20.73 -16.00 -22.18
C GLN E 104 -21.20 -17.35 -21.65
N LEU E 105 -20.56 -18.45 -22.06
CA LEU E 105 -20.99 -19.78 -21.66
C LEU E 105 -20.29 -20.29 -20.41
N SER E 106 -19.49 -19.45 -19.74
CA SER E 106 -18.72 -19.92 -18.60
C SER E 106 -19.63 -20.36 -17.45
N SER E 107 -20.70 -19.59 -17.18
CA SER E 107 -21.60 -19.90 -16.08
C SER E 107 -23.02 -19.62 -16.52
N VAL E 108 -23.86 -20.66 -16.49
CA VAL E 108 -25.27 -20.55 -16.84
C VAL E 108 -26.10 -21.04 -15.66
N SER E 109 -27.06 -20.20 -15.23
CA SER E 109 -27.91 -20.59 -14.11
C SER E 109 -28.82 -21.76 -14.47
N SER E 110 -29.40 -21.74 -15.67
CA SER E 110 -30.30 -22.80 -16.13
C SER E 110 -30.07 -22.99 -17.62
N PHE E 111 -29.52 -24.13 -18.00
CA PHE E 111 -29.18 -24.42 -19.38
C PHE E 111 -29.98 -25.64 -19.85
N GLU E 112 -30.74 -25.47 -20.93
CA GLU E 112 -31.56 -26.56 -21.45
C GLU E 112 -31.47 -26.58 -22.97
N ARG E 113 -31.18 -27.75 -23.52
CA ARG E 113 -31.17 -27.93 -24.97
C ARG E 113 -32.60 -28.06 -25.48
N PHE E 114 -32.98 -27.23 -26.44
CA PHE E 114 -34.35 -27.15 -26.92
C PHE E 114 -34.38 -27.38 -28.42
N GLU E 115 -35.40 -28.10 -28.90
CA GLU E 115 -35.56 -28.38 -30.32
C GLU E 115 -36.34 -27.22 -30.93
N ILE E 116 -35.60 -26.22 -31.41
CA ILE E 116 -36.24 -25.04 -32.00
C ILE E 116 -36.95 -25.40 -33.30
N PHE E 117 -36.27 -26.16 -34.16
CA PHE E 117 -36.83 -26.55 -35.46
C PHE E 117 -36.93 -28.07 -35.55
N PRO E 118 -38.14 -28.63 -35.65
CA PRO E 118 -38.25 -30.07 -35.88
C PRO E 118 -37.59 -30.47 -37.20
N LYS E 119 -36.92 -31.62 -37.18
CA LYS E 119 -36.15 -32.04 -38.35
C LYS E 119 -37.04 -32.58 -39.46
N THR E 120 -38.11 -33.28 -39.10
CA THR E 120 -38.94 -34.00 -40.07
C THR E 120 -40.15 -33.20 -40.55
N SER E 121 -40.31 -31.96 -40.10
CA SER E 121 -41.49 -31.17 -40.48
C SER E 121 -41.18 -29.74 -40.92
N SER E 122 -40.04 -29.16 -40.51
CA SER E 122 -39.77 -27.77 -40.82
C SER E 122 -39.34 -27.55 -42.26
N TRP E 123 -38.70 -28.54 -42.88
CA TRP E 123 -38.13 -28.40 -44.22
C TRP E 123 -38.68 -29.51 -45.12
N PRO E 124 -39.87 -29.30 -45.69
CA PRO E 124 -40.43 -30.31 -46.59
C PRO E 124 -39.77 -30.30 -47.96
N ASN E 125 -39.39 -29.12 -48.44
CA ASN E 125 -38.78 -28.97 -49.75
C ASN E 125 -37.26 -28.99 -49.71
N HIS E 126 -36.65 -29.15 -48.54
CA HIS E 126 -35.21 -29.19 -48.38
C HIS E 126 -34.80 -30.56 -47.85
N ASP E 127 -33.86 -31.20 -48.54
CA ASP E 127 -33.39 -32.52 -48.14
C ASP E 127 -32.47 -32.40 -46.94
N SER E 128 -32.72 -33.23 -45.93
CA SER E 128 -31.89 -33.27 -44.73
C SER E 128 -31.16 -34.59 -44.54
N ASN E 129 -31.52 -35.64 -45.28
CA ASN E 129 -30.84 -36.92 -45.13
C ASN E 129 -29.38 -36.83 -45.54
N LYS E 130 -29.10 -36.14 -46.65
CA LYS E 130 -27.73 -35.97 -47.12
C LYS E 130 -27.04 -34.85 -46.35
N GLY E 131 -25.88 -34.42 -46.84
CA GLY E 131 -25.13 -33.36 -46.20
C GLY E 131 -23.96 -33.84 -45.37
N VAL E 132 -23.81 -35.15 -45.17
CA VAL E 132 -22.67 -35.65 -44.42
C VAL E 132 -21.40 -35.48 -45.24
N THR E 133 -20.27 -35.33 -44.53
CA THR E 133 -18.97 -35.13 -45.16
C THR E 133 -17.94 -36.01 -44.47
N ALA E 134 -16.88 -36.32 -45.21
CA ALA E 134 -15.79 -37.11 -44.66
C ALA E 134 -14.92 -36.32 -43.69
N ALA E 135 -15.05 -34.99 -43.68
CA ALA E 135 -14.28 -34.18 -42.76
C ALA E 135 -14.73 -34.36 -41.32
N CYS E 136 -15.92 -34.91 -41.09
CA CYS E 136 -16.45 -35.15 -39.75
C CYS E 136 -16.93 -36.60 -39.67
N PRO E 137 -16.00 -37.55 -39.69
CA PRO E 137 -16.39 -38.96 -39.67
C PRO E 137 -16.85 -39.43 -38.29
N HIS E 138 -17.74 -40.40 -38.29
CA HIS E 138 -18.21 -41.04 -37.07
C HIS E 138 -18.28 -42.54 -37.31
N ALA E 139 -17.48 -43.31 -36.58
CA ALA E 139 -17.40 -44.76 -36.75
C ALA E 139 -17.07 -45.14 -38.19
N GLY E 140 -16.17 -44.36 -38.80
CA GLY E 140 -15.73 -44.59 -40.17
C GLY E 140 -16.59 -43.94 -41.23
N ALA E 141 -17.91 -44.08 -41.12
CA ALA E 141 -18.81 -43.51 -42.12
C ALA E 141 -18.84 -41.99 -42.01
N LYS E 142 -19.15 -41.35 -43.14
CA LYS E 142 -19.26 -39.90 -43.17
C LYS E 142 -20.45 -39.44 -42.32
N SER E 143 -20.26 -38.34 -41.59
CA SER E 143 -21.28 -37.82 -40.71
C SER E 143 -21.22 -36.30 -40.71
N PHE E 144 -22.00 -35.69 -39.83
CA PHE E 144 -22.05 -34.24 -39.72
C PHE E 144 -22.47 -33.89 -38.28
N TYR E 145 -22.63 -32.60 -38.03
CA TYR E 145 -23.05 -32.13 -36.72
C TYR E 145 -24.49 -32.54 -36.44
N LYS E 146 -24.83 -32.59 -35.16
CA LYS E 146 -26.19 -32.90 -34.73
C LYS E 146 -27.01 -31.68 -34.38
N ASN E 147 -26.38 -30.58 -33.96
CA ASN E 147 -27.08 -29.35 -33.65
C ASN E 147 -27.41 -28.53 -34.88
N LEU E 148 -26.80 -28.84 -36.03
CA LEU E 148 -27.00 -28.09 -37.26
C LEU E 148 -27.29 -29.06 -38.39
N ILE E 149 -27.99 -28.57 -39.41
CA ILE E 149 -28.33 -29.36 -40.59
C ILE E 149 -27.84 -28.62 -41.82
N TRP E 150 -27.01 -29.30 -42.63
CA TRP E 150 -26.49 -28.72 -43.87
C TRP E 150 -27.49 -29.02 -44.98
N LEU E 151 -28.33 -28.03 -45.29
CA LEU E 151 -29.37 -28.21 -46.29
C LEU E 151 -28.76 -28.29 -47.69
N VAL E 152 -29.33 -29.17 -48.52
CA VAL E 152 -28.91 -29.33 -49.91
C VAL E 152 -30.14 -29.29 -50.78
N LYS E 153 -29.92 -29.10 -52.08
CA LYS E 153 -31.03 -29.03 -53.03
C LYS E 153 -31.75 -30.37 -53.10
N LYS E 154 -33.06 -30.30 -53.29
CA LYS E 154 -33.93 -31.47 -53.38
C LYS E 154 -34.36 -31.64 -54.83
N GLY E 155 -33.58 -32.41 -55.58
CA GLY E 155 -33.88 -32.64 -56.98
C GLY E 155 -33.68 -31.41 -57.84
N ASN E 156 -32.43 -30.96 -57.96
CA ASN E 156 -32.02 -29.78 -58.72
C ASN E 156 -32.99 -28.61 -58.56
N SER E 157 -33.46 -28.39 -57.34
CA SER E 157 -34.38 -27.29 -57.05
C SER E 157 -34.21 -26.88 -55.59
N TYR E 158 -33.96 -25.60 -55.37
CA TYR E 158 -33.77 -25.05 -54.03
C TYR E 158 -34.73 -23.88 -53.83
N PRO E 159 -35.90 -24.12 -53.27
CA PRO E 159 -36.85 -23.03 -53.02
C PRO E 159 -36.31 -22.05 -52.00
N LYS E 160 -36.81 -20.83 -52.07
CA LYS E 160 -36.38 -19.75 -51.18
C LYS E 160 -36.81 -20.09 -49.75
N LEU E 161 -35.84 -20.50 -48.93
CA LEU E 161 -36.13 -20.87 -47.56
C LEU E 161 -36.36 -19.61 -46.73
N ASN E 162 -37.45 -19.62 -45.95
CA ASN E 162 -37.79 -18.51 -45.07
C ASN E 162 -38.46 -19.07 -43.82
N GLN E 163 -37.80 -18.90 -42.68
CA GLN E 163 -38.29 -19.45 -41.42
C GLN E 163 -38.24 -18.38 -40.34
N SER E 164 -39.14 -18.51 -39.36
CA SER E 164 -39.21 -17.58 -38.24
C SER E 164 -39.45 -18.34 -36.96
N TYR E 165 -39.02 -17.76 -35.84
CA TYR E 165 -39.19 -18.37 -34.53
C TYR E 165 -39.48 -17.28 -33.51
N ILE E 166 -40.34 -17.61 -32.54
CA ILE E 166 -40.75 -16.70 -31.48
C ILE E 166 -40.22 -17.24 -30.17
N ASN E 167 -39.57 -16.36 -29.39
CA ASN E 167 -39.03 -16.75 -28.08
C ASN E 167 -40.11 -16.52 -27.04
N ASP E 168 -40.96 -17.52 -26.86
CA ASP E 168 -42.02 -17.45 -25.86
C ASP E 168 -41.55 -17.81 -24.46
N LYS E 169 -40.34 -18.37 -24.32
CA LYS E 169 -39.84 -18.76 -23.02
C LYS E 169 -39.41 -17.53 -22.23
N GLY E 170 -39.23 -17.71 -20.93
CA GLY E 170 -38.87 -16.64 -20.03
C GLY E 170 -37.39 -16.39 -19.85
N LYS E 171 -36.55 -17.10 -20.60
CA LYS E 171 -35.09 -16.94 -20.49
C LYS E 171 -34.52 -16.65 -21.87
N GLU E 172 -33.23 -16.34 -21.90
CA GLU E 172 -32.57 -16.02 -23.16
C GLU E 172 -32.40 -17.28 -23.99
N VAL E 173 -32.36 -17.12 -25.32
CA VAL E 173 -32.20 -18.24 -26.24
C VAL E 173 -30.96 -17.99 -27.07
N LEU E 174 -30.02 -18.94 -27.04
CA LEU E 174 -28.83 -18.91 -27.87
C LEU E 174 -29.07 -19.76 -29.10
N VAL E 175 -28.84 -19.18 -30.28
CA VAL E 175 -29.05 -19.85 -31.56
C VAL E 175 -27.80 -19.69 -32.40
N LEU E 176 -27.33 -20.80 -32.98
CA LEU E 176 -26.14 -20.78 -33.82
C LEU E 176 -26.42 -21.32 -35.21
N TRP E 177 -25.97 -20.60 -36.22
CA TRP E 177 -26.14 -21.02 -37.61
C TRP E 177 -24.79 -20.93 -38.31
N GLY E 178 -24.77 -21.35 -39.57
CA GLY E 178 -23.54 -21.38 -40.33
C GLY E 178 -23.78 -21.05 -41.79
N ILE E 179 -22.74 -20.50 -42.42
CA ILE E 179 -22.75 -20.17 -43.84
C ILE E 179 -21.60 -20.93 -44.50
N HIS E 180 -21.91 -21.65 -45.57
CA HIS E 180 -20.94 -22.51 -46.25
C HIS E 180 -20.38 -21.79 -47.46
N HIS E 181 -19.05 -21.67 -47.53
CA HIS E 181 -18.38 -21.10 -48.68
C HIS E 181 -17.77 -22.24 -49.49
N PRO E 182 -18.32 -22.58 -50.65
CA PRO E 182 -17.76 -23.68 -51.44
C PRO E 182 -16.40 -23.32 -52.02
N SER E 183 -15.63 -24.36 -52.32
CA SER E 183 -14.29 -24.16 -52.87
C SER E 183 -14.34 -23.69 -54.32
N THR E 184 -15.36 -24.10 -55.08
CA THR E 184 -15.45 -23.76 -56.49
C THR E 184 -16.89 -23.50 -56.87
N THR E 185 -17.07 -22.82 -58.00
CA THR E 185 -18.42 -22.52 -58.48
C THR E 185 -19.19 -23.78 -58.84
N ALA E 186 -18.50 -24.79 -59.36
CA ALA E 186 -19.16 -26.05 -59.69
C ALA E 186 -19.75 -26.70 -58.46
N ASP E 187 -19.01 -26.67 -57.34
CA ASP E 187 -19.54 -27.22 -56.09
C ASP E 187 -20.76 -26.43 -55.62
N GLN E 188 -20.72 -25.11 -55.75
CA GLN E 188 -21.87 -24.28 -55.38
C GLN E 188 -23.09 -24.64 -56.21
N GLN E 189 -22.91 -24.82 -57.53
CA GLN E 189 -24.04 -25.16 -58.39
C GLN E 189 -24.55 -26.56 -58.08
N SER E 190 -23.65 -27.50 -57.79
CA SER E 190 -24.09 -28.87 -57.51
C SER E 190 -24.71 -29.01 -56.12
N LEU E 191 -24.45 -28.09 -55.21
CA LEU E 191 -25.01 -28.17 -53.88
C LEU E 191 -26.25 -27.30 -53.67
N TYR E 192 -26.40 -26.21 -54.42
CA TYR E 192 -27.51 -25.30 -54.20
C TYR E 192 -28.23 -24.86 -55.47
N GLN E 193 -27.72 -25.19 -56.66
CA GLN E 193 -28.40 -24.92 -57.93
C GLN E 193 -28.67 -23.43 -58.13
N ASN E 194 -27.80 -22.58 -57.59
CA ASN E 194 -27.96 -21.14 -57.72
C ASN E 194 -26.57 -20.50 -57.74
N ALA E 195 -26.22 -19.88 -58.87
CA ALA E 195 -24.90 -19.27 -59.00
C ALA E 195 -24.73 -18.12 -58.00
N ASP E 196 -25.75 -17.29 -57.83
CA ASP E 196 -25.72 -16.16 -56.92
C ASP E 196 -26.71 -16.42 -55.79
N ALA E 197 -26.23 -16.37 -54.56
CA ALA E 197 -27.04 -16.62 -53.37
C ALA E 197 -26.80 -15.53 -52.35
N TYR E 198 -27.70 -15.46 -51.37
CA TYR E 198 -27.58 -14.53 -50.26
C TYR E 198 -28.30 -15.10 -49.06
N VAL E 199 -27.84 -14.72 -47.87
CA VAL E 199 -28.45 -15.15 -46.61
C VAL E 199 -28.75 -13.91 -45.78
N PHE E 200 -29.87 -13.92 -45.08
CA PHE E 200 -30.25 -12.83 -44.18
C PHE E 200 -30.68 -13.40 -42.84
N VAL E 201 -30.19 -12.80 -41.76
CA VAL E 201 -30.55 -13.14 -40.40
C VAL E 201 -31.05 -11.88 -39.71
N GLY E 202 -32.21 -11.97 -39.07
CA GLY E 202 -32.78 -10.80 -38.43
C GLY E 202 -33.50 -11.03 -37.13
N THR E 203 -33.08 -10.32 -36.09
CA THR E 203 -33.76 -10.23 -34.81
C THR E 203 -33.94 -8.77 -34.45
N SER E 204 -34.68 -8.52 -33.37
CA SER E 204 -35.03 -7.15 -33.00
C SER E 204 -33.80 -6.29 -32.75
N ARG E 205 -32.65 -6.89 -32.45
CA ARG E 205 -31.42 -6.16 -32.22
C ARG E 205 -30.30 -6.54 -33.19
N TYR E 206 -30.64 -7.22 -34.29
CA TYR E 206 -29.60 -7.73 -35.17
C TYR E 206 -30.15 -7.82 -36.59
N SER E 207 -29.31 -7.48 -37.57
CA SER E 207 -29.72 -7.56 -38.97
C SER E 207 -28.45 -7.72 -39.80
N LYS E 208 -28.23 -8.90 -40.35
CA LYS E 208 -27.01 -9.16 -41.11
C LYS E 208 -27.33 -9.89 -42.40
N LYS E 209 -26.57 -9.56 -43.45
CA LYS E 209 -26.66 -10.23 -44.73
C LYS E 209 -25.30 -10.82 -45.08
N PHE E 210 -25.29 -12.11 -45.42
CA PHE E 210 -24.09 -12.84 -45.77
C PHE E 210 -24.10 -13.19 -47.25
N LYS E 211 -22.93 -13.10 -47.88
CA LYS E 211 -22.73 -13.45 -49.27
C LYS E 211 -21.69 -14.56 -49.38
N PRO E 212 -21.87 -15.51 -50.28
CA PRO E 212 -20.88 -16.58 -50.44
C PRO E 212 -19.57 -16.06 -51.00
N GLU E 213 -18.48 -16.71 -50.61
CA GLU E 213 -17.13 -16.38 -51.06
C GLU E 213 -16.56 -17.61 -51.74
N ILE E 214 -16.77 -17.71 -53.06
CA ILE E 214 -16.31 -18.86 -53.83
C ILE E 214 -14.83 -18.67 -54.13
N ALA E 215 -13.98 -19.46 -53.47
CA ALA E 215 -12.54 -19.38 -53.68
C ALA E 215 -11.91 -20.69 -53.24
N THR E 216 -10.71 -20.95 -53.76
CA THR E 216 -9.99 -22.19 -53.49
C THR E 216 -9.03 -21.95 -52.32
N ARG E 217 -9.49 -22.28 -51.11
CA ARG E 217 -8.65 -22.18 -49.93
C ARG E 217 -7.60 -23.29 -49.94
N PRO E 218 -6.50 -23.09 -49.23
CA PRO E 218 -5.51 -24.17 -49.10
C PRO E 218 -6.13 -25.40 -48.43
N LYS E 219 -5.71 -26.57 -48.88
CA LYS E 219 -6.31 -27.83 -48.44
C LYS E 219 -5.97 -28.07 -46.97
N VAL E 220 -6.98 -27.97 -46.11
CA VAL E 220 -6.84 -28.21 -44.68
C VAL E 220 -7.82 -29.30 -44.29
N ARG E 221 -7.30 -30.36 -43.65
CA ARG E 221 -8.11 -31.51 -43.24
C ARG E 221 -8.89 -32.09 -44.42
N ASP E 222 -8.21 -32.22 -45.56
CA ASP E 222 -8.78 -32.79 -46.78
C ASP E 222 -10.02 -32.03 -47.24
N GLN E 223 -10.04 -30.72 -47.03
CA GLN E 223 -11.15 -29.88 -47.45
C GLN E 223 -10.64 -28.56 -47.99
N GLU E 224 -11.26 -28.07 -49.05
CA GLU E 224 -10.91 -26.80 -49.66
C GLU E 224 -11.95 -25.71 -49.45
N GLY E 225 -13.15 -26.07 -48.99
CA GLY E 225 -14.16 -25.08 -48.69
C GLY E 225 -14.01 -24.54 -47.28
N ARG E 226 -14.97 -23.70 -46.89
CA ARG E 226 -14.98 -23.09 -45.57
C ARG E 226 -16.39 -23.04 -45.04
N MET E 227 -16.52 -22.82 -43.73
CA MET E 227 -17.83 -22.68 -43.10
C MET E 227 -17.71 -21.73 -41.93
N ASN E 228 -18.41 -20.60 -42.01
CA ASN E 228 -18.38 -19.59 -40.96
C ASN E 228 -19.55 -19.79 -40.01
N TYR E 229 -19.26 -19.85 -38.72
CA TYR E 229 -20.26 -20.09 -37.69
C TYR E 229 -20.60 -18.78 -36.99
N TYR E 230 -21.90 -18.52 -36.82
CA TYR E 230 -22.37 -17.31 -36.17
C TYR E 230 -23.33 -17.69 -35.06
N TRP E 231 -23.36 -16.87 -34.02
CA TRP E 231 -24.22 -17.10 -32.86
C TRP E 231 -24.97 -15.82 -32.52
N THR E 232 -26.17 -15.98 -31.96
CA THR E 232 -26.98 -14.84 -31.56
C THR E 232 -27.78 -15.18 -30.32
N LEU E 233 -28.15 -14.13 -29.59
CA LEU E 233 -28.97 -14.22 -28.40
C LEU E 233 -30.31 -13.54 -28.65
N VAL E 234 -31.39 -14.21 -28.27
CA VAL E 234 -32.74 -13.70 -28.42
C VAL E 234 -33.35 -13.57 -27.04
N GLU E 235 -33.80 -12.35 -26.71
CA GLU E 235 -34.48 -12.09 -25.46
C GLU E 235 -35.96 -12.46 -25.57
N PRO E 236 -36.62 -12.73 -24.44
CA PRO E 236 -38.04 -13.12 -24.51
C PRO E 236 -38.88 -12.02 -25.15
N GLY E 237 -39.88 -12.46 -25.92
CA GLY E 237 -40.76 -11.55 -26.62
C GLY E 237 -40.28 -11.10 -27.98
N ASP E 238 -39.11 -11.55 -28.42
CA ASP E 238 -38.54 -11.15 -29.70
C ASP E 238 -38.84 -12.20 -30.76
N LYS E 239 -38.33 -11.96 -31.96
CA LYS E 239 -38.52 -12.85 -33.10
C LYS E 239 -37.20 -12.97 -33.85
N ILE E 240 -36.87 -14.19 -34.28
CA ILE E 240 -35.66 -14.46 -35.03
C ILE E 240 -36.04 -15.07 -36.37
N THR E 241 -35.57 -14.47 -37.46
CA THR E 241 -35.94 -14.88 -38.80
C THR E 241 -34.71 -15.17 -39.64
N PHE E 242 -34.78 -16.27 -40.40
CA PHE E 242 -33.76 -16.65 -41.35
C PHE E 242 -34.36 -16.67 -42.75
N GLU E 243 -33.62 -16.12 -43.71
CA GLU E 243 -33.99 -16.19 -45.12
C GLU E 243 -32.76 -16.57 -45.93
N ALA E 244 -32.94 -17.45 -46.90
CA ALA E 244 -31.79 -17.88 -47.68
C ALA E 244 -32.24 -18.49 -49.00
N THR E 245 -31.38 -18.36 -50.01
CA THR E 245 -31.51 -19.07 -51.27
C THR E 245 -30.45 -20.16 -51.42
N GLY E 246 -29.70 -20.43 -50.35
CA GLY E 246 -28.66 -21.44 -50.40
C GLY E 246 -27.51 -21.05 -49.50
N ASN E 247 -26.54 -21.97 -49.40
CA ASN E 247 -25.33 -21.77 -48.59
C ASN E 247 -25.67 -21.46 -47.14
N LEU E 248 -26.68 -22.14 -46.60
CA LEU E 248 -27.12 -21.93 -45.23
C LEU E 248 -27.03 -23.25 -44.47
N VAL E 249 -26.40 -23.21 -43.31
CA VAL E 249 -26.38 -24.33 -42.37
C VAL E 249 -27.42 -24.02 -41.31
N VAL E 250 -28.59 -24.64 -41.44
CA VAL E 250 -29.75 -24.26 -40.63
C VAL E 250 -29.59 -24.78 -39.21
N PRO E 251 -29.98 -24.00 -38.20
CA PRO E 251 -29.97 -24.51 -36.83
C PRO E 251 -30.99 -25.62 -36.65
N ARG E 252 -30.70 -26.53 -35.74
CA ARG E 252 -31.63 -27.60 -35.36
C ARG E 252 -32.01 -27.58 -33.90
N TYR E 253 -31.08 -27.20 -33.02
CA TYR E 253 -31.34 -27.11 -31.59
C TYR E 253 -30.78 -25.81 -31.06
N ALA E 254 -31.60 -25.07 -30.32
CA ALA E 254 -31.18 -23.87 -29.62
C ALA E 254 -30.95 -24.20 -28.15
N PHE E 255 -30.52 -23.20 -27.38
CA PHE E 255 -30.20 -23.41 -25.97
C PHE E 255 -30.84 -22.33 -25.12
N THR E 256 -31.73 -22.74 -24.21
CA THR E 256 -32.33 -21.82 -23.26
C THR E 256 -31.37 -21.62 -22.09
N MET E 257 -31.03 -20.37 -21.81
CA MET E 257 -30.03 -20.05 -20.81
C MET E 257 -30.46 -18.82 -20.01
N GLU E 258 -29.91 -18.72 -18.81
CA GLU E 258 -30.05 -17.55 -17.95
C GLU E 258 -28.65 -17.21 -17.44
N ARG E 259 -28.04 -16.18 -18.01
CA ARG E 259 -26.64 -15.89 -17.75
C ARG E 259 -26.43 -15.51 -16.28
N ASN E 260 -25.33 -16.01 -15.72
CA ASN E 260 -24.96 -15.74 -14.34
C ASN E 260 -24.03 -14.53 -14.30
N ALA E 261 -23.40 -14.30 -13.15
CA ALA E 261 -22.51 -13.15 -13.00
C ALA E 261 -21.30 -13.26 -13.92
N GLY E 262 -20.88 -14.46 -14.27
CA GLY E 262 -19.76 -14.66 -15.17
C GLY E 262 -18.58 -15.29 -14.46
N SER E 263 -17.88 -16.16 -15.18
CA SER E 263 -16.70 -16.84 -14.64
C SER E 263 -15.69 -17.02 -15.76
N GLY E 264 -14.69 -17.85 -15.52
CA GLY E 264 -13.65 -18.09 -16.51
C GLY E 264 -13.62 -19.53 -17.01
N ILE E 265 -12.60 -19.85 -17.80
CA ILE E 265 -12.40 -21.19 -18.35
C ILE E 265 -11.03 -21.69 -17.90
N ILE E 266 -10.99 -22.90 -17.35
CA ILE E 266 -9.77 -23.49 -16.84
C ILE E 266 -9.31 -24.58 -17.79
N ILE E 267 -8.06 -24.48 -18.26
CA ILE E 267 -7.47 -25.44 -19.18
C ILE E 267 -6.43 -26.23 -18.39
N SER E 268 -6.77 -27.47 -18.03
CA SER E 268 -5.86 -28.31 -17.27
C SER E 268 -6.28 -29.76 -17.42
N ASP E 269 -5.37 -30.67 -17.08
CA ASP E 269 -5.62 -32.10 -17.14
C ASP E 269 -5.96 -32.69 -15.77
N THR E 270 -6.25 -31.85 -14.80
CA THR E 270 -6.56 -32.34 -13.45
C THR E 270 -7.87 -33.11 -13.47
N PRO E 271 -7.92 -34.31 -12.88
CA PRO E 271 -9.18 -35.06 -12.82
C PRO E 271 -10.20 -34.38 -11.93
N VAL E 272 -11.47 -34.64 -12.22
CA VAL E 272 -12.59 -34.03 -11.51
C VAL E 272 -13.02 -34.95 -10.37
N HIS E 273 -13.13 -34.39 -9.17
CA HIS E 273 -13.57 -35.11 -7.99
C HIS E 273 -14.91 -34.52 -7.51
N ASP E 274 -15.38 -35.02 -6.36
CA ASP E 274 -16.64 -34.59 -5.77
C ASP E 274 -16.32 -33.86 -4.47
N CYS E 275 -16.27 -32.53 -4.53
CA CYS E 275 -16.02 -31.70 -3.37
C CYS E 275 -16.52 -30.30 -3.65
N ASN E 276 -16.68 -29.53 -2.58
CA ASN E 276 -17.17 -28.16 -2.65
C ASN E 276 -16.15 -27.21 -2.04
N THR E 277 -15.76 -26.19 -2.80
CA THR E 277 -14.78 -25.21 -2.35
C THR E 277 -15.10 -23.85 -2.95
N THR E 278 -14.50 -22.81 -2.38
CA THR E 278 -14.73 -21.44 -2.80
C THR E 278 -13.77 -20.97 -3.90
N CYS E 279 -12.56 -21.51 -3.95
CA CYS E 279 -11.57 -21.12 -4.94
C CYS E 279 -11.14 -22.35 -5.72
N GLN E 280 -11.00 -22.22 -7.04
CA GLN E 280 -10.65 -23.33 -7.93
C GLN E 280 -9.48 -22.90 -8.81
N THR E 281 -8.26 -23.09 -8.32
CA THR E 281 -7.05 -22.92 -9.11
C THR E 281 -6.89 -24.10 -10.06
N PRO E 282 -6.45 -23.86 -11.30
CA PRO E 282 -6.30 -24.97 -12.26
C PRO E 282 -5.41 -26.10 -11.76
N GLU E 283 -4.35 -25.80 -11.03
CA GLU E 283 -3.52 -26.86 -10.47
C GLU E 283 -4.29 -27.69 -9.45
N GLY E 284 -5.10 -27.05 -8.62
CA GLY E 284 -5.91 -27.76 -7.64
C GLY E 284 -6.74 -26.79 -6.85
N ALA E 285 -7.77 -27.33 -6.21
CA ALA E 285 -8.68 -26.51 -5.42
C ALA E 285 -7.99 -25.97 -4.19
N ILE E 286 -8.34 -24.75 -3.80
CA ILE E 286 -7.77 -24.08 -2.64
C ILE E 286 -8.92 -23.75 -1.69
N ASN E 287 -8.96 -24.42 -0.54
CA ASN E 287 -9.95 -24.16 0.49
C ASN E 287 -9.22 -23.60 1.71
N THR E 288 -9.30 -22.28 1.89
CA THR E 288 -8.63 -21.61 3.00
C THR E 288 -9.25 -20.23 3.18
N SER E 289 -8.67 -19.44 4.09
CA SER E 289 -9.12 -18.08 4.33
C SER E 289 -7.95 -17.08 4.32
N LEU E 290 -6.74 -17.53 4.02
CA LEU E 290 -5.60 -16.64 3.99
C LEU E 290 -5.72 -15.67 2.82
N PRO E 291 -5.22 -14.44 2.98
CA PRO E 291 -5.39 -13.43 1.92
C PRO E 291 -4.43 -13.55 0.75
N PHE E 292 -3.38 -14.36 0.86
CA PHE E 292 -2.36 -14.43 -0.19
C PHE E 292 -2.15 -15.87 -0.61
N GLN E 293 -1.90 -16.07 -1.91
CA GLN E 293 -1.60 -17.38 -2.46
C GLN E 293 -0.60 -17.20 -3.60
N ASN E 294 0.30 -18.17 -3.75
CA ASN E 294 1.34 -18.10 -4.77
C ASN E 294 1.34 -19.36 -5.64
N ILE E 295 0.18 -19.99 -5.81
CA ILE E 295 0.11 -21.22 -6.60
C ILE E 295 0.02 -20.91 -8.09
N HIS E 296 -0.95 -20.06 -8.48
CA HIS E 296 -1.10 -19.74 -9.88
C HIS E 296 -1.84 -18.41 -10.00
N PRO E 297 -1.39 -17.49 -10.87
CA PRO E 297 -2.09 -16.21 -11.00
C PRO E 297 -3.52 -16.34 -11.51
N ILE E 298 -3.80 -17.32 -12.36
CA ILE E 298 -5.14 -17.48 -12.92
C ILE E 298 -6.01 -18.20 -11.89
N THR E 299 -7.06 -17.52 -11.42
CA THR E 299 -7.94 -18.06 -10.39
C THR E 299 -9.38 -17.75 -10.74
N ILE E 300 -10.29 -18.58 -10.23
CA ILE E 300 -11.72 -18.41 -10.43
C ILE E 300 -12.41 -18.49 -9.08
N GLY E 301 -13.25 -17.51 -8.78
CA GLY E 301 -13.97 -17.46 -7.54
C GLY E 301 -13.36 -16.44 -6.58
N LYS E 302 -13.87 -16.44 -5.35
CA LYS E 302 -13.37 -15.55 -4.32
C LYS E 302 -12.04 -16.04 -3.80
N CYS E 303 -11.01 -16.02 -4.66
CA CYS E 303 -9.67 -16.51 -4.39
C CYS E 303 -8.81 -15.42 -3.75
N PRO E 304 -7.78 -15.82 -3.00
CA PRO E 304 -6.84 -14.84 -2.47
C PRO E 304 -6.00 -14.21 -3.57
N LYS E 305 -5.47 -13.03 -3.27
CA LYS E 305 -4.64 -12.32 -4.23
C LYS E 305 -3.34 -13.06 -4.48
N TYR E 306 -2.88 -13.00 -5.73
CA TYR E 306 -1.67 -13.71 -6.15
C TYR E 306 -0.44 -12.89 -5.82
N VAL E 307 0.54 -13.54 -5.19
CA VAL E 307 1.77 -12.89 -4.76
C VAL E 307 2.96 -13.66 -5.32
N LYS E 308 3.95 -12.94 -5.83
CA LYS E 308 5.14 -13.55 -6.40
C LYS E 308 6.12 -14.04 -5.32
N SER E 309 5.93 -13.63 -4.08
CA SER E 309 6.83 -14.05 -3.00
C SER E 309 6.60 -15.52 -2.66
N THR E 310 7.54 -16.07 -1.90
CA THR E 310 7.49 -17.49 -1.53
C THR E 310 7.50 -17.71 -0.02
N LYS E 311 7.59 -16.66 0.79
CA LYS E 311 7.62 -16.82 2.24
C LYS E 311 7.03 -15.58 2.87
N LEU E 312 5.82 -15.70 3.43
CA LEU E 312 5.15 -14.62 4.13
C LEU E 312 4.69 -15.16 5.48
N ARG E 313 5.43 -14.84 6.54
CA ARG E 313 5.14 -15.33 7.87
C ARG E 313 5.04 -14.16 8.83
N LEU E 314 3.97 -14.12 9.63
CA LEU E 314 3.82 -13.12 10.66
C LEU E 314 4.35 -13.68 11.98
N ALA E 315 5.25 -12.93 12.62
CA ALA E 315 5.81 -13.33 13.90
C ALA E 315 4.85 -12.93 15.01
N THR E 316 4.21 -13.91 15.63
CA THR E 316 3.29 -13.66 16.73
C THR E 316 3.88 -13.97 18.09
N GLY E 317 4.78 -14.95 18.18
CA GLY E 317 5.40 -15.31 19.43
C GLY E 317 6.61 -14.45 19.77
N LEU E 318 7.25 -14.81 20.87
CA LEU E 318 8.44 -14.10 21.33
C LEU E 318 9.64 -14.46 20.46
N ARG E 319 10.71 -13.67 20.61
CA ARG E 319 11.96 -13.95 19.93
C ARG E 319 12.65 -15.13 20.61
N ASN E 320 12.63 -16.29 19.96
CA ASN E 320 13.17 -17.49 20.57
C ASN E 320 14.69 -17.46 20.56
N VAL E 321 15.28 -17.63 21.75
CA VAL E 321 16.73 -17.67 21.89
C VAL E 321 17.11 -18.83 22.79
N PRO E 322 18.20 -19.54 22.52
CA PRO E 322 18.63 -20.61 23.41
C PRO E 322 19.17 -20.06 24.72
N SER E 323 19.10 -20.89 25.76
CA SER E 323 19.61 -20.50 27.08
C SER E 323 20.22 -21.70 27.80
N ILE F 10 16.93 -10.94 32.23
CA ILE F 10 16.10 -11.21 31.07
C ILE F 10 16.99 -11.41 29.85
N GLU F 11 18.05 -12.22 30.01
CA GLU F 11 18.99 -12.49 28.94
C GLU F 11 18.62 -13.75 28.17
N GLY F 12 18.54 -14.88 28.86
CA GLY F 12 18.18 -16.14 28.24
C GLY F 12 16.72 -16.47 28.43
N GLY F 13 16.19 -17.29 27.52
CA GLY F 13 14.80 -17.70 27.60
C GLY F 13 14.58 -18.80 28.61
N TRP F 14 13.30 -19.11 28.84
CA TRP F 14 12.90 -20.15 29.78
C TRP F 14 12.14 -21.24 29.04
N THR F 15 12.58 -22.48 29.20
CA THR F 15 11.89 -23.64 28.62
C THR F 15 10.94 -24.30 29.60
N GLY F 16 10.95 -23.90 30.87
CA GLY F 16 10.08 -24.46 31.87
C GLY F 16 8.71 -23.84 32.00
N MET F 17 8.41 -22.84 31.19
CA MET F 17 7.11 -22.15 31.21
C MET F 17 6.44 -22.34 29.87
N VAL F 18 5.37 -23.13 29.83
CA VAL F 18 4.63 -23.41 28.62
C VAL F 18 3.16 -23.03 28.76
N ASP F 19 2.83 -22.21 29.76
CA ASP F 19 1.46 -21.77 29.98
C ASP F 19 1.29 -20.26 29.81
N GLY F 20 2.27 -19.58 29.23
CA GLY F 20 2.18 -18.15 29.04
C GLY F 20 3.44 -17.54 28.47
N TRP F 21 3.29 -16.54 27.60
CA TRP F 21 4.45 -15.87 27.03
C TRP F 21 5.26 -15.16 28.10
N TYR F 22 4.59 -14.50 29.04
CA TYR F 22 5.24 -13.77 30.11
C TYR F 22 4.84 -14.38 31.45
N GLY F 23 5.81 -14.41 32.37
CA GLY F 23 5.56 -15.00 33.67
C GLY F 23 6.77 -14.85 34.56
N TYR F 24 6.65 -15.40 35.77
CA TYR F 24 7.67 -15.30 36.79
C TYR F 24 8.13 -16.68 37.21
N HIS F 25 9.27 -16.73 37.89
CA HIS F 25 9.79 -17.96 38.49
C HIS F 25 10.01 -17.70 39.97
N HIS F 26 9.41 -18.53 40.81
CA HIS F 26 9.53 -18.38 42.25
C HIS F 26 10.25 -19.58 42.84
N GLN F 27 10.93 -19.35 43.96
CA GLN F 27 11.66 -20.40 44.65
C GLN F 27 11.86 -19.97 46.09
N ASN F 28 11.26 -20.70 47.03
CA ASN F 28 11.38 -20.41 48.45
C ASN F 28 11.35 -21.74 49.21
N GLU F 29 11.31 -21.64 50.54
CA GLU F 29 11.34 -22.84 51.38
C GLU F 29 10.16 -23.75 51.12
N GLN F 30 9.10 -23.25 50.50
CA GLN F 30 7.91 -24.04 50.21
C GLN F 30 7.95 -24.69 48.83
N GLY F 31 9.03 -24.52 48.07
CA GLY F 31 9.16 -25.18 46.79
C GLY F 31 9.72 -24.24 45.75
N SER F 32 9.40 -24.53 44.49
CA SER F 32 9.87 -23.72 43.37
C SER F 32 9.02 -24.04 42.15
N GLY F 33 9.05 -23.13 41.18
CA GLY F 33 8.35 -23.36 39.94
C GLY F 33 8.23 -22.08 39.12
N TYR F 34 7.51 -22.21 38.00
CA TYR F 34 7.21 -21.11 37.11
C TYR F 34 5.71 -20.88 37.07
N ALA F 35 5.31 -19.62 36.95
CA ALA F 35 3.90 -19.28 36.93
C ALA F 35 3.70 -18.11 35.96
N ALA F 36 2.86 -18.33 34.95
CA ALA F 36 2.55 -17.28 33.99
C ALA F 36 1.60 -16.27 34.59
N ASP F 37 1.80 -15.00 34.25
CA ASP F 37 0.92 -13.93 34.71
C ASP F 37 -0.35 -13.94 33.87
N LEU F 38 -1.50 -14.10 34.52
CA LEU F 38 -2.75 -14.31 33.80
C LEU F 38 -3.16 -13.06 33.02
N LYS F 39 -3.15 -11.90 33.67
CA LYS F 39 -3.70 -10.69 33.04
C LYS F 39 -2.87 -10.27 31.84
N SER F 40 -1.54 -10.15 32.01
CA SER F 40 -0.70 -9.69 30.92
C SER F 40 -0.71 -10.67 29.75
N THR F 41 -0.61 -11.96 30.04
CA THR F 41 -0.64 -12.97 28.98
C THR F 41 -1.98 -12.95 28.24
N GLN F 42 -3.08 -12.83 28.98
CA GLN F 42 -4.39 -12.78 28.35
C GLN F 42 -4.53 -11.56 27.46
N ASN F 43 -4.08 -10.40 27.94
CA ASN F 43 -4.15 -9.19 27.12
C ASN F 43 -3.30 -9.31 25.86
N ALA F 44 -2.09 -9.84 26.00
CA ALA F 44 -1.22 -10.02 24.83
C ALA F 44 -1.84 -10.99 23.83
N ILE F 45 -2.41 -12.09 24.33
CA ILE F 45 -3.04 -13.07 23.44
C ILE F 45 -4.21 -12.43 22.71
N ASP F 46 -5.05 -11.68 23.43
CA ASP F 46 -6.19 -11.04 22.79
C ASP F 46 -5.75 -10.04 21.73
N LYS F 47 -4.73 -9.23 22.04
CA LYS F 47 -4.26 -8.24 21.07
C LYS F 47 -3.65 -8.89 19.84
N ILE F 48 -2.86 -9.95 20.02
CA ILE F 48 -2.27 -10.64 18.88
C ILE F 48 -3.35 -11.29 18.03
N THR F 49 -4.34 -11.91 18.67
CA THR F 49 -5.44 -12.53 17.93
C THR F 49 -6.22 -11.49 17.15
N ASN F 50 -6.47 -10.33 17.76
CA ASN F 50 -7.18 -9.25 17.06
C ASN F 50 -6.36 -8.76 15.89
N LYS F 51 -5.04 -8.64 16.05
CA LYS F 51 -4.19 -8.21 14.95
C LYS F 51 -4.26 -9.20 13.79
N VAL F 52 -4.17 -10.50 14.08
CA VAL F 52 -4.23 -11.50 13.03
C VAL F 52 -5.59 -11.48 12.34
N ASN F 53 -6.67 -11.37 13.13
CA ASN F 53 -8.00 -11.34 12.54
C ASN F 53 -8.20 -10.10 11.68
N SER F 54 -7.67 -8.95 12.11
CA SER F 54 -7.77 -7.74 11.31
C SER F 54 -6.99 -7.87 10.01
N VAL F 55 -5.79 -8.45 10.06
CA VAL F 55 -4.99 -8.61 8.86
C VAL F 55 -5.70 -9.54 7.87
N ILE F 56 -6.23 -10.66 8.37
CA ILE F 56 -6.87 -11.64 7.48
C ILE F 56 -8.19 -11.11 6.93
N GLU F 57 -8.99 -10.46 7.78
CA GLU F 57 -10.37 -10.16 7.43
C GLU F 57 -10.46 -8.99 6.45
N LYS F 58 -9.56 -8.02 6.56
CA LYS F 58 -9.67 -6.80 5.76
C LYS F 58 -9.48 -7.04 4.27
N MET F 59 -9.00 -8.22 3.87
CA MET F 59 -8.88 -8.53 2.46
C MET F 59 -10.26 -8.81 1.86
N ASN F 60 -10.89 -7.77 1.33
CA ASN F 60 -12.21 -7.93 0.73
C ASN F 60 -12.09 -8.70 -0.57
N THR F 61 -12.93 -9.72 -0.74
CA THR F 61 -12.90 -10.61 -1.89
C THR F 61 -14.24 -10.55 -2.61
N GLN F 62 -14.18 -10.60 -3.94
CA GLN F 62 -15.36 -10.59 -4.78
C GLN F 62 -15.25 -11.71 -5.80
N PHE F 63 -16.40 -12.20 -6.27
CA PHE F 63 -16.44 -13.26 -7.26
C PHE F 63 -15.94 -12.71 -8.59
N THR F 64 -14.70 -13.05 -8.93
CA THR F 64 -14.05 -12.55 -10.13
C THR F 64 -13.51 -13.72 -10.94
N ALA F 65 -13.11 -13.43 -12.17
CA ALA F 65 -12.55 -14.42 -13.09
C ALA F 65 -11.27 -13.82 -13.69
N VAL F 66 -10.14 -14.06 -13.03
CA VAL F 66 -8.86 -13.54 -13.49
C VAL F 66 -8.39 -14.37 -14.67
N GLY F 67 -8.05 -13.69 -15.77
CA GLY F 67 -7.60 -14.38 -16.96
C GLY F 67 -8.63 -14.36 -18.07
N LYS F 68 -8.35 -13.63 -19.14
CA LYS F 68 -9.24 -13.51 -20.28
C LYS F 68 -8.52 -13.96 -21.53
N GLU F 69 -9.17 -14.82 -22.31
CA GLU F 69 -8.61 -15.26 -23.58
C GLU F 69 -8.91 -14.24 -24.67
N PHE F 70 -7.96 -14.10 -25.60
CA PHE F 70 -8.09 -13.15 -26.70
C PHE F 70 -7.59 -13.78 -27.98
N ASN F 71 -8.08 -13.24 -29.10
CA ASN F 71 -7.68 -13.70 -30.41
C ASN F 71 -6.28 -13.18 -30.76
N HIS F 72 -5.71 -13.72 -31.84
CA HIS F 72 -4.39 -13.29 -32.27
C HIS F 72 -4.39 -11.83 -32.72
N LEU F 73 -5.46 -11.40 -33.39
CA LEU F 73 -5.53 -10.01 -33.84
C LEU F 73 -5.59 -9.05 -32.66
N GLU F 74 -6.32 -9.42 -31.61
CA GLU F 74 -6.47 -8.54 -30.45
C GLU F 74 -5.29 -8.68 -29.50
N LYS F 75 -4.07 -8.50 -30.02
CA LYS F 75 -2.88 -8.62 -29.18
C LYS F 75 -2.71 -7.41 -28.27
N ARG F 76 -3.20 -6.25 -28.70
CA ARG F 76 -3.08 -5.05 -27.86
C ARG F 76 -3.84 -5.20 -26.55
N ILE F 77 -5.06 -5.76 -26.62
CA ILE F 77 -5.85 -5.97 -25.41
C ILE F 77 -5.19 -7.01 -24.52
N GLU F 78 -4.59 -8.04 -25.12
CA GLU F 78 -3.86 -9.04 -24.35
C GLU F 78 -2.68 -8.42 -23.62
N ASN F 79 -1.94 -7.55 -24.32
CA ASN F 79 -0.81 -6.86 -23.68
C ASN F 79 -1.29 -5.96 -22.55
N LEU F 80 -2.42 -5.28 -22.76
CA LEU F 80 -2.98 -4.45 -21.69
C LEU F 80 -3.36 -5.28 -20.48
N ASN F 81 -3.99 -6.44 -20.72
CA ASN F 81 -4.35 -7.32 -19.61
C ASN F 81 -3.11 -7.83 -18.88
N LYS F 82 -2.07 -8.18 -19.63
CA LYS F 82 -0.82 -8.63 -19.01
C LYS F 82 -0.20 -7.52 -18.18
N LYS F 83 -0.21 -6.28 -18.69
CA LYS F 83 0.32 -5.16 -17.93
C LYS F 83 -0.46 -4.93 -16.65
N VAL F 84 -1.79 -5.00 -16.73
CA VAL F 84 -2.62 -4.82 -15.54
C VAL F 84 -2.32 -5.92 -14.52
N ASP F 85 -2.22 -7.17 -14.98
CA ASP F 85 -1.93 -8.27 -14.07
C ASP F 85 -0.57 -8.11 -13.42
N ASP F 86 0.44 -7.72 -14.20
CA ASP F 86 1.78 -7.52 -13.65
C ASP F 86 1.80 -6.39 -12.64
N GLY F 87 1.10 -5.29 -12.94
CA GLY F 87 1.03 -4.20 -11.99
C GLY F 87 0.36 -4.60 -10.69
N PHE F 88 -0.76 -5.31 -10.77
CA PHE F 88 -1.42 -5.81 -9.58
C PHE F 88 -0.52 -6.73 -8.78
N LEU F 89 0.19 -7.63 -9.47
CA LEU F 89 1.08 -8.57 -8.81
C LEU F 89 2.20 -7.84 -8.08
N ASP F 90 2.82 -6.84 -8.74
CA ASP F 90 3.90 -6.10 -8.12
C ASP F 90 3.40 -5.31 -6.91
N ILE F 91 2.25 -4.65 -7.05
CA ILE F 91 1.71 -3.87 -5.94
C ILE F 91 1.42 -4.79 -4.76
N TRP F 92 0.76 -5.91 -5.02
CA TRP F 92 0.43 -6.84 -3.92
C TRP F 92 1.67 -7.40 -3.26
N THR F 93 2.67 -7.79 -4.05
CA THR F 93 3.90 -8.34 -3.47
C THR F 93 4.61 -7.32 -2.60
N TYR F 94 4.77 -6.10 -3.12
CA TYR F 94 5.47 -5.06 -2.37
C TYR F 94 4.72 -4.73 -1.08
N ASN F 95 3.40 -4.54 -1.19
CA ASN F 95 2.61 -4.20 -0.02
C ASN F 95 2.63 -5.31 1.03
N ALA F 96 2.50 -6.56 0.58
CA ALA F 96 2.51 -7.68 1.52
C ALA F 96 3.86 -7.82 2.21
N GLU F 97 4.95 -7.67 1.47
CA GLU F 97 6.27 -7.77 2.08
C GLU F 97 6.47 -6.67 3.12
N LEU F 98 6.12 -5.43 2.76
CA LEU F 98 6.30 -4.33 3.70
C LEU F 98 5.41 -4.52 4.93
N LEU F 99 4.17 -4.96 4.72
CA LEU F 99 3.27 -5.18 5.85
C LEU F 99 3.79 -6.26 6.77
N VAL F 100 4.29 -7.37 6.21
CA VAL F 100 4.81 -8.45 7.04
C VAL F 100 6.01 -7.97 7.84
N LEU F 101 6.94 -7.26 7.20
CA LEU F 101 8.12 -6.79 7.91
C LEU F 101 7.74 -5.84 9.04
N LEU F 102 6.86 -4.87 8.75
CA LEU F 102 6.46 -3.90 9.75
C LEU F 102 5.73 -4.57 10.91
N GLU F 103 4.83 -5.51 10.61
CA GLU F 103 4.08 -6.19 11.66
C GLU F 103 5.01 -7.03 12.53
N ASN F 104 5.97 -7.72 11.94
CA ASN F 104 6.91 -8.51 12.73
C ASN F 104 7.74 -7.61 13.65
N GLU F 105 8.24 -6.50 13.10
CA GLU F 105 9.03 -5.58 13.92
C GLU F 105 8.20 -5.01 15.07
N ARG F 106 6.96 -4.61 14.78
CA ARG F 106 6.11 -4.05 15.82
C ARG F 106 5.76 -5.09 16.87
N THR F 107 5.54 -6.34 16.46
CA THR F 107 5.22 -7.38 17.43
C THR F 107 6.41 -7.67 18.35
N LEU F 108 7.62 -7.73 17.78
CA LEU F 108 8.80 -7.94 18.63
C LEU F 108 8.99 -6.77 19.59
N ASP F 109 8.82 -5.53 19.10
CA ASP F 109 8.95 -4.37 19.97
C ASP F 109 7.89 -4.39 21.06
N TYR F 110 6.67 -4.80 20.72
CA TYR F 110 5.60 -4.86 21.70
C TYR F 110 5.87 -5.90 22.77
N HIS F 111 6.41 -7.06 22.38
CA HIS F 111 6.78 -8.07 23.37
C HIS F 111 7.88 -7.55 24.31
N ASP F 112 8.90 -6.91 23.75
CA ASP F 112 9.95 -6.34 24.58
C ASP F 112 9.39 -5.28 25.52
N SER F 113 8.47 -4.45 25.02
CA SER F 113 7.86 -3.42 25.85
C SER F 113 7.03 -4.04 26.97
N ASN F 114 6.33 -5.14 26.68
CA ASN F 114 5.56 -5.82 27.71
C ASN F 114 6.48 -6.36 28.81
N VAL F 115 7.59 -6.97 28.41
CA VAL F 115 8.53 -7.49 29.42
C VAL F 115 9.08 -6.34 30.26
N LYS F 116 9.45 -5.24 29.61
CA LYS F 116 9.97 -4.09 30.34
C LYS F 116 8.92 -3.50 31.28
N ASN F 117 7.67 -3.44 30.82
CA ASN F 117 6.60 -2.92 31.65
C ASN F 117 6.35 -3.80 32.87
N LEU F 118 6.39 -5.12 32.70
CA LEU F 118 6.24 -6.00 33.85
C LEU F 118 7.38 -5.80 34.84
N TYR F 119 8.61 -5.70 34.35
CA TYR F 119 9.74 -5.48 35.23
C TYR F 119 9.61 -4.16 35.98
N GLU F 120 9.21 -3.10 35.27
CA GLU F 120 9.04 -1.80 35.90
C GLU F 120 7.90 -1.83 36.92
N LYS F 121 6.83 -2.56 36.63
CA LYS F 121 5.73 -2.68 37.58
C LYS F 121 6.19 -3.36 38.85
N VAL F 122 6.96 -4.44 38.74
CA VAL F 122 7.46 -5.13 39.92
C VAL F 122 8.36 -4.20 40.73
N ARG F 123 9.29 -3.53 40.05
CA ARG F 123 10.22 -2.65 40.75
C ARG F 123 9.49 -1.50 41.43
N ASN F 124 8.47 -0.94 40.76
CA ASN F 124 7.68 0.13 41.37
C ASN F 124 6.89 -0.39 42.56
N GLN F 125 6.41 -1.63 42.49
CA GLN F 125 5.67 -2.19 43.62
C GLN F 125 6.57 -2.38 44.83
N LEU F 126 7.82 -2.80 44.63
CA LEU F 126 8.70 -3.05 45.79
C LEU F 126 9.53 -1.83 46.12
N LYS F 127 10.42 -1.43 45.22
CA LYS F 127 11.21 -0.20 45.26
C LYS F 127 12.29 -0.19 46.34
N ASN F 128 12.19 -1.07 47.34
CA ASN F 128 13.27 -1.20 48.31
C ASN F 128 13.45 -2.64 48.77
N ASN F 129 12.44 -3.47 48.54
CA ASN F 129 12.37 -4.78 49.18
C ASN F 129 13.23 -5.83 48.50
N ALA F 130 13.59 -5.63 47.25
CA ALA F 130 14.30 -6.63 46.47
C ALA F 130 15.58 -6.04 45.91
N LYS F 131 16.71 -6.65 46.25
CA LYS F 131 17.97 -6.30 45.61
C LYS F 131 17.95 -6.79 44.16
N GLU F 132 18.45 -5.93 43.26
CA GLU F 132 18.48 -6.23 41.84
C GLU F 132 19.82 -6.83 41.46
N ILE F 133 19.79 -7.97 40.77
CA ILE F 133 21.02 -8.62 40.35
C ILE F 133 21.51 -8.11 39.00
N GLY F 134 20.63 -7.52 38.19
CA GLY F 134 20.98 -7.04 36.87
C GLY F 134 20.56 -7.94 35.73
N ASN F 135 20.18 -9.19 36.01
CA ASN F 135 19.72 -10.12 35.00
C ASN F 135 18.20 -10.28 35.02
N GLY F 136 17.49 -9.33 35.61
CA GLY F 136 16.04 -9.39 35.71
C GLY F 136 15.51 -10.07 36.96
N CYS F 137 16.38 -10.66 37.77
CA CYS F 137 15.95 -11.35 38.98
C CYS F 137 15.90 -10.39 40.16
N PHE F 138 15.19 -10.81 41.20
CA PHE F 138 15.05 -10.05 42.44
C PHE F 138 15.39 -10.93 43.62
N GLU F 139 16.10 -10.37 44.60
CA GLU F 139 16.44 -11.07 45.83
C GLU F 139 15.74 -10.37 46.99
N PHE F 140 14.76 -11.05 47.60
CA PHE F 140 13.99 -10.43 48.67
C PHE F 140 14.81 -10.40 49.96
N TYR F 141 14.95 -9.20 50.53
CA TYR F 141 15.64 -9.08 51.82
C TYR F 141 14.85 -9.76 52.94
N HIS F 142 13.53 -9.58 52.95
CA HIS F 142 12.69 -10.17 53.97
C HIS F 142 12.22 -11.56 53.56
N LYS F 143 11.84 -12.36 54.54
CA LYS F 143 11.35 -13.71 54.26
C LYS F 143 10.02 -13.64 53.52
N CYS F 144 9.90 -14.41 52.45
CA CYS F 144 8.71 -14.41 51.61
C CYS F 144 8.20 -15.82 51.46
N ASP F 145 6.90 -16.01 51.69
CA ASP F 145 6.26 -17.31 51.59
C ASP F 145 5.47 -17.39 50.27
N ASN F 146 4.68 -18.46 50.13
CA ASN F 146 3.85 -18.59 48.94
C ASN F 146 2.82 -17.46 48.86
N THR F 147 2.24 -17.07 50.00
CA THR F 147 1.27 -15.98 50.00
C THR F 147 1.91 -14.68 49.52
N CYS F 148 3.13 -14.40 49.97
CA CYS F 148 3.83 -13.19 49.53
C CYS F 148 4.09 -13.22 48.03
N MET F 149 4.52 -14.37 47.51
CA MET F 149 4.74 -14.49 46.07
C MET F 149 3.45 -14.29 45.28
N GLU F 150 2.36 -14.87 45.76
CA GLU F 150 1.08 -14.70 45.09
C GLU F 150 0.63 -13.25 45.11
N SER F 151 0.83 -12.57 46.24
CA SER F 151 0.47 -11.16 46.34
C SER F 151 1.31 -10.30 45.39
N VAL F 152 2.61 -10.61 45.29
CA VAL F 152 3.47 -9.85 44.39
C VAL F 152 3.04 -10.07 42.94
N LYS F 153 2.78 -11.32 42.56
CA LYS F 153 2.38 -11.61 41.19
C LYS F 153 1.03 -10.98 40.86
N ASN F 154 0.09 -11.02 41.80
CA ASN F 154 -1.24 -10.47 41.56
C ASN F 154 -1.23 -8.94 41.51
N GLY F 155 -0.23 -8.31 42.13
CA GLY F 155 -0.14 -6.87 42.16
C GLY F 155 -0.72 -6.21 43.39
N THR F 156 -1.14 -6.99 44.40
CA THR F 156 -1.72 -6.44 45.62
C THR F 156 -0.73 -6.47 46.78
N TYR F 157 0.57 -6.39 46.48
CA TYR F 157 1.58 -6.40 47.53
C TYR F 157 1.47 -5.14 48.38
N ASP F 158 1.60 -5.31 49.69
CA ASP F 158 1.50 -4.21 50.64
C ASP F 158 2.90 -3.80 51.07
N TYR F 159 3.27 -2.56 50.72
CA TYR F 159 4.61 -2.06 51.06
C TYR F 159 4.87 -1.98 52.56
N PRO F 160 4.04 -1.32 53.37
CA PRO F 160 4.39 -1.15 54.78
C PRO F 160 4.34 -2.44 55.60
N LYS F 161 3.66 -3.48 55.11
CA LYS F 161 3.58 -4.72 55.87
C LYS F 161 4.95 -5.37 56.03
N TYR F 162 5.76 -5.35 54.98
CA TYR F 162 7.09 -5.95 55.00
C TYR F 162 8.21 -4.93 54.86
N SER F 163 7.90 -3.64 54.83
CA SER F 163 8.95 -2.63 54.69
C SER F 163 9.90 -2.66 55.89
N GLU F 164 9.36 -2.80 57.10
CA GLU F 164 10.22 -2.83 58.28
C GLU F 164 11.15 -4.02 58.26
N GLU F 165 10.63 -5.21 57.90
CA GLU F 165 11.46 -6.40 57.84
C GLU F 165 12.53 -6.26 56.75
N ALA F 166 12.15 -5.72 55.60
CA ALA F 166 13.12 -5.53 54.52
C ALA F 166 14.22 -4.57 54.93
N LYS F 167 13.85 -3.47 55.60
CA LYS F 167 14.85 -2.52 56.07
C LYS F 167 15.78 -3.16 57.10
N LEU F 168 15.22 -3.94 58.03
CA LEU F 168 16.03 -4.59 59.04
C LEU F 168 17.00 -5.58 58.41
N ASN F 169 16.55 -6.35 57.41
CA ASN F 169 17.43 -7.30 56.74
C ASN F 169 18.49 -6.58 55.91
N ARG F 170 18.13 -5.47 55.27
CA ARG F 170 19.08 -4.74 54.44
C ARG F 170 20.15 -4.05 55.28
N GLU F 171 19.78 -3.52 56.44
CA GLU F 171 20.76 -2.86 57.29
C GLU F 171 21.72 -3.83 57.96
N LYS F 172 21.46 -5.14 57.87
CA LYS F 172 22.37 -6.11 58.46
C LYS F 172 23.75 -6.07 57.82
N ILE F 173 23.81 -5.94 56.50
CA ILE F 173 25.08 -5.86 55.79
C ILE F 173 25.56 -4.41 55.71
N GLU G 1 -4.75 -42.61 23.86
CA GLU G 1 -5.43 -42.69 25.15
C GLU G 1 -4.46 -42.54 26.30
N VAL G 2 -4.67 -41.51 27.13
CA VAL G 2 -3.80 -41.27 28.27
C VAL G 2 -4.08 -42.32 29.34
N GLN G 3 -3.06 -42.58 30.16
CA GLN G 3 -3.17 -43.56 31.25
C GLN G 3 -2.78 -42.89 32.56
N LEU G 4 -3.60 -43.10 33.59
CA LEU G 4 -3.37 -42.54 34.90
C LEU G 4 -3.39 -43.65 35.94
N VAL G 5 -2.38 -43.68 36.80
CA VAL G 5 -2.26 -44.67 37.86
C VAL G 5 -2.25 -43.95 39.19
N GLU G 6 -3.14 -44.35 40.10
CA GLU G 6 -3.27 -43.73 41.41
C GLU G 6 -2.97 -44.75 42.50
N SER G 7 -2.25 -44.31 43.53
CA SER G 7 -1.85 -45.22 44.60
C SER G 7 -1.70 -44.42 45.90
N GLY G 8 -1.62 -45.16 47.01
CA GLY G 8 -1.45 -44.56 48.31
C GLY G 8 -2.66 -44.61 49.21
N GLY G 9 -3.74 -45.28 48.81
CA GLY G 9 -4.91 -45.38 49.66
C GLY G 9 -4.73 -46.38 50.79
N GLY G 10 -5.68 -46.36 51.71
CA GLY G 10 -5.67 -47.26 52.84
C GLY G 10 -6.42 -46.66 54.01
N LEU G 11 -6.17 -47.21 55.19
CA LEU G 11 -6.81 -46.78 56.43
C LEU G 11 -5.80 -46.03 57.28
N ALA G 12 -6.18 -44.83 57.74
CA ALA G 12 -5.33 -44.02 58.59
C ALA G 12 -6.14 -43.51 59.77
N LYS G 13 -5.53 -43.51 60.94
CA LYS G 13 -6.19 -43.04 62.14
C LYS G 13 -6.38 -41.52 62.09
N PRO G 14 -7.38 -40.99 62.79
CA PRO G 14 -7.57 -39.54 62.82
C PRO G 14 -6.36 -38.82 63.40
N GLY G 15 -6.07 -37.65 62.83
CA GLY G 15 -4.92 -36.87 63.27
C GLY G 15 -3.59 -37.31 62.70
N GLY G 16 -3.58 -38.27 61.78
CA GLY G 16 -2.36 -38.76 61.17
C GLY G 16 -2.03 -38.07 59.88
N SER G 17 -1.23 -38.76 59.06
CA SER G 17 -0.78 -38.22 57.79
C SER G 17 -0.89 -39.30 56.72
N LEU G 18 -1.00 -38.85 55.46
CA LEU G 18 -1.17 -39.77 54.35
C LEU G 18 -0.55 -39.17 53.10
N ARG G 19 -0.19 -40.04 52.15
CA ARG G 19 0.42 -39.63 50.90
C ARG G 19 -0.29 -40.33 49.74
N LEU G 20 -0.58 -39.58 48.69
CA LEU G 20 -1.17 -40.11 47.47
C LEU G 20 -0.26 -39.82 46.29
N SER G 21 -0.09 -40.82 45.42
CA SER G 21 0.79 -40.72 44.27
C SER G 21 0.00 -40.92 42.99
N CYS G 22 0.27 -40.06 42.01
CA CYS G 22 -0.39 -40.10 40.70
C CYS G 22 0.69 -40.13 39.62
N ALA G 23 0.61 -41.12 38.75
CA ALA G 23 1.52 -41.26 37.62
C ALA G 23 0.74 -41.16 36.32
N ALA G 24 1.32 -40.49 35.34
CA ALA G 24 0.67 -40.23 34.07
C ALA G 24 1.54 -40.74 32.92
N SER G 25 0.88 -41.21 31.87
CA SER G 25 1.57 -41.67 30.68
C SER G 25 0.70 -41.43 29.46
N GLY G 26 1.33 -41.38 28.29
CA GLY G 26 0.65 -41.11 27.05
C GLY G 26 0.57 -39.65 26.66
N PHE G 27 1.03 -38.74 27.52
CA PHE G 27 1.02 -37.32 27.20
C PHE G 27 2.13 -36.64 27.98
N THR G 28 2.53 -35.46 27.50
CA THR G 28 3.57 -34.68 28.16
C THR G 28 3.04 -34.16 29.49
N PHE G 29 3.61 -34.66 30.58
CA PHE G 29 3.12 -34.30 31.91
C PHE G 29 3.49 -32.87 32.30
N SER G 30 4.49 -32.28 31.65
CA SER G 30 4.95 -30.95 32.00
C SER G 30 4.19 -29.83 31.30
N THR G 31 3.31 -30.16 30.36
CA THR G 31 2.57 -29.15 29.60
C THR G 31 1.08 -29.10 29.97
N TYR G 32 0.64 -29.89 30.94
CA TYR G 32 -0.76 -29.91 31.36
C TYR G 32 -0.85 -29.85 32.87
N ALA G 33 -1.75 -29.01 33.37
CA ALA G 33 -1.95 -28.87 34.80
C ALA G 33 -2.70 -30.09 35.35
N MET G 34 -2.68 -30.22 36.67
CA MET G 34 -3.26 -31.38 37.34
C MET G 34 -4.21 -30.93 38.44
N HIS G 35 -5.18 -31.79 38.76
CA HIS G 35 -6.17 -31.53 39.79
C HIS G 35 -6.44 -32.79 40.60
N TRP G 36 -6.61 -32.60 41.91
CA TRP G 36 -7.11 -33.64 42.81
C TRP G 36 -8.52 -33.26 43.23
N VAL G 37 -9.48 -34.15 42.98
CA VAL G 37 -10.89 -33.91 43.28
C VAL G 37 -11.43 -35.09 44.08
N ARG G 38 -12.09 -34.81 45.19
CA ARG G 38 -12.63 -35.85 46.04
C ARG G 38 -14.14 -35.99 45.84
N GLN G 39 -14.64 -37.18 46.15
CA GLN G 39 -16.07 -37.47 46.10
C GLN G 39 -16.44 -38.27 47.34
N ALA G 40 -17.40 -37.75 48.11
CA ALA G 40 -17.86 -38.46 49.29
C ALA G 40 -18.67 -39.70 48.88
N PRO G 41 -18.66 -40.74 49.71
CA PRO G 41 -19.44 -41.94 49.39
C PRO G 41 -20.94 -41.64 49.43
N GLY G 42 -21.59 -41.79 48.28
CA GLY G 42 -23.01 -41.52 48.17
C GLY G 42 -23.38 -40.07 47.97
N LYS G 43 -22.41 -39.18 47.85
CA LYS G 43 -22.65 -37.75 47.66
C LYS G 43 -22.06 -37.30 46.33
N GLY G 44 -22.09 -35.99 46.09
CA GLY G 44 -21.59 -35.43 44.86
C GLY G 44 -20.10 -35.19 44.88
N LEU G 45 -19.61 -34.65 43.75
CA LEU G 45 -18.19 -34.36 43.61
C LEU G 45 -17.82 -33.12 44.42
N GLU G 46 -16.52 -32.98 44.68
CA GLU G 46 -16.00 -31.83 45.43
C GLU G 46 -14.56 -31.61 45.03
N TRP G 47 -14.31 -30.54 44.27
CA TRP G 47 -12.95 -30.18 43.90
C TRP G 47 -12.13 -29.85 45.14
N ILE G 48 -10.91 -30.38 45.20
CA ILE G 48 -10.04 -30.22 46.36
C ILE G 48 -8.89 -29.27 46.07
N SER G 49 -8.05 -29.60 45.11
CA SER G 49 -6.85 -28.79 44.89
C SER G 49 -6.34 -28.99 43.47
N GLY G 50 -5.37 -28.17 43.10
CA GLY G 50 -4.77 -28.28 41.78
C GLY G 50 -3.42 -27.61 41.72
N ILE G 51 -2.67 -27.94 40.66
CA ILE G 51 -1.35 -27.37 40.43
C ILE G 51 -1.18 -27.11 38.94
N ASN G 52 -0.44 -26.06 38.62
CA ASN G 52 -0.26 -25.62 37.25
C ASN G 52 0.63 -26.60 36.47
N SER G 53 0.61 -26.47 35.15
CA SER G 53 1.41 -27.34 34.29
C SER G 53 2.89 -27.16 34.59
N GLY G 54 3.35 -25.92 34.74
CA GLY G 54 4.74 -25.66 35.04
C GLY G 54 5.00 -25.52 36.52
N GLY G 55 4.04 -25.97 37.33
CA GLY G 55 4.17 -25.81 38.77
C GLY G 55 4.05 -24.35 39.16
N GLY G 56 4.66 -24.01 40.30
CA GLY G 56 4.75 -22.63 40.74
C GLY G 56 3.43 -21.94 41.02
N SER G 57 2.32 -22.65 40.88
CA SER G 57 1.00 -22.08 41.09
C SER G 57 0.10 -23.18 41.64
N THR G 58 -0.06 -23.21 42.96
CA THR G 58 -0.87 -24.20 43.65
C THR G 58 -2.17 -23.56 44.11
N TRP G 59 -3.29 -24.18 43.76
CA TRP G 59 -4.62 -23.67 44.09
C TRP G 59 -5.28 -24.62 45.08
N TYR G 60 -5.73 -24.07 46.21
CA TYR G 60 -6.40 -24.83 47.25
C TYR G 60 -7.71 -24.15 47.62
N THR G 61 -8.64 -24.95 48.14
CA THR G 61 -9.89 -24.43 48.63
C THR G 61 -9.76 -24.04 50.10
N ALA G 62 -10.79 -23.36 50.61
CA ALA G 62 -10.74 -22.84 51.97
C ALA G 62 -10.68 -23.95 53.01
N SER G 63 -11.17 -25.14 52.68
CA SER G 63 -11.24 -26.24 53.64
C SER G 63 -9.96 -27.05 53.70
N VAL G 64 -8.99 -26.80 52.81
CA VAL G 64 -7.76 -27.58 52.76
C VAL G 64 -6.51 -26.72 52.93
N LYS G 65 -6.65 -25.39 53.01
CA LYS G 65 -5.49 -24.52 53.16
C LYS G 65 -4.76 -24.83 54.47
N GLY G 66 -3.45 -24.96 54.39
CA GLY G 66 -2.64 -25.30 55.53
C GLY G 66 -2.66 -26.77 55.92
N ARG G 67 -3.34 -27.61 55.15
CA ARG G 67 -3.47 -29.03 55.47
C ARG G 67 -2.93 -29.94 54.38
N PHE G 68 -3.14 -29.60 53.11
CA PHE G 68 -2.70 -30.42 52.00
C PHE G 68 -1.57 -29.75 51.24
N THR G 69 -0.63 -30.57 50.76
CA THR G 69 0.53 -30.08 50.02
C THR G 69 0.64 -30.84 48.71
N ILE G 70 0.96 -30.12 47.64
CA ILE G 70 1.08 -30.69 46.30
C ILE G 70 2.51 -30.51 45.82
N SER G 71 3.11 -31.58 45.31
CA SER G 71 4.46 -31.54 44.77
C SER G 71 4.53 -32.40 43.52
N ARG G 72 4.92 -31.80 42.40
CA ARG G 72 4.99 -32.51 41.13
C ARG G 72 6.42 -32.55 40.63
N ASP G 73 6.77 -33.66 39.98
CA ASP G 73 8.09 -33.85 39.36
C ASP G 73 7.87 -34.18 37.90
N ASN G 74 8.31 -33.27 37.03
CA ASN G 74 8.15 -33.49 35.59
C ASN G 74 9.13 -34.52 35.05
N SER G 75 10.32 -34.62 35.65
CA SER G 75 11.29 -35.61 35.20
C SER G 75 10.76 -37.02 35.39
N LYS G 76 10.14 -37.30 36.53
CA LYS G 76 9.50 -38.60 36.77
C LYS G 76 8.05 -38.63 36.36
N SER G 77 7.48 -37.49 35.96
CA SER G 77 6.06 -37.38 35.60
C SER G 77 5.17 -37.90 36.73
N THR G 78 5.49 -37.48 37.96
CA THR G 78 4.78 -37.95 39.15
C THR G 78 4.19 -36.76 39.90
N LEU G 79 3.12 -37.05 40.64
CA LEU G 79 2.45 -36.05 41.46
C LEU G 79 2.21 -36.63 42.85
N SER G 80 2.55 -35.88 43.88
CA SER G 80 2.41 -36.31 45.26
C SER G 80 1.52 -35.33 46.01
N LEU G 81 0.49 -35.86 46.68
CA LEU G 81 -0.42 -35.08 47.50
C LEU G 81 -0.28 -35.57 48.94
N GLN G 82 0.22 -34.70 49.81
CA GLN G 82 0.43 -35.02 51.21
C GLN G 82 -0.68 -34.40 52.05
N MET G 83 -1.35 -35.23 52.84
CA MET G 83 -2.45 -34.80 53.70
C MET G 83 -2.02 -34.94 55.15
N ASN G 84 -2.24 -33.88 55.93
CA ASN G 84 -1.89 -33.85 57.34
C ASN G 84 -3.10 -33.45 58.16
N SER G 85 -3.11 -33.87 59.43
CA SER G 85 -4.22 -33.64 60.34
C SER G 85 -5.53 -34.17 59.76
N LEU G 86 -5.54 -35.48 59.53
CA LEU G 86 -6.70 -36.13 58.92
C LEU G 86 -7.91 -36.10 59.85
N ARG G 87 -9.09 -36.04 59.25
CA ARG G 87 -10.35 -36.02 59.97
C ARG G 87 -11.29 -37.06 59.40
N THR G 88 -12.38 -37.32 60.12
CA THR G 88 -13.36 -38.29 59.65
C THR G 88 -14.04 -37.83 58.36
N GLU G 89 -14.08 -36.52 58.12
CA GLU G 89 -14.67 -36.00 56.89
C GLU G 89 -13.81 -36.31 55.68
N ASP G 90 -12.53 -36.63 55.87
CA ASP G 90 -11.63 -36.89 54.75
C ASP G 90 -11.91 -38.22 54.06
N THR G 91 -12.70 -39.10 54.66
CA THR G 91 -13.03 -40.38 54.04
C THR G 91 -13.82 -40.17 52.76
N ALA G 92 -13.19 -40.46 51.62
CA ALA G 92 -13.80 -40.21 50.31
C ALA G 92 -12.93 -40.89 49.25
N VAL G 93 -13.38 -40.81 48.01
CA VAL G 93 -12.63 -41.34 46.87
C VAL G 93 -12.00 -40.16 46.14
N TYR G 94 -10.68 -40.17 46.03
CA TYR G 94 -9.94 -39.10 45.37
C TYR G 94 -9.58 -39.49 43.95
N TYR G 95 -9.58 -38.50 43.07
CA TYR G 95 -9.31 -38.68 41.66
C TYR G 95 -8.26 -37.68 41.21
N CYS G 96 -7.28 -38.15 40.46
CA CYS G 96 -6.23 -37.33 39.87
C CYS G 96 -6.54 -37.16 38.38
N ALA G 97 -6.67 -35.90 37.94
CA ALA G 97 -7.10 -35.64 36.58
C ALA G 97 -6.23 -34.55 35.97
N LYS G 98 -6.20 -34.53 34.64
CA LYS G 98 -5.50 -33.50 33.88
C LYS G 98 -6.46 -32.38 33.50
N ASP G 99 -5.89 -31.25 33.08
CA ASP G 99 -6.67 -30.08 32.72
C ASP G 99 -6.78 -29.95 31.21
N GLY G 100 -7.58 -28.97 30.79
CA GLY G 100 -7.74 -28.67 29.37
C GLY G 100 -6.76 -27.61 28.92
N GLY G 101 -6.25 -27.78 27.71
CA GLY G 101 -5.27 -26.86 27.14
C GLY G 101 -5.77 -26.26 25.84
N ASN G 102 -5.86 -24.94 25.81
CA ASN G 102 -6.20 -24.22 24.59
C ASN G 102 -4.92 -23.94 23.80
N ALA G 103 -4.93 -24.32 22.53
CA ALA G 103 -3.77 -24.14 21.67
C ALA G 103 -3.86 -22.77 21.02
N ILE G 104 -3.07 -21.82 21.51
CA ILE G 104 -3.06 -20.45 20.99
C ILE G 104 -1.63 -20.16 20.56
N PHE G 105 -1.39 -20.18 19.24
CA PHE G 105 -0.09 -19.88 18.67
C PHE G 105 1.00 -20.77 19.27
N GLY G 106 0.70 -22.05 19.40
CA GLY G 106 1.65 -23.00 19.97
C GLY G 106 1.75 -22.96 21.48
N LEU G 107 0.96 -22.13 22.14
CA LEU G 107 0.98 -22.00 23.59
C LEU G 107 -0.22 -22.74 24.19
N VAL G 108 0.02 -23.44 25.29
CA VAL G 108 -1.01 -24.21 25.98
C VAL G 108 -1.55 -23.35 27.11
N ILE G 109 -2.72 -22.75 26.91
CA ILE G 109 -3.38 -21.95 27.92
C ILE G 109 -4.23 -22.88 28.79
N THR G 110 -3.99 -22.83 30.10
CA THR G 110 -4.73 -23.69 31.03
C THR G 110 -6.18 -23.23 31.13
N ASN G 111 -7.12 -24.17 30.98
CA ASN G 111 -8.53 -23.90 31.14
C ASN G 111 -9.04 -24.71 32.34
N TYR G 112 -9.74 -24.03 33.24
CA TYR G 112 -10.20 -24.69 34.47
C TYR G 112 -11.23 -25.77 34.14
N GLY G 113 -10.83 -27.02 34.28
CA GLY G 113 -11.69 -28.14 33.96
C GLY G 113 -10.89 -29.41 33.86
N LEU G 114 -11.61 -30.52 33.76
CA LEU G 114 -11.00 -31.85 33.70
C LEU G 114 -11.43 -32.55 32.43
N ASP G 115 -10.45 -33.05 31.67
CA ASP G 115 -10.72 -33.77 30.43
C ASP G 115 -10.77 -35.28 30.65
N SER G 116 -9.69 -35.85 31.18
CA SER G 116 -9.60 -37.29 31.43
C SER G 116 -9.35 -37.52 32.91
N TRP G 117 -10.16 -38.38 33.52
CA TRP G 117 -10.04 -38.69 34.93
C TRP G 117 -9.16 -39.92 35.15
N GLY G 118 -8.83 -40.18 36.40
CA GLY G 118 -8.02 -41.33 36.76
C GLY G 118 -8.87 -42.57 37.02
N GLN G 119 -8.66 -43.19 38.17
CA GLN G 119 -9.42 -44.38 38.55
C GLN G 119 -10.12 -44.23 39.89
N GLY G 120 -9.49 -43.59 40.87
CA GLY G 120 -10.10 -43.38 42.17
C GLY G 120 -9.42 -44.17 43.27
N ALA G 121 -8.99 -43.48 44.32
CA ALA G 121 -8.37 -44.10 45.48
C ALA G 121 -9.21 -43.78 46.71
N VAL G 122 -9.58 -44.82 47.45
CA VAL G 122 -10.46 -44.68 48.61
C VAL G 122 -9.61 -44.43 49.84
N VAL G 123 -9.94 -43.38 50.58
CA VAL G 123 -9.26 -43.03 51.83
C VAL G 123 -10.32 -43.04 52.93
N THR G 124 -10.07 -43.83 53.97
CA THR G 124 -10.99 -43.98 55.09
C THR G 124 -10.28 -43.61 56.39
N VAL G 125 -11.01 -42.92 57.26
CA VAL G 125 -10.45 -42.50 58.55
C VAL G 125 -11.30 -43.04 59.69
N SER H 2 -19.78 -17.98 46.42
CA SER H 2 -20.81 -18.42 45.48
C SER H 2 -21.12 -19.89 45.65
N VAL H 3 -22.35 -20.29 45.28
CA VAL H 3 -22.79 -21.67 45.37
C VAL H 3 -23.49 -22.04 44.07
N LEU H 4 -23.55 -23.35 43.82
CA LEU H 4 -24.20 -23.89 42.64
C LEU H 4 -25.40 -24.73 43.08
N THR H 5 -26.53 -24.54 42.41
CA THR H 5 -27.77 -25.24 42.72
C THR H 5 -28.23 -26.03 41.50
N GLN H 6 -28.66 -27.27 41.74
CA GLN H 6 -29.17 -28.15 40.70
C GLN H 6 -30.43 -28.83 41.20
N PRO H 7 -31.31 -29.24 40.30
CA PRO H 7 -32.48 -30.04 40.71
C PRO H 7 -32.06 -31.34 41.34
N PRO H 8 -32.78 -31.80 42.36
CA PRO H 8 -32.37 -33.05 43.04
C PRO H 8 -32.36 -34.26 42.11
N SER H 9 -33.29 -34.33 41.17
CA SER H 9 -33.38 -35.47 40.27
C SER H 9 -34.17 -35.08 39.03
N ALA H 10 -34.06 -35.91 38.00
CA ALA H 10 -34.78 -35.72 36.75
C ALA H 10 -35.36 -37.05 36.31
N SER H 11 -36.47 -36.97 35.56
CA SER H 11 -37.17 -38.15 35.07
C SER H 11 -37.49 -37.98 33.59
N GLY H 12 -37.64 -39.10 32.90
CA GLY H 12 -37.97 -39.08 31.49
C GLY H 12 -38.17 -40.47 30.91
N ALA H 13 -39.20 -40.62 30.07
CA ALA H 13 -39.45 -41.90 29.43
C ALA H 13 -38.36 -42.19 28.39
N PRO H 14 -38.08 -43.47 28.15
CA PRO H 14 -37.06 -43.82 27.14
C PRO H 14 -37.47 -43.31 25.75
N GLY H 15 -36.48 -42.86 25.00
CA GLY H 15 -36.69 -42.32 23.67
C GLY H 15 -37.07 -40.85 23.63
N GLN H 16 -37.27 -40.21 24.77
CA GLN H 16 -37.62 -38.80 24.85
C GLN H 16 -36.38 -37.97 25.12
N SER H 17 -36.58 -36.68 25.39
CA SER H 17 -35.50 -35.76 25.69
C SER H 17 -35.70 -35.17 27.08
N VAL H 18 -34.58 -34.95 27.78
CA VAL H 18 -34.59 -34.39 29.13
C VAL H 18 -33.68 -33.18 29.17
N THR H 19 -33.95 -32.29 30.12
CA THR H 19 -33.22 -31.04 30.27
C THR H 19 -32.76 -30.89 31.72
N ILE H 20 -31.51 -30.48 31.89
CA ILE H 20 -30.91 -30.25 33.20
C ILE H 20 -30.43 -28.81 33.25
N SER H 21 -30.74 -28.12 34.34
CA SER H 21 -30.45 -26.70 34.49
C SER H 21 -29.38 -26.49 35.55
N CYS H 22 -28.48 -25.55 35.29
CA CYS H 22 -27.40 -25.19 36.21
C CYS H 22 -27.40 -23.67 36.38
N SER H 23 -27.32 -23.21 37.62
CA SER H 23 -27.39 -21.79 37.95
C SER H 23 -26.29 -21.43 38.93
N GLY H 24 -25.91 -20.17 38.93
CA GLY H 24 -24.88 -19.69 39.83
C GLY H 24 -24.87 -18.19 39.90
N SER H 25 -23.84 -17.66 40.56
CA SER H 25 -23.70 -16.22 40.71
C SER H 25 -23.42 -15.57 39.35
N SER H 26 -24.02 -14.40 39.12
CA SER H 26 -23.87 -13.73 37.84
C SER H 26 -22.48 -13.16 37.64
N SER H 27 -21.76 -12.87 38.73
CA SER H 27 -20.45 -12.24 38.61
C SER H 27 -19.44 -13.14 37.92
N ASN H 28 -19.43 -14.43 38.26
CA ASN H 28 -18.43 -15.35 37.75
C ASN H 28 -18.93 -16.26 36.66
N PHE H 29 -20.21 -16.65 36.69
CA PHE H 29 -20.73 -17.59 35.70
C PHE H 29 -20.69 -17.00 34.29
N GLY H 30 -21.07 -15.73 34.15
CA GLY H 30 -21.09 -15.12 32.83
C GLY H 30 -19.71 -14.96 32.23
N SER H 31 -18.74 -14.52 33.04
CA SER H 31 -17.40 -14.27 32.52
C SER H 31 -16.70 -15.57 32.14
N ASN H 32 -16.75 -16.57 33.03
CA ASN H 32 -16.06 -17.83 32.81
C ASN H 32 -16.95 -18.79 32.01
N HIS H 33 -16.47 -20.01 31.84
CA HIS H 33 -17.18 -21.05 31.11
C HIS H 33 -17.73 -22.10 32.07
N VAL H 34 -18.48 -23.05 31.52
CA VAL H 34 -19.13 -24.08 32.30
C VAL H 34 -18.82 -25.44 31.68
N TYR H 35 -18.90 -26.47 32.50
CA TYR H 35 -18.65 -27.84 32.04
C TYR H 35 -19.69 -28.77 32.62
N TRP H 36 -20.14 -29.73 31.82
CA TRP H 36 -21.06 -30.77 32.26
C TRP H 36 -20.34 -32.11 32.21
N TYR H 37 -20.35 -32.82 33.34
CA TYR H 37 -19.70 -34.12 33.49
C TYR H 37 -20.74 -35.20 33.75
N GLN H 38 -20.45 -36.41 33.28
CA GLN H 38 -21.29 -37.57 33.51
C GLN H 38 -20.51 -38.62 34.29
N GLN H 39 -21.12 -39.13 35.36
CA GLN H 39 -20.53 -40.18 36.19
C GLN H 39 -21.49 -41.35 36.27
N LEU H 40 -20.98 -42.55 36.04
CA LEU H 40 -21.78 -43.76 36.14
C LEU H 40 -21.83 -44.22 37.60
N SER H 41 -22.39 -45.41 37.83
CA SER H 41 -22.47 -45.97 39.17
C SER H 41 -21.16 -46.67 39.50
N GLY H 42 -20.37 -46.07 40.39
CA GLY H 42 -19.10 -46.66 40.77
C GLY H 42 -18.03 -46.59 39.69
N LYS H 43 -18.15 -45.67 38.75
CA LYS H 43 -17.19 -45.51 37.66
C LYS H 43 -16.62 -44.10 37.68
N ALA H 44 -15.49 -43.95 36.99
CA ALA H 44 -14.82 -42.65 36.92
C ALA H 44 -15.63 -41.70 36.05
N PRO H 45 -15.88 -40.47 36.51
CA PRO H 45 -16.64 -39.52 35.70
C PRO H 45 -15.90 -39.19 34.40
N LYS H 46 -16.68 -38.88 33.36
CA LYS H 46 -16.15 -38.50 32.06
C LYS H 46 -16.75 -37.18 31.63
N LEU H 47 -15.91 -36.33 31.03
CA LEU H 47 -16.37 -35.03 30.57
C LEU H 47 -17.34 -35.16 29.40
N LEU H 48 -18.39 -34.35 29.43
CA LEU H 48 -19.38 -34.34 28.36
C LEU H 48 -19.42 -33.03 27.60
N ILE H 49 -19.52 -31.89 28.30
CA ILE H 49 -19.66 -30.59 27.67
C ILE H 49 -18.35 -29.82 27.83
N TYR H 50 -17.79 -29.36 26.71
CA TYR H 50 -16.53 -28.64 26.68
C TYR H 50 -16.74 -27.28 26.03
N ASN H 51 -16.26 -26.22 26.70
CA ASN H 51 -16.31 -24.86 26.18
C ASN H 51 -17.74 -24.40 25.89
N ASN H 52 -18.71 -25.00 26.58
CA ASN H 52 -20.11 -24.61 26.56
C ASN H 52 -20.79 -24.94 25.22
N ASN H 53 -20.02 -25.37 24.23
CA ASN H 53 -20.60 -25.63 22.92
C ASN H 53 -20.14 -26.95 22.32
N ARG H 54 -18.96 -27.42 22.73
CA ARG H 54 -18.35 -28.60 22.13
C ARG H 54 -18.33 -29.76 23.13
N ARG H 55 -17.96 -30.92 22.61
CA ARG H 55 -17.89 -32.16 23.38
C ARG H 55 -16.63 -32.91 23.00
N PRO H 56 -16.06 -33.67 23.92
CA PRO H 56 -14.85 -34.46 23.60
C PRO H 56 -15.18 -35.62 22.68
N SER H 57 -14.12 -36.25 22.18
CA SER H 57 -14.28 -37.40 21.30
C SER H 57 -14.92 -38.56 22.05
N GLY H 58 -15.75 -39.32 21.35
CA GLY H 58 -16.46 -40.44 21.93
C GLY H 58 -17.80 -40.09 22.54
N VAL H 59 -18.16 -38.81 22.59
CA VAL H 59 -19.44 -38.37 23.13
C VAL H 59 -20.45 -38.34 21.97
N PRO H 60 -21.59 -39.03 22.09
CA PRO H 60 -22.56 -39.02 21.00
C PRO H 60 -23.13 -37.63 20.77
N ASP H 61 -23.51 -37.36 19.52
CA ASP H 61 -24.03 -36.06 19.13
C ASP H 61 -25.39 -35.74 19.72
N ARG H 62 -26.06 -36.72 20.32
CA ARG H 62 -27.39 -36.49 20.88
C ARG H 62 -27.35 -35.49 22.04
N PHE H 63 -26.25 -35.47 22.79
CA PHE H 63 -26.11 -34.50 23.86
C PHE H 63 -25.93 -33.09 23.28
N SER H 64 -26.49 -32.10 23.97
CA SER H 64 -26.32 -30.72 23.55
C SER H 64 -26.24 -29.83 24.79
N GLY H 65 -25.58 -28.69 24.64
CA GLY H 65 -25.42 -27.76 25.74
C GLY H 65 -25.58 -26.33 25.26
N SER H 66 -26.05 -25.50 26.18
CA SER H 66 -26.22 -24.08 25.88
C SER H 66 -26.07 -23.28 27.17
N LYS H 67 -25.78 -21.99 27.01
CA LYS H 67 -25.59 -21.09 28.14
C LYS H 67 -26.23 -19.76 27.80
N SER H 68 -27.34 -19.43 28.48
CA SER H 68 -28.05 -18.18 28.27
C SER H 68 -28.09 -17.41 29.59
N GLY H 69 -27.65 -16.16 29.56
CA GLY H 69 -27.59 -15.37 30.78
C GLY H 69 -26.70 -16.04 31.80
N THR H 70 -27.25 -16.31 32.98
CA THR H 70 -26.54 -17.00 34.04
C THR H 70 -26.97 -18.46 34.19
N SER H 71 -27.71 -18.99 33.22
CA SER H 71 -28.27 -20.33 33.31
C SER H 71 -27.71 -21.19 32.18
N ALA H 72 -27.21 -22.38 32.55
CA ALA H 72 -26.72 -23.36 31.58
C ALA H 72 -27.72 -24.50 31.47
N SER H 73 -27.94 -24.96 30.24
CA SER H 73 -28.91 -26.02 29.97
C SER H 73 -28.22 -27.16 29.24
N LEU H 74 -28.45 -28.38 29.72
CA LEU H 74 -27.96 -29.59 29.09
C LEU H 74 -29.16 -30.40 28.61
N ALA H 75 -29.18 -30.72 27.32
CA ALA H 75 -30.28 -31.42 26.69
C ALA H 75 -29.81 -32.80 26.24
N ILE H 76 -30.58 -33.82 26.58
CA ILE H 76 -30.28 -35.21 26.22
C ILE H 76 -31.43 -35.75 25.39
N SER H 77 -31.12 -36.25 24.20
CA SER H 77 -32.10 -36.83 23.30
C SER H 77 -31.75 -38.28 23.05
N GLY H 78 -32.77 -39.06 22.67
CA GLY H 78 -32.58 -40.48 22.45
C GLY H 78 -32.19 -41.20 23.72
N LEU H 79 -32.90 -40.93 24.81
CA LEU H 79 -32.57 -41.52 26.10
C LEU H 79 -32.60 -43.04 26.03
N GLN H 80 -31.57 -43.66 26.60
CA GLN H 80 -31.42 -45.11 26.62
C GLN H 80 -31.19 -45.58 28.04
N SER H 81 -31.17 -46.90 28.22
CA SER H 81 -30.92 -47.47 29.53
C SER H 81 -29.51 -47.13 30.02
N GLU H 82 -28.53 -47.19 29.13
CA GLU H 82 -27.16 -46.87 29.51
C GLU H 82 -26.97 -45.40 29.87
N ASP H 83 -27.85 -44.52 29.38
CA ASP H 83 -27.74 -43.09 29.65
C ASP H 83 -28.08 -42.74 31.09
N GLU H 84 -28.67 -43.66 31.85
CA GLU H 84 -29.03 -43.39 33.24
C GLU H 84 -27.76 -43.26 34.07
N ALA H 85 -27.42 -42.03 34.45
CA ALA H 85 -26.22 -41.76 35.22
C ALA H 85 -26.35 -40.40 35.89
N ASP H 86 -25.38 -40.07 36.72
CA ASP H 86 -25.37 -38.79 37.42
C ASP H 86 -24.68 -37.74 36.56
N TYR H 87 -25.15 -36.50 36.69
CA TYR H 87 -24.61 -35.38 35.92
C TYR H 87 -24.23 -34.26 36.86
N TYR H 88 -23.10 -33.61 36.58
CA TYR H 88 -22.55 -32.57 37.43
C TYR H 88 -22.20 -31.34 36.61
N CYS H 89 -22.35 -30.18 37.25
CA CYS H 89 -22.06 -28.89 36.65
C CYS H 89 -20.85 -28.28 37.34
N SER H 90 -19.88 -27.84 36.54
CA SER H 90 -18.62 -27.31 37.07
C SER H 90 -18.36 -25.93 36.49
N VAL H 91 -18.03 -24.98 37.37
CA VAL H 91 -17.68 -23.62 36.98
C VAL H 91 -16.40 -23.24 37.71
N TRP H 92 -15.84 -22.10 37.33
CA TRP H 92 -14.65 -21.54 37.96
C TRP H 92 -14.95 -20.16 38.52
N ASP H 93 -14.45 -19.87 39.71
CA ASP H 93 -14.65 -18.58 40.37
C ASP H 93 -13.30 -17.95 40.63
N SER H 94 -13.12 -16.71 40.16
CA SER H 94 -11.88 -15.98 40.36
C SER H 94 -11.87 -15.19 41.66
N SER H 95 -13.04 -14.82 42.18
CA SER H 95 -13.09 -14.12 43.47
C SER H 95 -12.55 -14.99 44.58
N LEU H 96 -12.94 -16.27 44.59
CA LEU H 96 -12.40 -17.25 45.53
C LEU H 96 -11.31 -18.12 44.91
N ASN H 97 -11.12 -18.05 43.60
CA ASN H 97 -10.13 -18.84 42.88
C ASN H 97 -10.30 -20.34 43.16
N ASN H 98 -11.49 -20.84 42.85
CA ASN H 98 -11.82 -22.23 43.13
C ASN H 98 -12.72 -22.78 42.04
N VAL H 99 -12.68 -24.10 41.89
CA VAL H 99 -13.56 -24.81 40.96
C VAL H 99 -14.78 -25.27 41.75
N LEU H 100 -15.96 -24.83 41.33
CA LEU H 100 -17.20 -25.13 42.03
C LEU H 100 -17.98 -26.21 41.28
N PHE H 101 -18.41 -27.23 42.01
CA PHE H 101 -19.21 -28.32 41.46
C PHE H 101 -20.59 -28.32 42.11
N GLY H 102 -21.59 -28.75 41.34
CA GLY H 102 -22.94 -28.83 41.84
C GLY H 102 -23.17 -30.06 42.69
N GLY H 103 -24.39 -30.14 43.25
CA GLY H 103 -24.76 -31.28 44.07
C GLY H 103 -25.07 -32.54 43.31
N GLY H 104 -25.17 -32.46 41.98
CA GLY H 104 -25.45 -33.64 41.18
C GLY H 104 -26.93 -33.81 40.88
N THR H 105 -27.21 -34.40 39.72
CA THR H 105 -28.57 -34.65 39.27
C THR H 105 -28.71 -36.12 38.92
N ARG H 106 -29.83 -36.71 39.32
CA ARG H 106 -30.13 -38.11 39.04
C ARG H 106 -31.15 -38.19 37.92
N LEU H 107 -30.82 -38.94 36.87
CA LEU H 107 -31.68 -39.08 35.71
C LEU H 107 -32.32 -40.47 35.73
N THR H 108 -33.64 -40.51 35.54
CA THR H 108 -34.37 -41.78 35.52
C THR H 108 -35.66 -41.64 34.73
N ASP I 1 0.65 21.31 49.23
CA ASP I 1 1.48 21.39 48.03
C ASP I 1 1.49 20.07 47.27
N THR I 2 0.43 19.83 46.51
CA THR I 2 0.27 18.61 45.74
C THR I 2 0.28 18.94 44.26
N LEU I 3 1.12 18.22 43.50
CA LEU I 3 1.21 18.39 42.05
C LEU I 3 0.98 17.04 41.39
N CYS I 4 0.09 17.01 40.40
CA CYS I 4 -0.26 15.80 39.68
C CYS I 4 -0.17 16.05 38.18
N ILE I 5 0.10 14.99 37.43
CA ILE I 5 0.18 15.05 35.97
C ILE I 5 -0.91 14.15 35.41
N GLY I 6 -1.78 14.72 34.58
CA GLY I 6 -2.87 13.97 34.00
C GLY I 6 -3.02 14.18 32.52
N TYR I 7 -4.23 13.97 32.00
CA TYR I 7 -4.50 14.14 30.57
C TYR I 7 -5.95 14.54 30.39
N HIS I 8 -6.22 15.13 29.22
CA HIS I 8 -7.54 15.67 28.94
C HIS I 8 -8.57 14.55 28.79
N ALA I 9 -9.80 14.84 29.25
CA ALA I 9 -10.91 13.92 29.11
C ALA I 9 -12.20 14.72 29.00
N ASN I 10 -13.21 14.12 28.37
CA ASN I 10 -14.49 14.79 28.17
C ASN I 10 -15.57 13.73 28.03
N ASN I 11 -16.76 14.16 27.57
CA ASN I 11 -17.91 13.28 27.42
C ASN I 11 -18.03 12.69 26.02
N SER I 12 -17.06 12.95 25.14
CA SER I 12 -17.13 12.46 23.77
C SER I 12 -17.18 10.94 23.74
N THR I 13 -18.04 10.40 22.87
CA THR I 13 -18.23 8.97 22.72
C THR I 13 -17.78 8.46 21.34
N ASP I 14 -16.92 9.20 20.66
CA ASP I 14 -16.44 8.77 19.35
C ASP I 14 -15.59 7.52 19.49
N THR I 15 -15.76 6.59 18.55
CA THR I 15 -15.08 5.31 18.57
C THR I 15 -14.13 5.21 17.38
N VAL I 16 -12.93 4.69 17.64
CA VAL I 16 -11.93 4.47 16.61
C VAL I 16 -11.45 3.02 16.69
N ASP I 17 -10.88 2.55 15.59
CA ASP I 17 -10.40 1.18 15.47
C ASP I 17 -8.89 1.16 15.37
N THR I 18 -8.26 0.28 16.15
CA THR I 18 -6.82 0.10 16.13
C THR I 18 -6.50 -1.35 15.79
N VAL I 19 -5.23 -1.57 15.41
CA VAL I 19 -4.79 -2.92 15.05
C VAL I 19 -4.68 -3.84 16.25
N LEU I 20 -4.66 -3.29 17.46
CA LEU I 20 -4.57 -4.09 18.67
C LEU I 20 -5.88 -4.18 19.45
N GLU I 21 -6.76 -3.20 19.32
CA GLU I 21 -8.05 -3.23 19.98
C GLU I 21 -9.06 -2.46 19.15
N LYS I 22 -10.33 -2.75 19.38
CA LYS I 22 -11.42 -2.15 18.62
C LYS I 22 -12.41 -1.46 19.57
N ASN I 23 -13.12 -0.48 19.03
CA ASN I 23 -14.13 0.28 19.77
C ASN I 23 -13.53 0.93 21.02
N VAL I 24 -12.38 1.55 20.85
CA VAL I 24 -11.73 2.27 21.94
C VAL I 24 -12.17 3.73 21.90
N THR I 25 -12.63 4.24 23.05
CA THR I 25 -13.14 5.59 23.13
C THR I 25 -12.00 6.60 23.19
N VAL I 26 -12.09 7.65 22.37
CA VAL I 26 -11.09 8.71 22.32
C VAL I 26 -11.78 10.06 22.48
N THR I 27 -10.98 11.06 22.87
CA THR I 27 -11.53 12.39 23.08
C THR I 27 -12.03 13.01 21.78
N HIS I 28 -11.32 12.76 20.68
CA HIS I 28 -11.73 13.33 19.40
C HIS I 28 -11.18 12.45 18.28
N SER I 29 -11.89 12.45 17.15
CA SER I 29 -11.49 11.69 15.97
C SER I 29 -11.77 12.51 14.73
N VAL I 30 -11.03 12.23 13.67
CA VAL I 30 -11.17 12.92 12.40
C VAL I 30 -11.67 11.92 11.36
N ASN I 31 -12.77 12.26 10.70
CA ASN I 31 -13.35 11.38 9.70
C ASN I 31 -12.68 11.60 8.35
N LEU I 32 -12.29 10.50 7.71
CA LEU I 32 -11.72 10.54 6.37
C LEU I 32 -12.67 10.02 5.31
N LEU I 33 -13.87 9.58 5.69
CA LEU I 33 -14.83 8.99 4.77
C LEU I 33 -16.03 9.92 4.65
N GLU I 34 -16.44 10.21 3.41
CA GLU I 34 -17.56 11.08 3.14
C GLU I 34 -18.78 10.23 2.78
N ASP I 35 -19.82 10.32 3.61
CA ASP I 35 -21.07 9.62 3.37
C ASP I 35 -22.25 10.56 3.23
N LYS I 36 -21.99 11.86 3.09
CA LYS I 36 -23.03 12.87 2.94
C LYS I 36 -22.87 13.55 1.59
N HIS I 37 -23.97 13.66 0.84
CA HIS I 37 -23.98 14.30 -0.46
C HIS I 37 -25.12 15.31 -0.51
N ASN I 38 -24.90 16.37 -1.30
CA ASN I 38 -25.92 17.42 -1.43
C ASN I 38 -27.20 16.90 -2.09
N GLY I 39 -27.11 15.84 -2.88
CA GLY I 39 -28.29 15.32 -3.55
C GLY I 39 -28.75 16.11 -4.74
N LYS I 40 -27.91 17.00 -5.27
CA LYS I 40 -28.26 17.81 -6.42
C LYS I 40 -27.09 17.86 -7.38
N LEU I 41 -27.39 17.88 -8.68
CA LEU I 41 -26.37 17.92 -9.72
C LEU I 41 -25.90 19.35 -9.90
N CYS I 42 -24.66 19.63 -9.51
CA CYS I 42 -24.09 20.96 -9.62
C CYS I 42 -23.38 21.13 -10.96
N LYS I 43 -22.69 22.24 -11.14
CA LYS I 43 -21.92 22.52 -12.34
C LYS I 43 -20.45 22.19 -12.11
N LEU I 44 -19.83 21.58 -13.12
CA LEU I 44 -18.42 21.22 -13.06
C LEU I 44 -17.62 22.21 -13.89
N ARG I 45 -16.49 22.68 -13.33
CA ARG I 45 -15.64 23.68 -13.97
C ARG I 45 -16.39 24.97 -14.25
N GLY I 46 -17.42 25.26 -13.46
CA GLY I 46 -18.21 26.44 -13.68
C GLY I 46 -19.02 26.43 -14.95
N VAL I 47 -19.25 25.25 -15.53
CA VAL I 47 -20.00 25.12 -16.78
C VAL I 47 -21.24 24.28 -16.48
N ALA I 48 -22.38 24.76 -16.97
CA ALA I 48 -23.66 24.09 -16.70
C ALA I 48 -23.73 22.76 -17.43
N PRO I 49 -23.93 21.64 -16.74
CA PRO I 49 -24.12 20.37 -17.44
C PRO I 49 -25.46 20.31 -18.15
N LEU I 50 -25.52 19.48 -19.18
CA LEU I 50 -26.73 19.32 -19.97
C LEU I 50 -27.61 18.23 -19.38
N HIS I 51 -28.90 18.51 -19.26
CA HIS I 51 -29.87 17.56 -18.75
C HIS I 51 -30.73 17.06 -19.91
N LEU I 52 -30.79 15.74 -20.06
CA LEU I 52 -31.52 15.09 -21.15
C LEU I 52 -32.40 13.97 -20.61
N GLY I 53 -33.17 14.29 -19.57
CA GLY I 53 -34.00 13.27 -18.94
C GLY I 53 -35.05 12.69 -19.86
N LYS I 54 -35.69 13.56 -20.66
CA LYS I 54 -36.77 13.12 -21.53
C LYS I 54 -36.29 12.67 -22.91
N CYS I 55 -34.98 12.61 -23.14
CA CYS I 55 -34.45 12.27 -24.45
C CYS I 55 -33.18 11.46 -24.27
N ASN I 56 -32.46 11.24 -25.37
CA ASN I 56 -31.24 10.45 -25.37
C ASN I 56 -30.21 11.16 -26.24
N ILE I 57 -28.93 10.82 -26.02
CA ILE I 57 -27.86 11.41 -26.80
C ILE I 57 -28.08 11.14 -28.28
N ALA I 58 -28.44 9.91 -28.63
CA ALA I 58 -28.80 9.61 -30.01
C ALA I 58 -30.00 10.43 -30.46
N GLY I 59 -31.01 10.57 -29.60
CA GLY I 59 -32.16 11.38 -29.95
C GLY I 59 -31.87 12.87 -29.93
N TRP I 60 -30.89 13.30 -29.13
CA TRP I 60 -30.56 14.72 -29.07
C TRP I 60 -29.76 15.15 -30.30
N ILE I 61 -28.67 14.45 -30.60
CA ILE I 61 -27.81 14.86 -31.70
C ILE I 61 -28.52 14.69 -33.04
N LEU I 62 -29.35 13.65 -33.17
CA LEU I 62 -30.08 13.41 -34.41
C LEU I 62 -31.31 14.29 -34.55
N GLY I 63 -31.59 15.16 -33.59
CA GLY I 63 -32.73 16.06 -33.69
C GLY I 63 -34.07 15.35 -33.69
N ASN I 64 -34.29 14.49 -32.69
CA ASN I 64 -35.57 13.80 -32.57
C ASN I 64 -36.69 14.82 -32.36
N PRO I 65 -37.85 14.63 -32.99
CA PRO I 65 -38.93 15.62 -32.86
C PRO I 65 -39.39 15.83 -31.42
N GLU I 66 -39.33 14.79 -30.58
CA GLU I 66 -39.71 14.95 -29.18
C GLU I 66 -38.68 15.73 -28.38
N CYS I 67 -37.50 16.01 -28.96
CA CYS I 67 -36.44 16.73 -28.28
C CYS I 67 -36.26 18.15 -28.81
N GLU I 68 -37.25 18.65 -29.55
CA GLU I 68 -37.16 20.01 -30.09
C GLU I 68 -37.15 21.05 -28.98
N SER I 69 -37.95 20.84 -27.92
CA SER I 69 -38.04 21.80 -26.83
C SER I 69 -36.74 21.93 -26.06
N LEU I 70 -35.83 20.96 -26.17
CA LEU I 70 -34.56 21.04 -25.47
C LEU I 70 -33.71 22.17 -26.03
N SER I 71 -33.08 22.92 -25.12
CA SER I 71 -32.25 24.04 -25.53
C SER I 71 -30.84 23.57 -25.87
N THR I 72 -30.15 24.37 -26.68
CA THR I 72 -28.80 24.08 -27.11
C THR I 72 -27.83 24.93 -26.30
N ALA I 73 -26.86 24.28 -25.66
CA ALA I 73 -25.86 24.95 -24.83
C ALA I 73 -24.56 25.07 -25.58
N SER I 74 -23.88 26.21 -25.41
CA SER I 74 -22.60 26.42 -26.09
C SER I 74 -21.52 25.48 -25.57
N SER I 75 -21.56 25.15 -24.29
CA SER I 75 -20.54 24.27 -23.71
C SER I 75 -21.12 23.57 -22.49
N TRP I 76 -20.62 22.37 -22.23
CA TRP I 76 -21.05 21.60 -21.06
C TRP I 76 -19.89 20.73 -20.61
N SER I 77 -19.95 20.30 -19.34
CA SER I 77 -18.91 19.47 -18.76
C SER I 77 -19.21 17.98 -18.83
N TYR I 78 -20.47 17.59 -18.65
CA TYR I 78 -20.84 16.19 -18.70
C TYR I 78 -22.31 16.07 -19.08
N ILE I 79 -22.70 14.88 -19.51
CA ILE I 79 -24.05 14.59 -19.99
C ILE I 79 -24.77 13.77 -18.94
N VAL I 80 -26.00 14.18 -18.62
CA VAL I 80 -26.83 13.51 -17.64
C VAL I 80 -28.12 13.04 -18.29
N GLU I 81 -28.41 11.76 -18.15
CA GLU I 81 -29.67 11.15 -18.56
C GLU I 81 -30.31 10.47 -17.36
N THR I 82 -31.49 9.89 -17.58
CA THR I 82 -32.22 9.20 -16.52
C THR I 82 -32.67 7.84 -17.03
N SER I 83 -33.33 7.09 -16.13
CA SER I 83 -33.79 5.76 -16.49
C SER I 83 -34.84 5.79 -17.59
N ASN I 84 -35.73 6.78 -17.55
CA ASN I 84 -36.81 6.89 -18.53
C ASN I 84 -36.32 7.58 -19.81
N SER I 85 -35.21 7.07 -20.33
CA SER I 85 -34.63 7.56 -21.58
C SER I 85 -35.10 6.71 -22.75
N ASP I 86 -36.43 6.65 -22.92
CA ASP I 86 -37.02 5.85 -23.98
C ASP I 86 -37.00 6.53 -25.33
N ASN I 87 -36.71 7.82 -25.39
CA ASN I 87 -36.75 8.59 -26.63
C ASN I 87 -35.33 8.71 -27.18
N GLY I 88 -34.91 7.69 -27.91
CA GLY I 88 -33.64 7.71 -28.61
C GLY I 88 -33.82 7.86 -30.10
N THR I 89 -33.54 6.78 -30.84
CA THR I 89 -33.76 6.76 -32.28
C THR I 89 -35.18 6.26 -32.54
N CYS I 90 -36.07 7.17 -32.95
CA CYS I 90 -37.46 6.79 -33.16
C CYS I 90 -37.58 5.79 -34.30
N TYR I 91 -36.86 6.02 -35.39
CA TYR I 91 -36.87 5.05 -36.49
C TYR I 91 -35.95 3.88 -36.12
N PRO I 92 -36.42 2.64 -36.24
CA PRO I 92 -35.59 1.50 -35.84
C PRO I 92 -34.35 1.37 -36.71
N GLY I 93 -33.26 0.94 -36.09
CA GLY I 93 -32.02 0.77 -36.81
C GLY I 93 -30.87 0.52 -35.85
N ASP I 94 -29.68 0.41 -36.43
CA ASP I 94 -28.45 0.17 -35.68
C ASP I 94 -27.54 1.38 -35.83
N PHE I 95 -27.10 1.93 -34.70
CA PHE I 95 -26.19 3.07 -34.69
C PHE I 95 -24.76 2.54 -34.61
N ILE I 96 -24.09 2.48 -35.75
CA ILE I 96 -22.73 1.94 -35.79
C ILE I 96 -21.77 2.92 -35.11
N ASN I 97 -20.91 2.39 -34.24
CA ASN I 97 -19.97 3.19 -33.46
C ASN I 97 -20.71 4.22 -32.59
N TYR I 98 -21.87 3.81 -32.06
CA TYR I 98 -22.64 4.70 -31.20
C TYR I 98 -21.89 4.99 -29.90
N GLU I 99 -21.22 3.98 -29.34
CA GLU I 99 -20.54 4.16 -28.06
C GLU I 99 -19.41 5.18 -28.17
N GLU I 100 -18.66 5.14 -29.27
CA GLU I 100 -17.57 6.09 -29.44
C GLU I 100 -18.08 7.52 -29.57
N LEU I 101 -19.16 7.71 -30.34
CA LEU I 101 -19.76 9.04 -30.45
C LEU I 101 -20.29 9.51 -29.10
N ARG I 102 -20.88 8.59 -28.33
CA ARG I 102 -21.38 8.94 -27.01
C ARG I 102 -20.23 9.37 -26.10
N GLU I 103 -19.09 8.69 -26.20
CA GLU I 103 -17.94 9.06 -25.37
C GLU I 103 -17.36 10.41 -25.78
N GLN I 104 -17.28 10.67 -27.09
CA GLN I 104 -16.65 11.91 -27.55
C GLN I 104 -17.47 13.16 -27.23
N LEU I 105 -18.76 13.02 -26.98
CA LEU I 105 -19.64 14.16 -26.74
C LEU I 105 -19.78 14.50 -25.27
N SER I 106 -19.02 13.85 -24.39
CA SER I 106 -19.20 14.07 -22.96
C SER I 106 -18.85 15.50 -22.56
N SER I 107 -17.76 16.04 -23.12
CA SER I 107 -17.30 17.39 -22.78
C SER I 107 -16.83 18.08 -24.04
N VAL I 108 -17.46 19.20 -24.38
CA VAL I 108 -17.09 20.01 -25.54
C VAL I 108 -16.80 21.42 -25.06
N SER I 109 -15.62 21.93 -25.44
CA SER I 109 -15.25 23.29 -25.04
C SER I 109 -16.13 24.33 -25.71
N SER I 110 -16.43 24.16 -27.00
CA SER I 110 -17.27 25.10 -27.74
C SER I 110 -18.10 24.30 -28.74
N PHE I 111 -19.41 24.25 -28.52
CA PHE I 111 -20.32 23.46 -29.33
C PHE I 111 -21.32 24.40 -30.00
N GLU I 112 -21.38 24.35 -31.34
CA GLU I 112 -22.29 25.21 -32.09
C GLU I 112 -22.95 24.42 -33.21
N ARG I 113 -24.27 24.49 -33.27
CA ARG I 113 -25.00 23.86 -34.36
C ARG I 113 -24.91 24.72 -35.62
N PHE I 114 -24.45 24.12 -36.72
CA PHE I 114 -24.18 24.85 -37.95
C PHE I 114 -24.97 24.24 -39.09
N GLU I 115 -25.48 25.10 -39.98
CA GLU I 115 -26.25 24.65 -41.14
C GLU I 115 -25.26 24.37 -42.26
N ILE I 116 -24.80 23.12 -42.33
CA ILE I 116 -23.83 22.74 -43.35
C ILE I 116 -24.47 22.79 -44.74
N PHE I 117 -25.67 22.24 -44.87
CA PHE I 117 -26.36 22.19 -46.16
C PHE I 117 -27.68 22.95 -46.07
N PRO I 118 -27.85 24.04 -46.81
CA PRO I 118 -29.16 24.71 -46.84
C PRO I 118 -30.23 23.77 -47.40
N LYS I 119 -31.41 23.84 -46.80
CA LYS I 119 -32.48 22.90 -47.16
C LYS I 119 -33.14 23.27 -48.49
N THR I 120 -33.27 24.57 -48.77
CA THR I 120 -34.04 25.03 -49.93
C THR I 120 -33.19 25.29 -51.16
N SER I 121 -31.88 25.06 -51.10
CA SER I 121 -31.00 25.34 -52.24
C SER I 121 -30.04 24.22 -52.59
N SER I 122 -29.71 23.32 -51.66
CA SER I 122 -28.69 22.30 -51.95
C SER I 122 -29.22 21.18 -52.83
N TRP I 123 -30.52 20.88 -52.77
CA TRP I 123 -31.11 19.74 -53.46
C TRP I 123 -32.26 20.23 -54.34
N PRO I 124 -31.96 20.71 -55.54
CA PRO I 124 -33.03 21.17 -56.44
C PRO I 124 -33.76 20.02 -57.09
N ASN I 125 -33.05 18.93 -57.40
CA ASN I 125 -33.63 17.77 -58.06
C ASN I 125 -34.09 16.69 -57.09
N HIS I 126 -33.92 16.91 -55.79
CA HIS I 126 -34.33 15.94 -54.77
C HIS I 126 -35.42 16.55 -53.91
N ASP I 127 -36.53 15.84 -53.77
CA ASP I 127 -37.66 16.32 -52.97
C ASP I 127 -37.34 16.18 -51.49
N SER I 128 -37.58 17.26 -50.74
CA SER I 128 -37.37 17.26 -49.30
C SER I 128 -38.65 17.45 -48.50
N ASN I 129 -39.76 17.85 -49.14
CA ASN I 129 -41.01 18.04 -48.42
C ASN I 129 -41.53 16.72 -47.85
N LYS I 130 -41.46 15.65 -48.64
CA LYS I 130 -41.91 14.34 -48.18
C LYS I 130 -40.83 13.68 -47.33
N GLY I 131 -41.00 12.40 -47.06
CA GLY I 131 -40.05 11.64 -46.25
C GLY I 131 -40.47 11.43 -44.82
N VAL I 132 -41.58 12.04 -44.37
CA VAL I 132 -42.04 11.82 -43.02
C VAL I 132 -42.60 10.40 -42.90
N THR I 133 -42.52 9.86 -41.67
CA THR I 133 -42.99 8.52 -41.40
C THR I 133 -43.78 8.51 -40.09
N ALA I 134 -44.67 7.53 -39.96
CA ALA I 134 -45.45 7.37 -38.75
C ALA I 134 -44.63 6.84 -37.58
N ALA I 135 -43.44 6.30 -37.86
CA ALA I 135 -42.59 5.80 -36.79
C ALA I 135 -42.03 6.92 -35.92
N CYS I 136 -42.06 8.16 -36.40
CA CYS I 136 -41.58 9.33 -35.65
C CYS I 136 -42.66 10.41 -35.67
N PRO I 137 -43.77 10.17 -34.97
CA PRO I 137 -44.86 11.15 -34.99
C PRO I 137 -44.58 12.36 -34.13
N HIS I 138 -45.16 13.49 -34.54
CA HIS I 138 -45.07 14.73 -33.78
C HIS I 138 -46.45 15.39 -33.80
N ALA I 139 -47.06 15.52 -32.62
CA ALA I 139 -48.41 16.07 -32.49
C ALA I 139 -49.41 15.30 -33.34
N GLY I 140 -49.26 13.98 -33.38
CA GLY I 140 -50.13 13.10 -34.13
C GLY I 140 -49.75 12.90 -35.58
N ALA I 141 -49.43 13.98 -36.28
CA ALA I 141 -49.07 13.88 -37.70
C ALA I 141 -47.70 13.23 -37.86
N LYS I 142 -47.51 12.59 -39.01
CA LYS I 142 -46.24 11.97 -39.32
C LYS I 142 -45.15 13.03 -39.46
N SER I 143 -43.95 12.72 -38.95
CA SER I 143 -42.84 13.66 -38.97
C SER I 143 -41.55 12.88 -39.16
N PHE I 144 -40.43 13.59 -39.05
CA PHE I 144 -39.11 12.99 -39.21
C PHE I 144 -38.10 13.83 -38.42
N TYR I 145 -36.84 13.46 -38.51
CA TYR I 145 -35.78 14.17 -37.83
C TYR I 145 -35.60 15.56 -38.43
N LYS I 146 -35.02 16.46 -37.65
CA LYS I 146 -34.72 17.81 -38.10
C LYS I 146 -33.28 18.00 -38.53
N ASN I 147 -32.35 17.22 -37.97
CA ASN I 147 -30.95 17.30 -38.34
C ASN I 147 -30.63 16.54 -39.62
N LEU I 148 -31.54 15.69 -40.10
CA LEU I 148 -31.32 14.88 -41.28
C LEU I 148 -32.53 14.99 -42.19
N ILE I 149 -32.31 14.78 -43.48
CA ILE I 149 -33.38 14.83 -44.48
C ILE I 149 -33.38 13.50 -45.24
N TRP I 150 -34.53 12.83 -45.26
CA TRP I 150 -34.69 11.57 -45.98
C TRP I 150 -35.09 11.90 -47.41
N LEU I 151 -34.11 11.89 -48.32
CA LEU I 151 -34.38 12.24 -49.70
C LEU I 151 -35.18 11.15 -50.39
N VAL I 152 -36.11 11.57 -51.26
CA VAL I 152 -36.93 10.67 -52.05
C VAL I 152 -36.88 11.13 -53.50
N LYS I 153 -37.30 10.23 -54.39
CA LYS I 153 -37.30 10.54 -55.81
C LYS I 153 -38.27 11.67 -56.12
N LYS I 154 -37.90 12.50 -57.08
CA LYS I 154 -38.70 13.66 -57.50
C LYS I 154 -39.30 13.33 -58.87
N GLY I 155 -40.50 12.77 -58.86
CA GLY I 155 -41.17 12.41 -60.09
C GLY I 155 -40.51 11.26 -60.82
N ASN I 156 -40.54 10.08 -60.21
CA ASN I 156 -39.94 8.84 -60.71
C ASN I 156 -38.58 9.08 -61.37
N SER I 157 -37.76 9.92 -60.75
CA SER I 157 -36.42 10.19 -61.25
C SER I 157 -35.53 10.59 -60.08
N TYR I 158 -34.39 9.90 -59.94
CA TYR I 158 -33.45 10.16 -58.87
C TYR I 158 -32.07 10.39 -59.48
N PRO I 159 -31.70 11.64 -59.74
CA PRO I 159 -30.38 11.93 -60.28
C PRO I 159 -29.28 11.56 -59.31
N LYS I 160 -28.09 11.31 -59.86
CA LYS I 160 -26.93 10.92 -59.07
C LYS I 160 -26.53 12.09 -58.17
N LEU I 161 -26.84 11.98 -56.88
CA LEU I 161 -26.51 13.05 -55.95
C LEU I 161 -25.02 13.03 -55.63
N ASN I 162 -24.40 14.21 -55.69
CA ASN I 162 -22.98 14.36 -55.39
C ASN I 162 -22.77 15.71 -54.75
N GLN I 163 -22.34 15.72 -53.49
CA GLN I 163 -22.17 16.96 -52.74
C GLN I 163 -20.83 16.94 -52.02
N SER I 164 -20.27 18.13 -51.81
CA SER I 164 -19.00 18.28 -51.12
C SER I 164 -19.08 19.46 -50.16
N TYR I 165 -18.25 19.41 -49.12
CA TYR I 165 -18.19 20.46 -48.12
C TYR I 165 -16.75 20.66 -47.67
N ILE I 166 -16.40 21.92 -47.41
CA ILE I 166 -15.06 22.30 -46.97
C ILE I 166 -15.16 22.81 -45.55
N ASN I 167 -14.28 22.31 -44.68
CA ASN I 167 -14.24 22.72 -43.27
C ASN I 167 -13.31 23.92 -43.17
N ASP I 168 -13.85 25.12 -43.40
CA ASP I 168 -13.08 26.35 -43.29
C ASP I 168 -12.97 26.85 -41.86
N LYS I 169 -13.75 26.31 -40.93
CA LYS I 169 -13.71 26.76 -39.56
C LYS I 169 -12.45 26.24 -38.86
N GLY I 170 -12.15 26.84 -37.72
CA GLY I 170 -10.96 26.50 -36.96
C GLY I 170 -11.12 25.39 -35.95
N LYS I 171 -12.28 24.74 -35.90
CA LYS I 171 -12.53 23.67 -34.95
C LYS I 171 -13.00 22.43 -35.70
N GLU I 172 -13.13 21.33 -34.97
CA GLU I 172 -13.55 20.08 -35.59
C GLU I 172 -15.03 20.15 -35.94
N VAL I 173 -15.43 19.40 -36.97
CA VAL I 173 -16.81 19.36 -37.42
C VAL I 173 -17.31 17.93 -37.34
N LEU I 174 -18.40 17.72 -36.59
CA LEU I 174 -19.05 16.43 -36.51
C LEU I 174 -20.22 16.40 -37.48
N VAL I 175 -20.26 15.38 -38.34
CA VAL I 175 -21.29 15.23 -39.36
C VAL I 175 -21.87 13.82 -39.25
N LEU I 176 -23.19 13.73 -39.26
CA LEU I 176 -23.87 12.44 -39.17
C LEU I 176 -24.80 12.23 -40.34
N TRP I 177 -24.73 11.06 -40.95
CA TRP I 177 -25.60 10.70 -42.06
C TRP I 177 -26.21 9.34 -41.79
N GLY I 178 -27.08 8.90 -42.69
CA GLY I 178 -27.78 7.64 -42.52
C GLY I 178 -28.01 6.94 -43.84
N ILE I 179 -28.09 5.62 -43.77
CA ILE I 179 -28.39 4.77 -44.92
C ILE I 179 -29.65 3.98 -44.61
N HIS I 180 -30.60 4.01 -45.53
CA HIS I 180 -31.90 3.39 -45.33
C HIS I 180 -31.94 2.04 -46.03
N HIS I 181 -32.26 0.98 -45.27
CA HIS I 181 -32.44 -0.35 -45.84
C HIS I 181 -33.92 -0.64 -45.92
N PRO I 182 -34.52 -0.63 -47.10
CA PRO I 182 -35.96 -0.92 -47.21
C PRO I 182 -36.28 -2.36 -46.88
N SER I 183 -37.53 -2.58 -46.48
CA SER I 183 -37.98 -3.91 -46.11
C SER I 183 -38.13 -4.82 -47.34
N THR I 184 -38.49 -4.25 -48.48
CA THR I 184 -38.74 -5.05 -49.68
C THR I 184 -38.25 -4.29 -50.90
N THR I 185 -38.06 -5.03 -51.99
CA THR I 185 -37.58 -4.43 -53.24
C THR I 185 -38.60 -3.45 -53.80
N ALA I 186 -39.89 -3.73 -53.63
CA ALA I 186 -40.92 -2.81 -54.10
C ALA I 186 -40.81 -1.46 -53.41
N ASP I 187 -40.56 -1.46 -52.10
CA ASP I 187 -40.37 -0.20 -51.38
C ASP I 187 -39.14 0.54 -51.88
N GLN I 188 -38.05 -0.18 -52.16
CA GLN I 188 -36.85 0.44 -52.70
C GLN I 188 -37.13 1.10 -54.04
N GLN I 189 -37.86 0.41 -54.93
CA GLN I 189 -38.18 0.97 -56.23
C GLN I 189 -39.11 2.17 -56.10
N SER I 190 -40.07 2.11 -55.18
CA SER I 190 -41.03 3.21 -55.02
C SER I 190 -40.41 4.40 -54.31
N LEU I 191 -39.30 4.22 -53.59
CA LEU I 191 -38.67 5.33 -52.90
C LEU I 191 -37.47 5.91 -53.63
N TYR I 192 -36.78 5.13 -54.46
CA TYR I 192 -35.58 5.63 -55.12
C TYR I 192 -35.50 5.31 -56.60
N GLN I 193 -36.42 4.52 -57.16
CA GLN I 193 -36.50 4.26 -58.59
C GLN I 193 -35.20 3.66 -59.14
N ASN I 194 -34.51 2.88 -58.31
CA ASN I 194 -33.25 2.24 -58.73
C ASN I 194 -33.13 0.92 -57.98
N ALA I 195 -33.15 -0.19 -58.73
CA ALA I 195 -33.06 -1.51 -58.11
C ALA I 195 -31.72 -1.69 -57.41
N ASP I 196 -30.63 -1.26 -58.03
CA ASP I 196 -29.28 -1.38 -57.47
C ASP I 196 -28.77 0.02 -57.17
N ALA I 197 -28.38 0.25 -55.92
CA ALA I 197 -27.87 1.54 -55.47
C ALA I 197 -26.59 1.35 -54.69
N TYR I 198 -25.87 2.45 -54.49
CA TYR I 198 -24.64 2.46 -53.70
C TYR I 198 -24.45 3.85 -53.13
N VAL I 199 -23.76 3.92 -51.99
CA VAL I 199 -23.45 5.18 -51.33
C VAL I 199 -21.96 5.22 -51.06
N PHE I 200 -21.35 6.39 -51.20
CA PHE I 200 -19.95 6.58 -50.90
C PHE I 200 -19.76 7.82 -50.05
N VAL I 201 -18.95 7.69 -49.00
CA VAL I 201 -18.60 8.80 -48.11
C VAL I 201 -17.09 8.90 -48.07
N GLY I 202 -16.56 10.10 -48.28
CA GLY I 202 -15.11 10.27 -48.31
C GLY I 202 -14.58 11.55 -47.71
N THR I 203 -13.66 11.39 -46.76
CA THR I 203 -12.88 12.49 -46.20
C THR I 203 -11.41 12.09 -46.25
N SER I 204 -10.54 13.05 -45.90
CA SER I 204 -9.10 12.83 -46.04
C SER I 204 -8.61 11.64 -45.22
N ARG I 205 -9.36 11.23 -44.19
CA ARG I 205 -9.00 10.10 -43.36
C ARG I 205 -10.05 9.00 -43.37
N TYR I 206 -10.98 9.02 -44.32
CA TYR I 206 -12.08 8.08 -44.30
C TYR I 206 -12.57 7.82 -45.72
N SER I 207 -12.92 6.58 -46.01
CA SER I 207 -13.44 6.22 -47.32
C SER I 207 -14.28 4.97 -47.17
N LYS I 208 -15.60 5.10 -47.28
CA LYS I 208 -16.47 3.96 -47.08
C LYS I 208 -17.54 3.91 -48.17
N LYS I 209 -17.90 2.69 -48.55
CA LYS I 209 -18.96 2.44 -49.50
C LYS I 209 -20.02 1.56 -48.85
N PHE I 210 -21.27 2.00 -48.91
CA PHE I 210 -22.41 1.31 -48.34
C PHE I 210 -23.30 0.77 -49.44
N LYS I 211 -23.82 -0.44 -49.22
CA LYS I 211 -24.75 -1.10 -50.11
C LYS I 211 -26.06 -1.40 -49.39
N PRO I 212 -27.20 -1.24 -50.06
CA PRO I 212 -28.48 -1.54 -49.41
C PRO I 212 -28.64 -3.02 -49.12
N GLU I 213 -29.37 -3.30 -48.05
CA GLU I 213 -29.66 -4.67 -47.62
C GLU I 213 -31.18 -4.84 -47.61
N ILE I 214 -31.73 -5.28 -48.74
CA ILE I 214 -33.17 -5.44 -48.88
C ILE I 214 -33.57 -6.76 -48.23
N ALA I 215 -34.24 -6.68 -47.08
CA ALA I 215 -34.68 -7.87 -46.37
C ALA I 215 -35.83 -7.50 -45.45
N THR I 216 -36.61 -8.50 -45.07
CA THR I 216 -37.79 -8.30 -44.23
C THR I 216 -37.40 -8.54 -42.77
N ARG I 217 -37.06 -7.46 -42.07
CA ARG I 217 -36.75 -7.55 -40.66
C ARG I 217 -38.02 -7.79 -39.85
N PRO I 218 -37.89 -8.34 -38.65
CA PRO I 218 -39.07 -8.47 -37.78
C PRO I 218 -39.67 -7.12 -37.46
N LYS I 219 -41.01 -7.08 -37.38
CA LYS I 219 -41.74 -5.83 -37.22
C LYS I 219 -41.45 -5.24 -35.84
N VAL I 220 -40.72 -4.13 -35.81
CA VAL I 220 -40.40 -3.42 -34.58
C VAL I 220 -40.90 -1.98 -34.72
N ARG I 221 -41.71 -1.55 -33.75
CA ARG I 221 -42.30 -0.21 -33.75
C ARG I 221 -43.04 0.06 -35.07
N ASP I 222 -43.81 -0.94 -35.50
CA ASP I 222 -44.64 -0.85 -36.72
C ASP I 222 -43.80 -0.53 -37.95
N GLN I 223 -42.57 -1.04 -38.00
CA GLN I 223 -41.67 -0.82 -39.13
C GLN I 223 -40.91 -2.10 -39.43
N GLU I 224 -40.72 -2.39 -40.71
CA GLU I 224 -39.98 -3.55 -41.15
C GLU I 224 -38.64 -3.22 -41.78
N GLY I 225 -38.40 -1.94 -42.12
CA GLY I 225 -37.12 -1.54 -42.66
C GLY I 225 -36.13 -1.21 -41.55
N ARG I 226 -34.97 -0.71 -41.97
CA ARG I 226 -33.91 -0.35 -41.04
C ARG I 226 -33.23 0.92 -41.51
N MET I 227 -32.47 1.54 -40.61
CA MET I 227 -31.71 2.74 -40.95
C MET I 227 -30.45 2.77 -40.12
N ASN I 228 -29.30 2.70 -40.77
CA ASN I 228 -28.01 2.71 -40.10
C ASN I 228 -27.46 4.13 -40.05
N TYR I 229 -27.07 4.57 -38.86
CA TYR I 229 -26.57 5.92 -38.65
C TYR I 229 -25.06 5.89 -38.51
N TYR I 230 -24.38 6.78 -39.22
CA TYR I 230 -22.93 6.88 -39.18
C TYR I 230 -22.52 8.31 -38.86
N TRP I 231 -21.39 8.45 -38.19
CA TRP I 231 -20.87 9.75 -37.79
C TRP I 231 -19.39 9.85 -38.18
N THR I 232 -18.96 11.07 -38.46
CA THR I 232 -17.56 11.32 -38.83
C THR I 232 -17.12 12.67 -38.30
N LEU I 233 -15.81 12.81 -38.13
CA LEU I 233 -15.17 14.04 -37.70
C LEU I 233 -14.28 14.56 -38.81
N VAL I 234 -14.39 15.85 -39.10
CA VAL I 234 -13.61 16.52 -40.12
C VAL I 234 -12.74 17.58 -39.44
N GLU I 235 -11.44 17.49 -39.64
CA GLU I 235 -10.51 18.48 -39.13
C GLU I 235 -10.44 19.68 -40.07
N PRO I 236 -10.02 20.84 -39.57
CA PRO I 236 -9.95 22.02 -40.44
C PRO I 236 -9.02 21.81 -41.62
N GLY I 237 -9.41 22.37 -42.76
CA GLY I 237 -8.65 22.23 -43.98
C GLY I 237 -8.95 21.00 -44.80
N ASP I 238 -9.86 20.14 -44.35
CA ASP I 238 -10.20 18.91 -45.05
C ASP I 238 -11.44 19.11 -45.91
N LYS I 239 -11.87 18.04 -46.56
CA LYS I 239 -13.05 18.04 -47.41
C LYS I 239 -13.85 16.78 -47.17
N ILE I 240 -15.17 16.90 -47.12
CA ILE I 240 -16.07 15.77 -46.91
C ILE I 240 -17.02 15.70 -48.09
N THR I 241 -17.07 14.52 -48.73
CA THR I 241 -17.85 14.34 -49.95
C THR I 241 -18.82 13.18 -49.78
N PHE I 242 -20.05 13.38 -50.25
CA PHE I 242 -21.06 12.35 -50.31
C PHE I 242 -21.46 12.11 -51.75
N GLU I 243 -21.60 10.84 -52.12
CA GLU I 243 -22.12 10.45 -53.43
C GLU I 243 -23.14 9.34 -53.24
N ALA I 244 -24.24 9.41 -53.97
CA ALA I 244 -25.27 8.40 -53.80
C ALA I 244 -26.19 8.37 -55.02
N THR I 245 -26.74 7.18 -55.28
CA THR I 245 -27.82 7.01 -56.23
C THR I 245 -29.14 6.68 -55.53
N GLY I 246 -29.17 6.78 -54.21
CA GLY I 246 -30.37 6.48 -53.45
C GLY I 246 -30.01 5.89 -52.10
N ASN I 247 -31.05 5.68 -51.29
CA ASN I 247 -30.91 5.10 -49.96
C ASN I 247 -29.96 5.90 -49.09
N LEU I 248 -30.03 7.22 -49.19
CA LEU I 248 -29.18 8.12 -48.43
C LEU I 248 -30.03 9.06 -47.59
N VAL I 249 -29.72 9.15 -46.31
CA VAL I 249 -30.32 10.12 -45.40
C VAL I 249 -29.32 11.25 -45.27
N VAL I 250 -29.55 12.35 -46.00
CA VAL I 250 -28.55 13.40 -46.15
C VAL I 250 -28.48 14.23 -44.87
N PRO I 251 -27.28 14.63 -44.44
CA PRO I 251 -27.19 15.55 -43.30
C PRO I 251 -27.76 16.91 -43.64
N ARG I 252 -28.27 17.58 -42.61
CA ARG I 252 -28.77 18.94 -42.73
C ARG I 252 -28.05 19.92 -41.84
N TYR I 253 -27.65 19.50 -40.64
CA TYR I 253 -26.91 20.35 -39.71
C TYR I 253 -25.74 19.58 -39.15
N ALA I 254 -24.56 20.19 -39.19
CA ALA I 254 -23.36 19.65 -38.57
C ALA I 254 -23.13 20.35 -37.24
N PHE I 255 -22.07 19.95 -36.53
CA PHE I 255 -21.79 20.51 -35.21
C PHE I 255 -20.32 20.88 -35.11
N THR I 256 -20.04 22.16 -34.89
CA THR I 256 -18.69 22.63 -34.66
C THR I 256 -18.33 22.40 -33.20
N MET I 257 -17.24 21.68 -32.95
CA MET I 257 -16.85 21.29 -31.61
C MET I 257 -15.34 21.43 -31.44
N GLU I 258 -14.92 21.56 -30.19
CA GLU I 258 -13.52 21.52 -29.78
C GLU I 258 -13.45 20.58 -28.58
N ARG I 259 -12.96 19.37 -28.80
CA ARG I 259 -13.02 18.34 -27.78
C ARG I 259 -12.16 18.71 -26.57
N ASN I 260 -12.70 18.43 -25.38
CA ASN I 260 -12.01 18.71 -24.13
C ASN I 260 -11.22 17.47 -23.70
N ALA I 261 -10.75 17.46 -22.46
CA ALA I 261 -9.96 16.34 -21.96
C ALA I 261 -10.78 15.05 -21.92
N GLY I 262 -12.09 15.16 -21.75
CA GLY I 262 -12.94 13.99 -21.72
C GLY I 262 -13.56 13.78 -20.35
N SER I 263 -14.81 13.32 -20.34
CA SER I 263 -15.54 13.07 -19.11
C SER I 263 -16.44 11.86 -19.32
N GLY I 264 -17.37 11.64 -18.39
CA GLY I 264 -18.28 10.52 -18.49
C GLY I 264 -19.73 10.93 -18.64
N ILE I 265 -20.63 9.95 -18.58
CA ILE I 265 -22.07 10.18 -18.68
C ILE I 265 -22.72 9.63 -17.42
N ILE I 266 -23.57 10.46 -16.79
CA ILE I 266 -24.24 10.10 -15.55
C ILE I 266 -25.70 9.81 -15.84
N ILE I 267 -26.17 8.63 -15.45
CA ILE I 267 -27.55 8.21 -15.65
C ILE I 267 -28.22 8.21 -14.29
N SER I 268 -29.05 9.22 -14.03
CA SER I 268 -29.75 9.34 -12.75
C SER I 268 -30.93 10.27 -12.92
N ASP I 269 -31.85 10.19 -11.96
CA ASP I 269 -33.04 11.03 -11.95
C ASP I 269 -32.91 12.23 -11.01
N THR I 270 -31.70 12.52 -10.55
CA THR I 270 -31.49 13.63 -9.64
C THR I 270 -31.77 14.96 -10.34
N PRO I 271 -32.56 15.84 -9.73
CA PRO I 271 -32.82 17.15 -10.36
C PRO I 271 -31.56 18.01 -10.40
N VAL I 272 -31.53 18.93 -11.37
CA VAL I 272 -30.38 19.80 -11.60
C VAL I 272 -30.59 21.10 -10.84
N HIS I 273 -29.59 21.51 -10.07
CA HIS I 273 -29.61 22.76 -9.32
C HIS I 273 -28.52 23.68 -9.86
N ASP I 274 -28.34 24.82 -9.18
CA ASP I 274 -27.36 25.82 -9.57
C ASP I 274 -26.29 25.89 -8.47
N CYS I 275 -25.18 25.18 -8.69
CA CYS I 275 -24.08 25.18 -7.75
C CYS I 275 -22.82 24.74 -8.49
N ASN I 276 -21.67 25.01 -7.88
CA ASN I 276 -20.37 24.66 -8.44
C ASN I 276 -19.62 23.76 -7.47
N THR I 277 -19.14 22.63 -7.97
CA THR I 277 -18.41 21.66 -7.17
C THR I 277 -17.37 20.96 -8.04
N THR I 278 -16.43 20.30 -7.37
CA THR I 278 -15.34 19.60 -8.05
C THR I 278 -15.65 18.16 -8.38
N CYS I 279 -16.50 17.50 -7.60
CA CYS I 279 -16.86 16.11 -7.81
C CYS I 279 -18.37 16.00 -7.96
N GLN I 280 -18.82 15.19 -8.92
CA GLN I 280 -20.24 15.02 -9.22
C GLN I 280 -20.58 13.54 -9.25
N THR I 281 -20.91 12.98 -8.08
CA THR I 281 -21.43 11.62 -7.99
C THR I 281 -22.89 11.60 -8.44
N PRO I 282 -23.31 10.56 -9.17
CA PRO I 282 -24.71 10.51 -9.64
C PRO I 282 -25.75 10.65 -8.55
N GLU I 283 -25.50 10.09 -7.37
CA GLU I 283 -26.45 10.26 -6.26
C GLU I 283 -26.52 11.73 -5.83
N GLY I 284 -25.39 12.41 -5.78
CA GLY I 284 -25.38 13.81 -5.42
C GLY I 284 -23.97 14.35 -5.47
N ALA I 285 -23.88 15.68 -5.52
CA ALA I 285 -22.57 16.33 -5.60
C ALA I 285 -21.82 16.17 -4.29
N ILE I 286 -20.50 16.04 -4.39
CA ILE I 286 -19.62 15.87 -3.24
C ILE I 286 -18.62 17.02 -3.27
N ASN I 287 -18.72 17.92 -2.31
CA ASN I 287 -17.79 19.03 -2.15
C ASN I 287 -17.03 18.83 -0.84
N THR I 288 -15.79 18.35 -0.95
CA THR I 288 -14.96 18.07 0.22
C THR I 288 -13.51 17.96 -0.23
N SER I 289 -12.62 17.61 0.71
CA SER I 289 -11.21 17.40 0.42
C SER I 289 -10.70 16.08 0.99
N LEU I 290 -11.57 15.26 1.56
CA LEU I 290 -11.16 13.98 2.11
C LEU I 290 -10.75 13.03 0.99
N PRO I 291 -9.77 12.15 1.24
CA PRO I 291 -9.26 11.29 0.16
C PRO I 291 -10.13 10.07 -0.13
N PHE I 292 -11.09 9.73 0.72
CA PHE I 292 -11.88 8.52 0.55
C PHE I 292 -13.37 8.85 0.57
N GLN I 293 -14.13 8.13 -0.26
CA GLN I 293 -15.57 8.25 -0.30
C GLN I 293 -16.17 6.88 -0.60
N ASN I 294 -17.33 6.61 -0.01
CA ASN I 294 -18.00 5.32 -0.17
C ASN I 294 -19.44 5.49 -0.66
N ILE I 295 -19.71 6.55 -1.41
CA ILE I 295 -21.07 6.81 -1.87
C ILE I 295 -21.38 6.01 -3.13
N HIS I 296 -20.52 6.12 -4.15
CA HIS I 296 -20.75 5.38 -5.38
C HIS I 296 -19.43 5.23 -6.13
N PRO I 297 -19.12 4.04 -6.66
CA PRO I 297 -17.86 3.88 -7.38
C PRO I 297 -17.74 4.73 -8.64
N ILE I 298 -18.85 4.98 -9.32
CA ILE I 298 -18.82 5.77 -10.56
C ILE I 298 -18.77 7.25 -10.19
N THR I 299 -17.69 7.92 -10.57
CA THR I 299 -17.47 9.32 -10.24
C THR I 299 -16.93 10.05 -11.44
N ILE I 300 -17.17 11.36 -11.49
CA ILE I 300 -16.68 12.23 -12.55
C ILE I 300 -16.01 13.44 -11.92
N GLY I 301 -14.78 13.73 -12.35
CA GLY I 301 -14.01 14.83 -11.84
C GLY I 301 -12.93 14.37 -10.87
N LYS I 302 -12.30 15.36 -10.24
CA LYS I 302 -11.25 15.07 -9.26
C LYS I 302 -11.86 14.57 -7.96
N CYS I 303 -12.49 13.40 -8.00
CA CYS I 303 -13.21 12.79 -6.89
C CYS I 303 -12.26 11.95 -6.03
N PRO I 304 -12.61 11.76 -4.76
CA PRO I 304 -11.82 10.87 -3.91
C PRO I 304 -11.97 9.41 -4.34
N LYS I 305 -10.99 8.61 -3.96
CA LYS I 305 -10.99 7.19 -4.29
C LYS I 305 -12.14 6.48 -3.58
N TYR I 306 -12.72 5.50 -4.27
CA TYR I 306 -13.86 4.76 -3.75
C TYR I 306 -13.38 3.62 -2.85
N VAL I 307 -13.98 3.52 -1.66
CA VAL I 307 -13.61 2.52 -0.67
C VAL I 307 -14.86 1.76 -0.25
N LYS I 308 -14.73 0.43 -0.15
CA LYS I 308 -15.84 -0.42 0.24
C LYS I 308 -16.12 -0.37 1.74
N SER I 309 -15.21 0.18 2.53
CA SER I 309 -15.40 0.25 3.97
C SER I 309 -16.47 1.29 4.32
N THR I 310 -16.93 1.24 5.57
CA THR I 310 -17.98 2.12 6.04
C THR I 310 -17.58 2.97 7.24
N LYS I 311 -16.37 2.79 7.76
CA LYS I 311 -15.94 3.55 8.93
C LYS I 311 -14.41 3.71 8.87
N LEU I 312 -13.95 4.92 8.57
CA LEU I 312 -12.53 5.25 8.54
C LEU I 312 -12.31 6.50 9.38
N ARG I 313 -11.85 6.32 10.62
CA ARG I 313 -11.64 7.42 11.54
C ARG I 313 -10.21 7.40 12.05
N LEU I 314 -9.54 8.55 12.00
CA LEU I 314 -8.21 8.69 12.56
C LEU I 314 -8.32 9.22 13.99
N ALA I 315 -7.68 8.52 14.92
CA ALA I 315 -7.69 8.92 16.32
C ALA I 315 -6.60 9.97 16.53
N THR I 316 -7.02 11.22 16.76
CA THR I 316 -6.07 12.31 17.00
C THR I 316 -5.98 12.70 18.47
N GLY I 317 -7.05 12.54 19.23
CA GLY I 317 -7.05 12.87 20.64
C GLY I 317 -6.52 11.74 21.51
N LEU I 318 -6.58 11.98 22.82
CA LEU I 318 -6.13 11.00 23.80
C LEU I 318 -7.15 9.88 23.93
N ARG I 319 -6.72 8.79 24.57
CA ARG I 319 -7.62 7.67 24.86
C ARG I 319 -8.56 8.07 25.99
N ASN I 320 -9.82 8.32 25.65
CA ASN I 320 -10.79 8.81 26.63
C ASN I 320 -11.21 7.68 27.56
N VAL I 321 -11.05 7.90 28.86
CA VAL I 321 -11.46 6.93 29.87
C VAL I 321 -12.22 7.66 30.98
N PRO I 322 -13.27 7.06 31.54
CA PRO I 322 -13.96 7.70 32.66
C PRO I 322 -13.12 7.68 33.92
N SER I 323 -13.40 8.63 34.80
CA SER I 323 -12.68 8.73 36.08
C SER I 323 -13.61 9.20 37.19
N ILE J 10 -1.40 8.57 37.13
CA ILE J 10 -1.86 8.73 35.76
C ILE J 10 -2.79 7.58 35.40
N GLU J 11 -3.74 7.28 36.30
CA GLU J 11 -4.68 6.19 36.10
C GLU J 11 -5.98 6.68 35.46
N GLY J 12 -6.65 7.62 36.12
CA GLY J 12 -7.89 8.17 35.61
C GLY J 12 -7.67 9.49 34.90
N GLY J 13 -8.59 9.82 33.98
CA GLY J 13 -8.51 11.06 33.26
C GLY J 13 -8.99 12.25 34.08
N TRP J 14 -8.79 13.43 33.50
CA TRP J 14 -9.19 14.69 34.14
C TRP J 14 -10.21 15.39 33.25
N THR J 15 -11.35 15.74 33.84
CA THR J 15 -12.38 16.51 33.15
C THR J 15 -12.28 18.00 33.41
N GLY J 16 -11.42 18.43 34.33
CA GLY J 16 -11.25 19.82 34.66
C GLY J 16 -10.26 20.59 33.82
N MET J 17 -9.62 19.93 32.85
CA MET J 17 -8.65 20.56 31.97
C MET J 17 -9.15 20.48 30.54
N VAL J 18 -9.54 21.63 29.98
CA VAL J 18 -10.05 21.70 28.63
C VAL J 18 -9.23 22.67 27.77
N ASP J 19 -8.02 23.00 28.22
CA ASP J 19 -7.15 23.91 27.47
C ASP J 19 -5.87 23.24 27.02
N GLY J 20 -5.80 21.90 27.06
CA GLY J 20 -4.61 21.20 26.65
C GLY J 20 -4.68 19.70 26.90
N TRP J 21 -4.12 18.92 25.98
CA TRP J 21 -4.11 17.47 26.15
C TRP J 21 -3.30 17.07 27.37
N TYR J 22 -2.15 17.71 27.58
CA TYR J 22 -1.28 17.40 28.70
C TYR J 22 -1.15 18.63 29.59
N GLY J 23 -1.09 18.40 30.90
CA GLY J 23 -1.00 19.51 31.83
C GLY J 23 -0.86 18.98 33.25
N TYR J 24 -0.83 19.93 34.18
CA TYR J 24 -0.62 19.64 35.59
C TYR J 24 -1.79 20.18 36.41
N HIS J 25 -1.89 19.69 37.65
CA HIS J 25 -2.86 20.20 38.62
C HIS J 25 -2.11 20.63 39.85
N HIS J 26 -2.30 21.87 40.26
CA HIS J 26 -1.63 22.43 41.42
C HIS J 26 -2.65 22.76 42.50
N GLN J 27 -2.20 22.71 43.75
CA GLN J 27 -3.05 23.02 44.89
C GLN J 27 -2.15 23.37 46.07
N ASN J 28 -2.23 24.62 46.53
CA ASN J 28 -1.44 25.08 47.66
C ASN J 28 -2.27 26.10 48.43
N GLU J 29 -1.64 26.75 49.42
CA GLU J 29 -2.35 27.71 50.26
C GLU J 29 -2.91 28.88 49.47
N GLN J 30 -2.40 29.11 48.25
CA GLN J 30 -2.86 30.20 47.42
C GLN J 30 -3.99 29.81 46.47
N GLY J 31 -4.46 28.57 46.52
CA GLY J 31 -5.58 28.16 45.73
C GLY J 31 -5.37 26.79 45.12
N SER J 32 -6.03 26.54 43.99
CA SER J 32 -5.90 25.27 43.30
C SER J 32 -6.42 25.43 41.88
N GLY J 33 -6.04 24.52 41.01
CA GLY J 33 -6.53 24.52 39.66
C GLY J 33 -5.72 23.60 38.76
N TYR J 34 -6.08 23.64 37.48
CA TYR J 34 -5.41 22.89 36.43
C TYR J 34 -4.77 23.87 35.44
N ALA J 35 -3.61 23.49 34.92
CA ALA J 35 -2.90 24.35 33.96
C ALA J 35 -2.23 23.47 32.92
N ALA J 36 -2.58 23.69 31.66
CA ALA J 36 -1.97 22.94 30.57
C ALA J 36 -0.56 23.45 30.29
N ASP J 37 0.34 22.53 29.97
CA ASP J 37 1.70 22.89 29.62
C ASP J 37 1.73 23.41 28.18
N LEU J 38 2.20 24.65 28.00
CA LEU J 38 2.09 25.30 26.71
C LEU J 38 2.98 24.62 25.66
N LYS J 39 4.24 24.39 25.99
CA LYS J 39 5.20 23.90 24.99
C LYS J 39 4.83 22.50 24.51
N SER J 40 4.62 21.57 25.44
CA SER J 40 4.33 20.19 25.05
C SER J 40 3.01 20.09 24.29
N THR J 41 1.98 20.78 24.77
CA THR J 41 0.69 20.75 24.08
C THR J 41 0.80 21.36 22.69
N GLN J 42 1.53 22.47 22.56
CA GLN J 42 1.69 23.10 21.26
C GLN J 42 2.44 22.18 20.29
N ASN J 43 3.50 21.53 20.77
CA ASN J 43 4.25 20.61 19.92
C ASN J 43 3.39 19.43 19.49
N ALA J 44 2.61 18.87 20.42
CA ALA J 44 1.74 17.75 20.09
C ALA J 44 0.68 18.17 19.08
N ILE J 45 0.09 19.35 19.26
CA ILE J 45 -0.93 19.84 18.33
C ILE J 45 -0.33 20.03 16.95
N ASP J 46 0.86 20.63 16.88
CA ASP J 46 1.50 20.86 15.59
C ASP J 46 1.81 19.53 14.89
N LYS J 47 2.33 18.55 15.64
CA LYS J 47 2.66 17.27 15.03
C LYS J 47 1.42 16.54 14.55
N ILE J 48 0.34 16.56 15.35
CA ILE J 48 -0.89 15.89 14.93
C ILE J 48 -1.48 16.57 13.70
N THR J 49 -1.47 17.91 13.69
CA THR J 49 -1.97 18.63 12.52
C THR J 49 -1.16 18.33 11.28
N ASN J 50 0.17 18.25 11.42
CA ASN J 50 1.02 17.92 10.29
C ASN J 50 0.74 16.49 9.80
N LYS J 51 0.52 15.56 10.73
CA LYS J 51 0.19 14.20 10.34
C LYS J 51 -1.11 14.15 9.55
N VAL J 52 -2.13 14.85 10.03
CA VAL J 52 -3.42 14.86 9.33
C VAL J 52 -3.27 15.50 7.95
N ASN J 53 -2.55 16.61 7.88
CA ASN J 53 -2.36 17.29 6.59
C ASN J 53 -1.58 16.42 5.62
N SER J 54 -0.57 15.70 6.11
CA SER J 54 0.19 14.80 5.25
C SER J 54 -0.67 13.64 4.75
N VAL J 55 -1.51 13.09 5.62
CA VAL J 55 -2.38 11.99 5.19
C VAL J 55 -3.37 12.46 4.14
N ILE J 56 -3.98 13.63 4.37
CA ILE J 56 -5.00 14.11 3.43
C ILE J 56 -4.37 14.56 2.12
N GLU J 57 -3.23 15.26 2.18
CA GLU J 57 -2.71 15.95 1.01
C GLU J 57 -2.07 14.97 0.03
N LYS J 58 -1.44 13.91 0.52
CA LYS J 58 -0.67 13.02 -0.34
C LYS J 58 -1.54 12.26 -1.34
N MET J 59 -2.86 12.28 -1.18
CA MET J 59 -3.75 11.65 -2.15
C MET J 59 -3.82 12.49 -3.42
N ASN J 60 -2.94 12.20 -4.38
CA ASN J 60 -2.94 12.94 -5.64
C ASN J 60 -4.17 12.58 -6.45
N THR J 61 -4.87 13.60 -6.94
CA THR J 61 -6.11 13.42 -7.68
C THR J 61 -5.97 14.03 -9.08
N GLN J 62 -6.55 13.35 -10.05
CA GLN J 62 -6.55 13.80 -11.44
C GLN J 62 -7.96 13.75 -11.99
N PHE J 63 -8.22 14.59 -12.98
CA PHE J 63 -9.54 14.64 -13.62
C PHE J 63 -9.74 13.37 -14.41
N THR J 64 -10.54 12.45 -13.86
CA THR J 64 -10.78 11.15 -14.47
C THR J 64 -12.28 10.91 -14.58
N ALA J 65 -12.65 9.87 -15.32
CA ALA J 65 -14.04 9.48 -15.54
C ALA J 65 -14.14 7.99 -15.30
N VAL J 66 -14.40 7.59 -14.06
CA VAL J 66 -14.51 6.19 -13.72
C VAL J 66 -15.85 5.66 -14.21
N GLY J 67 -15.81 4.55 -14.94
CA GLY J 67 -17.02 3.95 -15.47
C GLY J 67 -17.15 4.16 -16.97
N LYS J 68 -17.03 3.07 -17.73
CA LYS J 68 -17.12 3.12 -19.19
C LYS J 68 -18.22 2.18 -19.65
N GLU J 69 -19.09 2.69 -20.52
CA GLU J 69 -20.16 1.87 -21.08
C GLU J 69 -19.63 1.06 -22.26
N PHE J 70 -20.16 -0.15 -22.42
CA PHE J 70 -19.73 -1.04 -23.49
C PHE J 70 -20.95 -1.74 -24.08
N ASN J 71 -20.78 -2.19 -25.32
CA ASN J 71 -21.84 -2.91 -26.02
C ASN J 71 -21.93 -4.35 -25.51
N HIS J 72 -23.00 -5.04 -25.90
CA HIS J 72 -23.19 -6.42 -25.49
C HIS J 72 -22.11 -7.33 -26.05
N LEU J 73 -21.69 -7.09 -27.29
CA LEU J 73 -20.65 -7.91 -27.90
C LEU J 73 -19.31 -7.75 -27.16
N GLU J 74 -18.99 -6.53 -26.75
CA GLU J 74 -17.73 -6.26 -26.07
C GLU J 74 -17.81 -6.60 -24.59
N LYS J 75 -18.22 -7.83 -24.27
CA LYS J 75 -18.34 -8.22 -22.87
C LYS J 75 -16.98 -8.48 -22.24
N ARG J 76 -15.99 -8.88 -23.05
CA ARG J 76 -14.66 -9.13 -22.50
C ARG J 76 -14.04 -7.85 -21.94
N ILE J 77 -14.19 -6.74 -22.66
CA ILE J 77 -13.64 -5.47 -22.18
C ILE J 77 -14.39 -5.02 -20.93
N GLU J 78 -15.70 -5.26 -20.88
CA GLU J 78 -16.47 -4.92 -19.68
C GLU J 78 -15.98 -5.74 -18.49
N ASN J 79 -15.73 -7.03 -18.69
CA ASN J 79 -15.21 -7.87 -17.61
C ASN J 79 -13.83 -7.40 -17.17
N LEU J 80 -12.99 -7.00 -18.13
CA LEU J 80 -11.67 -6.47 -17.78
C LEU J 80 -11.80 -5.19 -16.95
N ASN J 81 -12.71 -4.30 -17.34
CA ASN J 81 -12.93 -3.08 -16.58
C ASN J 81 -13.44 -3.38 -15.18
N LYS J 82 -14.36 -4.34 -15.06
CA LYS J 82 -14.85 -4.73 -13.75
C LYS J 82 -13.73 -5.30 -12.88
N LYS J 83 -12.87 -6.14 -13.47
CA LYS J 83 -11.75 -6.69 -12.73
C LYS J 83 -10.79 -5.60 -12.26
N VAL J 84 -10.51 -4.63 -13.12
CA VAL J 84 -9.62 -3.52 -12.74
C VAL J 84 -10.24 -2.71 -11.60
N ASP J 85 -11.54 -2.43 -11.71
CA ASP J 85 -12.21 -1.66 -10.66
C ASP J 85 -12.22 -2.41 -9.35
N ASP J 86 -12.49 -3.72 -9.39
CA ASP J 86 -12.50 -4.52 -8.16
C ASP J 86 -11.11 -4.58 -7.54
N GLY J 87 -10.08 -4.74 -8.36
CA GLY J 87 -8.72 -4.74 -7.84
C GLY J 87 -8.35 -3.43 -7.19
N PHE J 88 -8.68 -2.31 -7.84
CA PHE J 88 -8.42 -1.00 -7.26
C PHE J 88 -9.17 -0.83 -5.94
N LEU J 89 -10.44 -1.27 -5.90
CA LEU J 89 -11.24 -1.14 -4.69
C LEU J 89 -10.63 -1.95 -3.55
N ASP J 90 -10.23 -3.19 -3.84
CA ASP J 90 -9.65 -4.03 -2.80
C ASP J 90 -8.34 -3.45 -2.29
N ILE J 91 -7.48 -3.00 -3.21
CA ILE J 91 -6.20 -2.42 -2.80
C ILE J 91 -6.42 -1.19 -1.93
N TRP J 92 -7.33 -0.31 -2.36
CA TRP J 92 -7.58 0.91 -1.60
C TRP J 92 -8.16 0.59 -0.23
N THR J 93 -9.11 -0.34 -0.15
CA THR J 93 -9.72 -0.68 1.12
C THR J 93 -8.69 -1.26 2.08
N TYR J 94 -7.90 -2.21 1.61
CA TYR J 94 -6.89 -2.85 2.46
C TYR J 94 -5.87 -1.82 2.94
N ASN J 95 -5.36 -1.00 2.02
CA ASN J 95 -4.35 -0.01 2.38
C ASN J 95 -4.91 1.00 3.36
N ALA J 96 -6.13 1.48 3.13
CA ALA J 96 -6.73 2.46 4.02
C ALA J 96 -6.96 1.89 5.42
N GLU J 97 -7.47 0.65 5.49
CA GLU J 97 -7.68 0.04 6.80
C GLU J 97 -6.37 -0.12 7.56
N LEU J 98 -5.34 -0.63 6.87
CA LEU J 98 -4.06 -0.82 7.55
C LEU J 98 -3.46 0.51 7.98
N LEU J 99 -3.56 1.53 7.12
CA LEU J 99 -3.04 2.85 7.46
C LEU J 99 -3.75 3.43 8.67
N VAL J 100 -5.08 3.32 8.71
CA VAL J 100 -5.85 3.86 9.83
C VAL J 100 -5.47 3.16 11.12
N LEU J 101 -5.38 1.83 11.09
CA LEU J 101 -5.02 1.08 12.29
C LEU J 101 -3.63 1.46 12.78
N LEU J 102 -2.66 1.49 11.86
CA LEU J 102 -1.29 1.82 12.26
C LEU J 102 -1.20 3.25 12.80
N GLU J 103 -1.86 4.20 12.15
CA GLU J 103 -1.81 5.58 12.62
C GLU J 103 -2.45 5.74 13.98
N ASN J 104 -3.59 5.07 14.21
CA ASN J 104 -4.22 5.16 15.53
C ASN J 104 -3.31 4.57 16.61
N GLU J 105 -2.72 3.40 16.33
CA GLU J 105 -1.82 2.79 17.31
C GLU J 105 -0.63 3.69 17.60
N ARG J 106 -0.03 4.26 16.55
CA ARG J 106 1.13 5.13 16.75
C ARG J 106 0.75 6.39 17.50
N THR J 107 -0.43 6.96 17.23
CA THR J 107 -0.86 8.16 17.95
C THR J 107 -1.07 7.87 19.43
N LEU J 108 -1.71 6.74 19.75
CA LEU J 108 -1.89 6.39 21.15
C LEU J 108 -0.56 6.17 21.85
N ASP J 109 0.37 5.47 21.18
CA ASP J 109 1.69 5.25 21.76
C ASP J 109 2.43 6.57 21.95
N TYR J 110 2.30 7.48 20.99
CA TYR J 110 2.95 8.78 21.09
C TYR J 110 2.40 9.59 22.25
N HIS J 111 1.07 9.56 22.46
CA HIS J 111 0.49 10.26 23.60
C HIS J 111 1.00 9.68 24.92
N ASP J 112 1.03 8.34 25.02
CA ASP J 112 1.55 7.72 26.23
C ASP J 112 3.02 8.09 26.45
N SER J 113 3.80 8.11 25.37
CA SER J 113 5.20 8.48 25.47
C SER J 113 5.36 9.92 25.91
N ASN J 114 4.50 10.82 25.42
CA ASN J 114 4.55 12.21 25.86
C ASN J 114 4.26 12.34 27.34
N VAL J 115 3.24 11.62 27.83
CA VAL J 115 2.92 11.67 29.26
C VAL J 115 4.11 11.15 30.07
N LYS J 116 4.68 10.03 29.63
CA LYS J 116 5.82 9.45 30.35
C LYS J 116 7.02 10.40 30.33
N ASN J 117 7.25 11.07 29.21
CA ASN J 117 8.36 12.00 29.11
C ASN J 117 8.16 13.21 30.02
N LEU J 118 6.92 13.72 30.11
CA LEU J 118 6.67 14.81 31.04
C LEU J 118 6.90 14.38 32.48
N TYR J 119 6.44 13.19 32.84
CA TYR J 119 6.65 12.69 34.20
C TYR J 119 8.14 12.52 34.50
N GLU J 120 8.88 11.96 33.54
CA GLU J 120 10.32 11.78 33.72
C GLU J 120 11.03 13.12 33.82
N LYS J 121 10.60 14.11 33.04
CA LYS J 121 11.21 15.43 33.11
C LYS J 121 11.00 16.05 34.48
N VAL J 122 9.78 15.95 35.02
CA VAL J 122 9.51 16.49 36.36
C VAL J 122 10.38 15.79 37.40
N ARG J 123 10.42 14.45 37.34
CA ARG J 123 11.19 13.70 38.33
C ARG J 123 12.68 14.03 38.23
N ASN J 124 13.19 14.17 37.01
CA ASN J 124 14.59 14.53 36.82
C ASN J 124 14.86 15.94 37.33
N GLN J 125 13.90 16.86 37.16
CA GLN J 125 14.09 18.21 37.66
C GLN J 125 14.14 18.25 39.19
N LEU J 126 13.33 17.43 39.87
CA LEU J 126 13.32 17.48 41.33
C LEU J 126 14.28 16.45 41.94
N LYS J 127 13.99 15.17 41.71
CA LYS J 127 14.83 14.02 42.06
C LYS J 127 14.98 13.77 43.56
N ASN J 128 14.63 14.75 44.40
CA ASN J 128 14.60 14.50 45.83
C ASN J 128 13.48 15.28 46.51
N ASN J 129 12.96 16.30 45.83
CA ASN J 129 12.11 17.28 46.49
C ASN J 129 10.67 16.83 46.66
N ALA J 130 10.23 15.85 45.87
CA ALA J 130 8.84 15.42 45.86
C ALA J 130 8.76 13.93 46.13
N LYS J 131 8.03 13.56 47.18
CA LYS J 131 7.70 12.17 47.41
C LYS J 131 6.71 11.70 46.35
N GLU J 132 6.94 10.50 45.84
CA GLU J 132 6.10 9.92 44.80
C GLU J 132 5.03 9.03 45.43
N ILE J 133 3.78 9.27 45.05
CA ILE J 133 2.67 8.47 45.57
C ILE J 133 2.44 7.20 44.76
N GLY J 134 2.88 7.16 43.50
CA GLY J 134 2.66 6.04 42.63
C GLY J 134 1.54 6.21 41.63
N ASN J 135 0.69 7.22 41.80
CA ASN J 135 -0.40 7.51 40.88
C ASN J 135 -0.08 8.70 39.98
N GLY J 136 1.19 9.06 39.85
CA GLY J 136 1.60 10.19 39.05
C GLY J 136 1.68 11.51 39.78
N CYS J 137 1.24 11.55 41.03
CA CYS J 137 1.26 12.79 41.80
C CYS J 137 2.58 12.95 42.54
N PHE J 138 2.85 14.18 42.97
CA PHE J 138 4.05 14.52 43.72
C PHE J 138 3.66 15.28 44.97
N GLU J 139 4.33 14.97 46.09
CA GLU J 139 4.12 15.67 47.35
C GLU J 139 5.39 16.41 47.71
N PHE J 140 5.34 17.74 47.68
CA PHE J 140 6.53 18.54 47.95
C PHE J 140 6.83 18.56 49.44
N TYR J 141 8.06 18.17 49.79
CA TYR J 141 8.49 18.24 51.18
C TYR J 141 8.57 19.68 51.66
N HIS J 142 9.13 20.57 50.84
CA HIS J 142 9.28 21.97 51.20
C HIS J 142 8.05 22.77 50.79
N LYS J 143 7.86 23.91 51.44
CA LYS J 143 6.73 24.76 51.12
C LYS J 143 6.88 25.35 49.73
N CYS J 144 5.81 25.27 48.92
CA CYS J 144 5.83 25.72 47.55
C CYS J 144 4.68 26.71 47.33
N ASP J 145 5.00 27.85 46.74
CA ASP J 145 4.02 28.89 46.46
C ASP J 145 3.65 28.85 44.97
N ASN J 146 2.90 29.87 44.53
CA ASN J 146 2.55 29.95 43.11
C ASN J 146 3.79 30.13 42.24
N THR J 147 4.76 30.92 42.71
CA THR J 147 5.99 31.11 41.94
C THR J 147 6.75 29.80 41.78
N CYS J 148 6.81 29.00 42.84
CA CYS J 148 7.47 27.70 42.75
C CYS J 148 6.76 26.78 41.76
N MET J 149 5.43 26.75 41.78
CA MET J 149 4.69 25.94 40.83
C MET J 149 4.92 26.39 39.40
N GLU J 150 4.92 27.72 39.17
CA GLU J 150 5.18 28.24 37.84
C GLU J 150 6.58 27.89 37.37
N SER J 151 7.57 27.97 38.27
CA SER J 151 8.93 27.61 37.90
C SER J 151 9.04 26.13 37.57
N VAL J 152 8.36 25.28 38.33
CA VAL J 152 8.39 23.84 38.06
C VAL J 152 7.75 23.55 36.70
N LYS J 153 6.59 24.15 36.43
CA LYS J 153 5.91 23.90 35.17
C LYS J 153 6.72 24.42 33.98
N ASN J 154 7.33 25.60 34.13
CA ASN J 154 8.11 26.18 33.05
C ASN J 154 9.41 25.43 32.79
N GLY J 155 9.91 24.70 33.79
CA GLY J 155 11.15 23.96 33.65
C GLY J 155 12.39 24.68 34.14
N THR J 156 12.24 25.84 34.77
CA THR J 156 13.37 26.60 35.29
C THR J 156 13.53 26.46 36.80
N TYR J 157 13.08 25.34 37.36
CA TYR J 157 13.21 25.12 38.79
C TYR J 157 14.68 25.01 39.20
N ASP J 158 15.02 25.66 40.31
CA ASP J 158 16.39 25.67 40.81
C ASP J 158 16.50 24.66 41.94
N TYR J 159 17.33 23.62 41.73
CA TYR J 159 17.49 22.58 42.74
C TYR J 159 18.10 23.09 44.04
N PRO J 160 19.25 23.78 44.06
CA PRO J 160 19.85 24.13 45.35
C PRO J 160 19.09 25.18 46.13
N LYS J 161 18.18 25.93 45.50
CA LYS J 161 17.43 26.96 46.21
C LYS J 161 16.55 26.35 47.28
N TYR J 162 15.90 25.22 46.97
CA TYR J 162 15.00 24.56 47.90
C TYR J 162 15.49 23.18 48.33
N SER J 163 16.69 22.78 47.91
CA SER J 163 17.21 21.47 48.31
C SER J 163 17.38 21.37 49.81
N GLU J 164 17.92 22.42 50.45
CA GLU J 164 18.11 22.40 51.89
C GLU J 164 16.79 22.27 52.63
N GLU J 165 15.77 23.04 52.21
CA GLU J 165 14.47 22.96 52.85
C GLU J 165 13.83 21.59 52.65
N ALA J 166 13.95 21.04 51.44
CA ALA J 166 13.40 19.72 51.17
C ALA J 166 14.07 18.65 52.03
N LYS J 167 15.41 18.73 52.16
CA LYS J 167 16.12 17.78 53.00
C LYS J 167 15.71 17.92 54.46
N LEU J 168 15.57 19.15 54.95
CA LEU J 168 15.16 19.37 56.33
C LEU J 168 13.77 18.81 56.59
N ASN J 169 12.84 19.02 55.65
CA ASN J 169 11.50 18.50 55.83
C ASN J 169 11.46 16.97 55.73
N ARG J 170 12.29 16.40 54.85
CA ARG J 170 12.29 14.95 54.68
C ARG J 170 12.90 14.25 55.89
N GLU J 171 13.95 14.84 56.48
CA GLU J 171 14.59 14.23 57.64
C GLU J 171 13.73 14.32 58.90
N LYS J 172 12.63 15.08 58.86
CA LYS J 172 11.76 15.18 60.03
C LYS J 172 11.13 13.83 60.37
N ILE J 173 10.70 13.08 59.38
CA ILE J 173 10.11 11.77 59.61
C ILE J 173 11.18 10.69 59.61
N GLU K 1 -25.95 35.53 22.05
CA GLU K 1 -25.30 36.68 22.64
C GLU K 1 -24.99 36.45 24.12
N VAL K 2 -23.70 36.53 24.46
CA VAL K 2 -23.29 36.33 25.84
C VAL K 2 -23.68 37.55 26.67
N GLN K 3 -23.87 37.34 27.97
CA GLN K 3 -24.24 38.41 28.89
C GLN K 3 -23.27 38.44 30.04
N LEU K 4 -22.78 39.64 30.37
CA LEU K 4 -21.82 39.84 31.45
C LEU K 4 -22.37 40.89 32.41
N VAL K 5 -22.35 40.59 33.69
CA VAL K 5 -22.80 41.49 34.74
C VAL K 5 -21.64 41.78 35.67
N GLU K 6 -21.35 43.06 35.90
CA GLU K 6 -20.25 43.49 36.73
C GLU K 6 -20.78 44.29 37.91
N SER K 7 -20.21 44.05 39.09
CA SER K 7 -20.67 44.72 40.30
C SER K 7 -19.50 44.86 41.27
N GLY K 8 -19.71 45.68 42.29
CA GLY K 8 -18.71 45.91 43.32
C GLY K 8 -18.03 47.25 43.29
N GLY K 9 -18.46 48.17 42.41
CA GLY K 9 -17.85 49.49 42.36
C GLY K 9 -18.31 50.38 43.50
N GLY K 10 -17.64 51.52 43.62
CA GLY K 10 -17.95 52.47 44.66
C GLY K 10 -16.73 53.31 45.01
N LEU K 11 -16.81 53.96 46.16
CA LEU K 11 -15.75 54.82 46.66
C LEU K 11 -15.06 54.15 47.83
N ALA K 12 -13.73 54.07 47.76
CA ALA K 12 -12.93 53.47 48.82
C ALA K 12 -11.77 54.39 49.16
N LYS K 13 -11.47 54.51 50.46
CA LYS K 13 -10.38 55.35 50.90
C LYS K 13 -9.03 54.73 50.52
N PRO K 14 -7.99 55.56 50.37
CA PRO K 14 -6.67 55.01 50.05
C PRO K 14 -6.18 54.05 51.13
N GLY K 15 -5.49 53.01 50.70
CA GLY K 15 -4.98 52.00 51.62
C GLY K 15 -5.98 50.97 52.06
N GLY K 16 -7.18 50.98 51.49
CA GLY K 16 -8.22 50.04 51.85
C GLY K 16 -8.26 48.82 50.95
N SER K 17 -9.41 48.17 50.91
CA SER K 17 -9.60 46.97 50.11
C SER K 17 -10.93 47.04 49.38
N LEU K 18 -11.02 46.31 48.27
CA LEU K 18 -12.22 46.34 47.45
C LEU K 18 -12.39 44.98 46.77
N ARG K 19 -13.63 44.68 46.39
CA ARG K 19 -13.97 43.43 45.72
C ARG K 19 -14.83 43.72 44.51
N LEU K 20 -14.52 43.06 43.39
CA LEU K 20 -15.30 43.16 42.17
C LEU K 20 -15.80 41.79 41.77
N SER K 21 -17.06 41.72 41.35
CA SER K 21 -17.71 40.46 40.98
C SER K 21 -18.16 40.51 39.53
N CYS K 22 -17.89 39.44 38.81
CA CYS K 22 -18.26 39.30 37.40
C CYS K 22 -19.05 38.01 37.23
N ALA K 23 -20.24 38.11 36.64
CA ALA K 23 -21.09 36.97 36.37
C ALA K 23 -21.29 36.86 34.86
N ALA K 24 -21.27 35.63 34.35
CA ALA K 24 -21.39 35.38 32.93
C ALA K 24 -22.54 34.43 32.64
N SER K 25 -23.19 34.63 31.50
CA SER K 25 -24.27 33.75 31.07
C SER K 25 -24.29 33.70 29.56
N GLY K 26 -24.91 32.64 29.03
CA GLY K 26 -24.98 32.41 27.60
C GLY K 26 -23.85 31.58 27.04
N PHE K 27 -22.85 31.22 27.84
CA PHE K 27 -21.75 30.38 27.38
C PHE K 27 -21.18 29.63 28.56
N THR K 28 -20.47 28.53 28.25
CA THR K 28 -19.85 27.72 29.29
C THR K 28 -18.70 28.50 29.92
N PHE K 29 -18.86 28.86 31.20
CA PHE K 29 -17.87 29.68 31.87
C PHE K 29 -16.59 28.92 32.18
N SER K 30 -16.63 27.59 32.19
CA SER K 30 -15.47 26.79 32.55
C SER K 30 -14.57 26.46 31.37
N THR K 31 -14.97 26.81 30.15
CA THR K 31 -14.18 26.50 28.96
C THR K 31 -13.55 27.73 28.32
N TYR K 32 -13.70 28.92 28.92
CA TYR K 32 -13.12 30.14 28.39
C TYR K 32 -12.44 30.91 29.50
N ALA K 33 -11.24 31.41 29.20
CA ALA K 33 -10.49 32.19 30.18
C ALA K 33 -11.09 33.58 30.33
N MET K 34 -10.67 34.28 31.38
CA MET K 34 -11.23 35.59 31.71
C MET K 34 -10.11 36.60 31.91
N HIS K 35 -10.44 37.87 31.70
CA HIS K 35 -9.50 38.96 31.86
C HIS K 35 -10.18 40.16 32.50
N TRP K 36 -9.44 40.84 33.37
CA TRP K 36 -9.82 42.13 33.93
C TRP K 36 -8.90 43.19 33.34
N VAL K 37 -9.48 44.20 32.69
CA VAL K 37 -8.74 45.26 32.01
C VAL K 37 -9.27 46.61 32.49
N ARG K 38 -8.37 47.49 32.90
CA ARG K 38 -8.77 48.80 33.39
C ARG K 38 -8.52 49.86 32.32
N GLN K 39 -9.27 50.97 32.44
CA GLN K 39 -9.13 52.12 31.57
C GLN K 39 -9.19 53.37 32.42
N ALA K 40 -8.16 54.20 32.35
CA ALA K 40 -8.15 55.45 33.08
C ALA K 40 -9.13 56.43 32.47
N PRO K 41 -9.70 57.33 33.27
CA PRO K 41 -10.64 58.33 32.72
C PRO K 41 -9.92 59.29 31.79
N GLY K 42 -10.32 59.28 30.52
CA GLY K 42 -9.71 60.14 29.52
C GLY K 42 -8.42 59.61 28.92
N LYS K 43 -7.99 58.42 29.29
CA LYS K 43 -6.76 57.82 28.78
C LYS K 43 -7.09 56.52 28.05
N GLY K 44 -6.04 55.81 27.64
CA GLY K 44 -6.21 54.58 26.90
C GLY K 44 -6.44 53.38 27.80
N LEU K 45 -6.58 52.22 27.15
CA LEU K 45 -6.80 50.98 27.87
C LEU K 45 -5.52 50.49 28.53
N GLU K 46 -5.68 49.60 29.52
CA GLU K 46 -4.54 49.05 30.23
C GLU K 46 -4.94 47.68 30.77
N TRP K 47 -4.39 46.61 30.18
CA TRP K 47 -4.64 45.27 30.67
C TRP K 47 -4.10 45.12 32.09
N ILE K 48 -4.90 44.51 32.96
CA ILE K 48 -4.55 44.36 34.37
C ILE K 48 -4.19 42.92 34.71
N SER K 49 -5.11 41.99 34.53
CA SER K 49 -4.86 40.62 34.97
C SER K 49 -5.77 39.66 34.21
N GLY K 50 -5.50 38.37 34.41
CA GLY K 50 -6.30 37.35 33.76
C GLY K 50 -6.15 36.01 34.44
N ILE K 51 -7.09 35.11 34.13
CA ILE K 51 -7.09 33.77 34.67
C ILE K 51 -7.52 32.79 33.59
N ASN K 52 -6.96 31.59 33.63
CA ASN K 52 -7.19 30.58 32.61
C ASN K 52 -8.61 30.04 32.71
N SER K 53 -9.03 29.34 31.64
CA SER K 53 -10.37 28.74 31.61
C SER K 53 -10.54 27.72 32.72
N GLY K 54 -9.54 26.87 32.93
CA GLY K 54 -9.61 25.86 33.97
C GLY K 54 -8.97 26.34 35.26
N GLY K 55 -8.75 27.65 35.37
CA GLY K 55 -8.05 28.17 36.53
C GLY K 55 -6.59 27.75 36.55
N GLY K 56 -6.03 27.69 37.75
CA GLY K 56 -4.69 27.17 37.94
C GLY K 56 -3.58 27.94 37.24
N SER K 57 -3.93 29.03 36.56
CA SER K 57 -2.95 29.82 35.82
C SER K 57 -3.41 31.28 35.88
N THR K 58 -2.85 32.04 36.81
CA THR K 58 -3.19 33.45 36.99
C THR K 58 -2.06 34.31 36.45
N TRP K 59 -2.40 35.26 35.59
CA TRP K 59 -1.44 36.14 34.95
C TRP K 59 -1.65 37.56 35.45
N TYR K 60 -0.58 38.18 35.96
CA TYR K 60 -0.62 39.54 36.48
C TYR K 60 0.51 40.35 35.87
N THR K 61 0.30 41.66 35.81
CA THR K 61 1.34 42.58 35.34
C THR K 61 2.22 43.00 36.51
N ALA K 62 3.33 43.68 36.17
CA ALA K 62 4.31 44.05 37.18
C ALA K 62 3.75 45.04 38.18
N SER K 63 2.74 45.81 37.80
CA SER K 63 2.20 46.85 38.67
C SER K 63 1.14 46.33 39.63
N VAL K 64 0.71 45.07 39.50
CA VAL K 64 -0.35 44.52 40.34
C VAL K 64 0.09 43.28 41.09
N LYS K 65 1.31 42.79 40.87
CA LYS K 65 1.77 41.60 41.57
C LYS K 65 1.82 41.84 43.07
N GLY K 66 1.27 40.90 43.84
CA GLY K 66 1.21 41.03 45.28
C GLY K 66 0.10 41.94 45.79
N ARG K 67 -0.74 42.47 44.91
CA ARG K 67 -1.79 43.40 45.29
C ARG K 67 -3.19 42.91 44.91
N PHE K 68 -3.34 42.29 43.74
CA PHE K 68 -4.64 41.83 43.27
C PHE K 68 -4.69 40.30 43.28
N THR K 69 -5.87 39.78 43.60
CA THR K 69 -6.10 38.35 43.67
C THR K 69 -7.33 37.98 42.84
N ILE K 70 -7.24 36.89 42.10
CA ILE K 70 -8.30 36.42 41.22
C ILE K 70 -8.78 35.06 41.70
N SER K 71 -10.09 34.90 41.83
CA SER K 71 -10.67 33.62 42.23
C SER K 71 -11.94 33.37 41.44
N ARG K 72 -11.99 32.26 40.71
CA ARG K 72 -13.14 31.94 39.87
C ARG K 72 -13.80 30.66 40.38
N ASP K 73 -15.13 30.63 40.26
CA ASP K 73 -15.94 29.47 40.62
C ASP K 73 -16.74 29.06 39.40
N ASN K 74 -16.45 27.88 38.85
CA ASN K 74 -17.17 27.40 37.68
C ASN K 74 -18.58 26.93 38.02
N SER K 75 -18.77 26.40 39.23
CA SER K 75 -20.10 25.95 39.63
C SER K 75 -21.10 27.10 39.65
N LYS K 76 -20.69 28.24 40.21
CA LYS K 76 -21.51 29.44 40.20
C LYS K 76 -21.26 30.33 38.99
N SER K 77 -20.27 30.00 38.16
CA SER K 77 -19.91 30.81 36.99
C SER K 77 -19.62 32.25 37.40
N THR K 78 -18.88 32.42 38.49
CA THR K 78 -18.58 33.72 39.04
C THR K 78 -17.07 33.97 39.08
N LEU K 79 -16.70 35.24 39.04
CA LEU K 79 -15.30 35.65 39.11
C LEU K 79 -15.18 36.78 40.13
N SER K 80 -14.20 36.67 41.03
CA SER K 80 -13.98 37.65 42.07
C SER K 80 -12.56 38.20 41.95
N LEU K 81 -12.45 39.52 41.93
CA LEU K 81 -11.16 40.21 41.89
C LEU K 81 -11.05 41.04 43.17
N GLN K 82 -10.09 40.68 44.02
CA GLN K 82 -9.87 41.36 45.28
C GLN K 82 -8.65 42.28 45.15
N MET K 83 -8.85 43.55 45.48
CA MET K 83 -7.80 44.56 45.41
C MET K 83 -7.46 45.03 46.81
N ASN K 84 -6.16 45.05 47.13
CA ASN K 84 -5.67 45.46 48.43
C ASN K 84 -4.64 46.56 48.26
N SER K 85 -4.49 47.38 49.30
CA SER K 85 -3.58 48.53 49.30
C SER K 85 -3.88 49.46 48.12
N LEU K 86 -5.10 49.98 48.13
CA LEU K 86 -5.57 50.84 47.05
C LEU K 86 -4.81 52.16 47.02
N ARG K 87 -4.65 52.71 45.82
CA ARG K 87 -3.95 53.97 45.61
C ARG K 87 -4.82 54.87 44.74
N THR K 88 -4.42 56.15 44.67
CA THR K 88 -5.15 57.11 43.85
C THR K 88 -5.07 56.75 42.37
N GLU K 89 -4.02 56.04 41.96
CA GLU K 89 -3.90 55.62 40.58
C GLU K 89 -4.91 54.55 40.19
N ASP K 90 -5.50 53.87 41.18
CA ASP K 90 -6.44 52.79 40.91
C ASP K 90 -7.79 53.29 40.39
N THR K 91 -8.07 54.60 40.51
CA THR K 91 -9.32 55.15 40.03
C THR K 91 -9.42 55.00 38.52
N ALA K 92 -10.32 54.12 38.06
CA ALA K 92 -10.46 53.81 36.64
C ALA K 92 -11.73 52.99 36.45
N VAL K 93 -12.03 52.67 35.21
CA VAL K 93 -13.18 51.84 34.86
C VAL K 93 -12.65 50.46 34.50
N TYR K 94 -13.09 49.44 35.22
CA TYR K 94 -12.65 48.07 35.01
C TYR K 94 -13.67 47.30 34.19
N TYR K 95 -13.17 46.40 33.35
CA TYR K 95 -13.99 45.60 32.45
C TYR K 95 -13.61 44.14 32.60
N CYS K 96 -14.63 43.28 32.69
CA CYS K 96 -14.46 41.83 32.75
C CYS K 96 -14.82 41.26 31.39
N ALA K 97 -13.88 40.54 30.77
CA ALA K 97 -14.07 40.06 29.42
C ALA K 97 -13.64 38.61 29.30
N LYS K 98 -14.17 37.93 28.29
CA LYS K 98 -13.79 36.56 27.98
C LYS K 98 -12.70 36.54 26.93
N ASP K 99 -12.06 35.38 26.78
CA ASP K 99 -10.96 35.21 25.85
C ASP K 99 -11.43 34.49 24.59
N GLY K 100 -10.51 34.40 23.63
CA GLY K 100 -10.79 33.70 22.39
C GLY K 100 -10.34 32.24 22.48
N GLY K 101 -11.13 31.37 21.88
CA GLY K 101 -10.85 29.94 21.90
C GLY K 101 -10.72 29.39 20.48
N ASN K 102 -9.57 28.80 20.21
CA ASN K 102 -9.33 28.12 18.95
C ASN K 102 -9.79 26.67 19.08
N ALA K 103 -10.64 26.23 18.15
CA ALA K 103 -11.17 24.87 18.16
C ALA K 103 -10.23 23.97 17.39
N ILE K 104 -9.43 23.18 18.11
CA ILE K 104 -8.47 22.27 17.52
C ILE K 104 -8.82 20.87 18.01
N PHE K 105 -9.44 20.07 17.14
CA PHE K 105 -9.81 18.69 17.45
C PHE K 105 -10.66 18.61 18.72
N GLY K 106 -11.63 19.51 18.84
CA GLY K 106 -12.50 19.56 19.99
C GLY K 106 -11.87 20.19 21.22
N LEU K 107 -10.65 20.69 21.12
CA LEU K 107 -9.97 21.32 22.24
C LEU K 107 -10.00 22.83 22.08
N VAL K 108 -10.24 23.53 23.19
CA VAL K 108 -10.31 24.98 23.20
C VAL K 108 -8.94 25.52 23.62
N ILE K 109 -8.17 25.99 22.65
CA ILE K 109 -6.87 26.58 22.92
C ILE K 109 -7.07 28.06 23.22
N THR K 110 -6.56 28.51 24.35
CA THR K 110 -6.71 29.91 24.76
C THR K 110 -5.83 30.80 23.89
N ASN K 111 -6.42 31.85 23.33
CA ASN K 111 -5.70 32.84 22.55
C ASN K 111 -5.76 34.17 23.28
N TYR K 112 -4.61 34.81 23.46
CA TYR K 112 -4.54 36.05 24.21
C TYR K 112 -5.30 37.17 23.51
N GLY K 113 -6.44 37.54 24.04
CA GLY K 113 -7.28 38.55 23.44
C GLY K 113 -8.66 38.52 24.05
N LEU K 114 -9.45 39.53 23.69
CA LEU K 114 -10.80 39.70 24.22
C LEU K 114 -11.80 39.74 23.07
N ASP K 115 -12.83 38.90 23.16
CA ASP K 115 -13.88 38.84 22.14
C ASP K 115 -15.07 39.71 22.51
N SER K 116 -15.68 39.44 23.67
CA SER K 116 -16.84 40.19 24.13
C SER K 116 -16.51 40.84 25.48
N TRP K 117 -16.77 42.13 25.58
CA TRP K 117 -16.50 42.88 26.79
C TRP K 117 -17.74 42.93 27.69
N GLY K 118 -17.54 43.43 28.90
CA GLY K 118 -18.64 43.56 29.84
C GLY K 118 -19.35 44.90 29.72
N GLN K 119 -19.49 45.61 30.83
CA GLN K 119 -20.13 46.92 30.83
C GLN K 119 -19.25 48.01 31.42
N GLY K 120 -18.49 47.70 32.47
CA GLY K 120 -17.61 48.69 33.07
C GLY K 120 -18.04 49.11 34.47
N ALA K 121 -17.14 48.96 35.43
CA ALA K 121 -17.39 49.37 36.81
C ALA K 121 -16.38 50.43 37.20
N VAL K 122 -16.87 51.55 37.70
CA VAL K 122 -16.01 52.70 38.04
C VAL K 122 -15.54 52.56 39.48
N VAL K 123 -14.23 52.65 39.69
CA VAL K 123 -13.63 52.60 41.02
C VAL K 123 -12.88 53.89 41.23
N THR K 124 -13.21 54.61 42.31
CA THR K 124 -12.61 55.88 42.64
C THR K 124 -11.98 55.83 44.02
N VAL K 125 -10.82 56.45 44.15
CA VAL K 125 -10.09 56.47 45.41
C VAL K 125 -9.86 57.90 45.87
N SER L 2 8.90 45.80 26.39
CA SER L 2 8.46 46.30 25.09
C SER L 2 7.35 47.32 25.24
N VAL L 3 7.22 48.21 24.26
CA VAL L 3 6.20 49.26 24.27
C VAL L 3 5.57 49.31 22.88
N LEU L 4 4.36 49.86 22.84
CA LEU L 4 3.60 50.03 21.60
C LEU L 4 3.42 51.51 21.32
N THR L 5 3.66 51.91 20.08
CA THR L 5 3.55 53.30 19.66
C THR L 5 2.53 53.43 18.55
N GLN L 6 1.68 54.45 18.65
CA GLN L 6 0.66 54.74 17.67
C GLN L 6 0.65 56.24 17.37
N PRO L 7 0.20 56.63 16.18
CA PRO L 7 0.03 58.06 15.89
C PRO L 7 -0.97 58.69 16.84
N PRO L 8 -0.74 59.95 17.26
CA PRO L 8 -1.67 60.57 18.21
C PRO L 8 -3.08 60.71 17.67
N SER L 9 -3.24 60.95 16.38
CA SER L 9 -4.57 61.12 15.80
C SER L 9 -4.49 60.90 14.30
N ALA L 10 -5.66 60.72 13.69
CA ALA L 10 -5.77 60.55 12.24
C ALA L 10 -6.92 61.40 11.73
N SER L 11 -6.83 61.79 10.46
CA SER L 11 -7.83 62.64 9.82
C SER L 11 -8.18 62.07 8.45
N GLY L 12 -9.38 62.38 7.99
CA GLY L 12 -9.84 61.93 6.70
C GLY L 12 -11.21 62.44 6.33
N ALA L 13 -11.37 62.86 5.07
CA ALA L 13 -12.65 63.35 4.60
C ALA L 13 -13.65 62.20 4.51
N PRO L 14 -14.95 62.48 4.68
CA PRO L 14 -15.96 61.42 4.56
C PRO L 14 -15.96 60.80 3.18
N GLY L 15 -16.16 59.48 3.14
CA GLY L 15 -16.17 58.74 1.90
C GLY L 15 -14.80 58.28 1.42
N GLN L 16 -13.73 58.68 2.10
CA GLN L 16 -12.38 58.29 1.73
C GLN L 16 -11.93 57.12 2.58
N SER L 17 -10.64 56.77 2.49
CA SER L 17 -10.05 55.69 3.25
C SER L 17 -8.93 56.23 4.12
N VAL L 18 -8.78 55.66 5.31
CA VAL L 18 -7.76 56.05 6.26
C VAL L 18 -6.97 54.82 6.68
N THR L 19 -5.73 55.06 7.12
CA THR L 19 -4.82 53.99 7.52
C THR L 19 -4.26 54.29 8.89
N ILE L 20 -4.20 53.26 9.74
CA ILE L 20 -3.65 53.35 11.09
C ILE L 20 -2.54 52.33 11.21
N SER L 21 -1.40 52.76 11.75
CA SER L 21 -0.20 51.93 11.85
C SER L 21 0.08 51.58 13.31
N CYS L 22 0.51 50.33 13.52
CA CYS L 22 0.88 49.83 14.84
C CYS L 22 2.25 49.19 14.76
N SER L 23 3.13 49.52 15.70
CA SER L 23 4.50 49.03 15.70
C SER L 23 4.87 48.55 17.09
N GLY L 24 5.86 47.66 17.13
CA GLY L 24 6.32 47.12 18.40
C GLY L 24 7.64 46.41 18.24
N SER L 25 8.05 45.74 19.31
CA SER L 25 9.31 45.00 19.30
C SER L 25 9.24 43.83 18.33
N SER L 26 10.34 43.59 17.62
CA SER L 26 10.36 42.54 16.61
C SER L 26 10.35 41.15 17.24
N SER L 27 10.83 41.02 18.47
CA SER L 27 10.93 39.71 19.10
C SER L 27 9.56 39.08 19.32
N ASN L 28 8.58 39.85 19.78
CA ASN L 28 7.28 39.31 20.13
C ASN L 28 6.19 39.59 19.11
N PHE L 29 6.26 40.72 18.40
CA PHE L 29 5.20 41.07 17.45
C PHE L 29 5.15 40.07 16.30
N GLY L 30 6.29 39.66 15.77
CA GLY L 30 6.30 38.75 14.65
C GLY L 30 5.78 37.37 15.01
N SER L 31 6.18 36.84 16.17
CA SER L 31 5.79 35.49 16.56
C SER L 31 4.30 35.42 16.89
N ASN L 32 3.82 36.38 17.69
CA ASN L 32 2.43 36.38 18.12
C ASN L 32 1.55 37.09 17.10
N HIS L 33 0.28 37.25 17.45
CA HIS L 33 -0.71 37.91 16.59
C HIS L 33 -1.06 39.28 17.15
N VAL L 34 -1.86 40.02 16.40
CA VAL L 34 -2.25 41.37 16.75
C VAL L 34 -3.77 41.50 16.66
N TYR L 35 -4.31 42.47 17.40
CA TYR L 35 -5.75 42.71 17.39
C TYR L 35 -6.01 44.21 17.34
N TRP L 36 -7.03 44.60 16.58
CA TRP L 36 -7.47 45.99 16.51
C TRP L 36 -8.86 46.08 17.10
N TYR L 37 -9.01 47.00 18.07
CA TYR L 37 -10.27 47.21 18.78
C TYR L 37 -10.78 48.62 18.50
N GLN L 38 -12.11 48.76 18.49
CA GLN L 38 -12.76 50.05 18.32
C GLN L 38 -13.59 50.36 19.55
N GLN L 39 -13.42 51.58 20.07
CA GLN L 39 -14.17 52.05 21.23
C GLN L 39 -14.85 53.37 20.88
N LEU L 40 -16.14 53.46 21.19
CA LEU L 40 -16.91 54.67 20.94
C LEU L 40 -16.70 55.63 22.11
N SER L 41 -17.45 56.73 22.12
CA SER L 41 -17.37 57.72 23.20
C SER L 41 -18.25 57.26 24.36
N GLY L 42 -17.61 56.84 25.45
CA GLY L 42 -18.36 56.38 26.60
C GLY L 42 -19.04 55.04 26.43
N LYS L 43 -18.59 54.23 25.48
CA LYS L 43 -19.19 52.92 25.21
C LYS L 43 -18.14 51.83 25.37
N ALA L 44 -18.62 50.60 25.51
CA ALA L 44 -17.74 49.46 25.69
C ALA L 44 -17.02 49.16 24.37
N PRO L 45 -15.70 48.98 24.39
CA PRO L 45 -14.98 48.67 23.15
C PRO L 45 -15.43 47.34 22.56
N LYS L 46 -15.34 47.26 21.23
CA LYS L 46 -15.71 46.05 20.50
C LYS L 46 -14.56 45.63 19.60
N LEU L 47 -14.33 44.33 19.53
CA LEU L 47 -13.25 43.80 18.71
C LEU L 47 -13.54 44.01 17.22
N LEU L 48 -12.51 44.39 16.47
CA LEU L 48 -12.63 44.58 15.04
C LEU L 48 -11.78 43.60 14.23
N ILE L 49 -10.49 43.48 14.55
CA ILE L 49 -9.58 42.63 13.78
C ILE L 49 -9.25 41.40 14.60
N TYR L 50 -9.47 40.23 14.02
CA TYR L 50 -9.24 38.94 14.67
C TYR L 50 -8.27 38.11 13.83
N ASN L 51 -7.22 37.59 14.50
CA ASN L 51 -6.24 36.70 13.86
C ASN L 51 -5.53 37.38 12.69
N ASN L 52 -5.47 38.72 12.72
CA ASN L 52 -4.73 39.54 11.77
C ASN L 52 -5.34 39.54 10.38
N ASN L 53 -6.35 38.70 10.13
CA ASN L 53 -6.92 38.61 8.80
C ASN L 53 -8.45 38.62 8.82
N ARG L 54 -9.05 38.19 9.93
CA ARG L 54 -10.49 38.02 10.02
C ARG L 54 -11.09 39.05 10.96
N ARG L 55 -12.42 39.09 10.97
CA ARG L 55 -13.19 40.01 11.78
C ARG L 55 -14.39 39.27 12.37
N PRO L 56 -14.84 39.68 13.56
CA PRO L 56 -16.00 39.02 14.16
C PRO L 56 -17.28 39.37 13.41
N SER L 57 -18.35 38.66 13.77
CA SER L 57 -19.65 38.90 13.16
C SER L 57 -20.17 40.29 13.51
N GLY L 58 -20.85 40.92 12.56
CA GLY L 58 -21.36 42.26 12.74
C GLY L 58 -20.41 43.36 12.33
N VAL L 59 -19.17 43.03 11.97
CA VAL L 59 -18.19 44.01 11.53
C VAL L 59 -18.33 44.17 10.01
N PRO L 60 -18.53 45.39 9.51
CA PRO L 60 -18.67 45.56 8.05
C PRO L 60 -17.38 45.19 7.33
N ASP L 61 -17.55 44.74 6.09
CA ASP L 61 -16.41 44.29 5.28
C ASP L 61 -15.49 45.42 4.85
N ARG L 62 -15.91 46.68 5.04
CA ARG L 62 -15.06 47.80 4.62
C ARG L 62 -13.75 47.85 5.39
N PHE L 63 -13.76 47.41 6.66
CA PHE L 63 -12.53 47.35 7.43
C PHE L 63 -11.61 46.27 6.88
N SER L 64 -10.30 46.53 6.93
CA SER L 64 -9.33 45.54 6.52
C SER L 64 -8.09 45.65 7.39
N GLY L 65 -7.37 44.55 7.51
CA GLY L 65 -6.18 44.52 8.33
C GLY L 65 -5.08 43.72 7.66
N SER L 66 -3.84 44.10 7.95
CA SER L 66 -2.69 43.39 7.41
C SER L 66 -1.53 43.53 8.39
N LYS L 67 -0.57 42.62 8.25
CA LYS L 67 0.62 42.61 9.12
C LYS L 67 1.82 42.26 8.26
N SER L 68 2.71 43.24 8.06
CA SER L 68 3.92 43.05 7.29
C SER L 68 5.12 43.36 8.17
N GLY L 69 6.06 42.42 8.23
CA GLY L 69 7.22 42.59 9.08
C GLY L 69 6.79 42.76 10.52
N THR L 70 7.19 43.86 11.14
CA THR L 70 6.81 44.20 12.50
C THR L 70 5.74 45.28 12.56
N SER L 71 5.12 45.61 11.43
CA SER L 71 4.16 46.71 11.35
C SER L 71 2.78 46.17 10.95
N ALA L 72 1.76 46.55 11.71
CA ALA L 72 0.39 46.20 11.42
C ALA L 72 -0.34 47.42 10.87
N SER L 73 -1.17 47.21 9.87
CA SER L 73 -1.90 48.29 9.21
C SER L 73 -3.39 47.98 9.23
N LEU L 74 -4.18 48.97 9.64
CA LEU L 74 -5.63 48.89 9.62
C LEU L 74 -6.16 49.91 8.62
N ALA L 75 -6.95 49.45 7.67
CA ALA L 75 -7.48 50.29 6.60
C ALA L 75 -9.00 50.40 6.74
N ILE L 76 -9.51 51.62 6.69
CA ILE L 76 -10.94 51.88 6.80
C ILE L 76 -11.39 52.57 5.52
N SER L 77 -12.39 52.01 4.87
CA SER L 77 -12.96 52.55 3.64
C SER L 77 -14.43 52.89 3.87
N GLY L 78 -14.95 53.82 3.07
CA GLY L 78 -16.32 54.26 3.22
C GLY L 78 -16.56 54.94 4.55
N LEU L 79 -15.65 55.86 4.92
CA LEU L 79 -15.75 56.54 6.20
C LEU L 79 -17.08 57.26 6.35
N GLN L 80 -17.70 57.08 7.52
CA GLN L 80 -18.98 57.68 7.83
C GLN L 80 -18.88 58.44 9.15
N SER L 81 -19.97 59.14 9.49
CA SER L 81 -20.01 59.88 10.75
C SER L 81 -19.94 58.94 11.94
N GLU L 82 -20.65 57.81 11.87
CA GLU L 82 -20.63 56.84 12.96
C GLU L 82 -19.27 56.17 13.13
N ASP L 83 -18.45 56.16 12.08
CA ASP L 83 -17.14 55.51 12.16
C ASP L 83 -16.15 56.30 13.01
N GLU L 84 -16.46 57.54 13.37
CA GLU L 84 -15.57 58.35 14.19
C GLU L 84 -15.49 57.77 15.60
N ALA L 85 -14.38 57.11 15.92
CA ALA L 85 -14.20 56.48 17.22
C ALA L 85 -12.72 56.25 17.44
N ASP L 86 -12.39 55.80 18.65
CA ASP L 86 -11.01 55.51 19.01
C ASP L 86 -10.65 54.08 18.62
N TYR L 87 -9.39 53.89 18.24
CA TYR L 87 -8.89 52.59 17.81
C TYR L 87 -7.66 52.22 18.61
N TYR L 88 -7.56 50.95 19.01
CA TYR L 88 -6.49 50.47 19.86
C TYR L 88 -5.85 49.22 19.25
N CYS L 89 -4.55 49.08 19.48
CA CYS L 89 -3.76 47.96 19.01
C CYS L 89 -3.32 47.11 20.20
N SER L 90 -3.56 45.81 20.12
CA SER L 90 -3.27 44.90 21.23
C SER L 90 -2.39 43.75 20.74
N VAL L 91 -1.31 43.49 21.48
CA VAL L 91 -0.40 42.38 21.20
C VAL L 91 -0.17 41.62 22.50
N TRP L 92 0.49 40.48 22.39
CA TRP L 92 0.86 39.66 23.53
C TRP L 92 2.38 39.49 23.57
N ASP L 93 2.96 39.56 24.76
CA ASP L 93 4.39 39.40 24.95
C ASP L 93 4.64 38.24 25.90
N SER L 94 5.47 37.30 25.47
CA SER L 94 5.80 36.14 26.28
C SER L 94 7.01 36.38 27.18
N SER L 95 7.89 37.31 26.81
CA SER L 95 9.03 37.62 27.67
C SER L 95 8.56 38.21 28.99
N LEU L 96 7.57 39.11 28.94
CA LEU L 96 6.95 39.64 30.15
C LEU L 96 5.61 38.97 30.46
N ASN L 97 5.09 38.16 29.55
CA ASN L 97 3.81 37.47 29.72
C ASN L 97 2.69 38.45 30.05
N ASN L 98 2.49 39.40 29.15
CA ASN L 98 1.51 40.46 29.36
C ASN L 98 0.86 40.85 28.05
N VAL L 99 -0.35 41.37 28.15
CA VAL L 99 -1.07 41.91 26.99
C VAL L 99 -0.80 43.41 26.92
N LEU L 100 -0.22 43.85 25.80
CA LEU L 100 0.18 45.23 25.62
C LEU L 100 -0.82 45.95 24.72
N PHE L 101 -1.28 47.11 25.16
CA PHE L 101 -2.19 47.95 24.40
C PHE L 101 -1.52 49.27 24.06
N GLY L 102 -1.90 49.83 22.92
CA GLY L 102 -1.36 51.10 22.49
C GLY L 102 -2.01 52.27 23.17
N GLY L 103 -1.49 53.46 22.86
CA GLY L 103 -2.02 54.69 23.43
C GLY L 103 -3.32 55.15 22.84
N GLY L 104 -3.76 54.55 21.74
CA GLY L 104 -5.02 54.92 21.12
C GLY L 104 -4.83 55.93 20.01
N THR L 105 -5.72 55.85 19.02
CA THR L 105 -5.72 56.75 17.88
C THR L 105 -7.09 57.39 17.72
N ARG L 106 -7.09 58.68 17.43
CA ARG L 106 -8.33 59.43 17.23
C ARG L 106 -8.54 59.67 15.75
N LEU L 107 -9.71 59.27 15.25
CA LEU L 107 -10.05 59.41 13.83
C LEU L 107 -11.04 60.55 13.66
N THR L 108 -10.75 61.43 12.71
CA THR L 108 -11.63 62.57 12.43
C THR L 108 -11.44 63.06 10.99
#